data_6ZGV
#
_entry.id   6ZGV
#
_cell.length_a   73.560
_cell.length_b   114.460
_cell.length_c   121.010
_cell.angle_alpha   90.000
_cell.angle_beta   100.390
_cell.angle_gamma   90.000
#
_symmetry.space_group_name_H-M   'P 1 21 1'
#
loop_
_entity.id
_entity.type
_entity.pdbx_description
1 polymer Galactokinase
2 non-polymer beta-D-galactopyranose
3 non-polymer "2-(1,3-benzoxazol-2-ylamino)spiro[1,6,7,8-tetrahydroquinazoline-4,1'-cyclohexane]-5-one"
4 non-polymer 2-(4-chlorophenyl)-~{N}-pyrimidin-2-yl-ethanamide
5 water water
#
_entity_poly.entity_id   1
_entity_poly.type   'polypeptide(L)'
_entity_poly.pdbx_seq_one_letter_code
;MAHHHHHHAALRQPQVAELLAEARRAFREEFGAEPELAVSAPGRVNLIGEHTDYNQGLVLPMALELMTVLVGSPRKDGLV
SLLTTSEGADEPQRLQFPLPTAQRSLEPGTPRWANYVKGVIQYYPAAPLPGFSAVVVSSVPLGGGLSSSASLEVATYTFL
QQLCPDSGTIAARAQVCQQAEHSFAGMPCGIMDQFISLMGQKGHALLIDCRSLETSLVPLSDPKLAVLITNSNVRHSLAS
SEYPVRRRQCEEVARALGAASLREVQLEELEAARDLVSKEGFRRARHVVGEIRRTAQAAAALRRGDYRAFGRLMVESHRS
LRDDYEVSCPELDQLVEAALAVPGVYGSRMTGGGFGGCTVTLLEASAAPHAMRHIQEHYGGTATFYLSQAADGAKVLCL
;
_entity_poly.pdbx_strand_id   A,B,E,D
#
# COMPACT_ATOMS: atom_id res chain seq x y z
N ALA A 9 4.77 41.85 -26.96
CA ALA A 9 4.98 41.05 -28.19
C ALA A 9 3.64 40.84 -28.91
N ALA A 10 3.30 39.59 -29.22
CA ALA A 10 2.03 39.19 -29.83
C ALA A 10 1.12 38.53 -28.78
N LEU A 11 1.48 38.55 -27.48
CA LEU A 11 0.65 38.00 -26.36
C LEU A 11 -0.64 38.82 -26.24
N ARG A 12 -1.78 38.23 -26.56
CA ARG A 12 -3.09 38.78 -26.16
C ARG A 12 -3.23 38.45 -24.66
N GLN A 13 -3.43 39.47 -23.83
CA GLN A 13 -3.89 39.30 -22.43
C GLN A 13 -5.40 39.06 -22.45
N PRO A 14 -5.96 38.26 -21.51
CA PRO A 14 -7.41 38.00 -21.51
C PRO A 14 -8.35 39.21 -21.38
N GLN A 15 -8.06 40.13 -20.46
CA GLN A 15 -8.80 41.39 -20.14
C GLN A 15 -10.29 41.09 -19.84
N VAL A 16 -10.59 40.28 -18.82
CA VAL A 16 -11.97 39.76 -18.63
C VAL A 16 -12.87 40.83 -17.95
N ALA A 17 -12.32 41.64 -17.04
CA ALA A 17 -13.03 42.79 -16.42
C ALA A 17 -13.47 43.74 -17.55
N GLU A 18 -12.58 44.01 -18.52
CA GLU A 18 -12.84 44.89 -19.68
C GLU A 18 -13.92 44.24 -20.56
N LEU A 19 -13.81 42.94 -20.83
CA LEU A 19 -14.78 42.23 -21.67
C LEU A 19 -16.20 42.37 -21.09
N LEU A 20 -16.36 42.19 -19.78
CA LEU A 20 -17.63 42.42 -19.05
C LEU A 20 -18.07 43.92 -19.14
N ALA A 21 -17.17 44.86 -18.91
CA ALA A 21 -17.45 46.30 -19.00
C ALA A 21 -17.92 46.63 -20.42
N GLU A 22 -17.20 46.18 -21.45
CA GLU A 22 -17.55 46.32 -22.88
C GLU A 22 -19.01 45.89 -23.07
N ALA A 23 -19.37 44.72 -22.56
CA ALA A 23 -20.68 44.10 -22.80
C ALA A 23 -21.78 44.95 -22.14
N ARG A 24 -21.53 45.42 -20.92
CA ARG A 24 -22.48 46.23 -20.10
C ARG A 24 -22.75 47.56 -20.81
N ARG A 25 -21.70 48.29 -21.18
CA ARG A 25 -21.79 49.57 -21.90
C ARG A 25 -22.64 49.32 -23.15
N ALA A 26 -22.26 48.38 -24.00
CA ALA A 26 -22.92 48.21 -25.30
C ALA A 26 -24.40 47.86 -25.04
N PHE A 27 -24.70 47.13 -23.98
CA PHE A 27 -26.10 46.81 -23.63
C PHE A 27 -26.88 48.10 -23.27
N ARG A 28 -26.32 49.00 -22.46
CA ARG A 28 -27.03 50.23 -22.04
C ARG A 28 -27.35 51.04 -23.31
N GLU A 29 -26.39 51.21 -24.23
CA GLU A 29 -26.54 52.00 -25.48
C GLU A 29 -27.57 51.33 -26.39
N GLU A 30 -27.50 50.02 -26.57
CA GLU A 30 -28.41 49.30 -27.51
C GLU A 30 -29.86 49.26 -27.00
N PHE A 31 -30.11 48.92 -25.74
CA PHE A 31 -31.50 48.61 -25.26
C PHE A 31 -32.08 49.72 -24.34
N GLY A 32 -31.29 50.73 -23.95
CA GLY A 32 -31.78 51.91 -23.20
C GLY A 32 -31.89 51.70 -21.70
N ALA A 33 -31.34 50.61 -21.17
CA ALA A 33 -31.39 50.22 -19.75
C ALA A 33 -30.18 49.33 -19.40
N GLU A 34 -29.80 49.31 -18.12
CA GLU A 34 -28.77 48.40 -17.56
C GLU A 34 -29.25 46.95 -17.68
N PRO A 35 -28.35 46.01 -18.04
CA PRO A 35 -28.70 44.60 -18.12
C PRO A 35 -28.82 44.04 -16.69
N GLU A 36 -29.67 43.04 -16.49
CA GLU A 36 -30.01 42.47 -15.16
C GLU A 36 -29.08 41.31 -14.78
N LEU A 37 -28.40 40.65 -15.72
CA LEU A 37 -27.43 39.60 -15.33
C LEU A 37 -26.32 39.43 -16.35
N ALA A 38 -25.22 38.85 -15.89
CA ALA A 38 -24.07 38.45 -16.74
C ALA A 38 -23.84 36.95 -16.57
N VAL A 39 -23.48 36.26 -17.66
CA VAL A 39 -22.87 34.90 -17.63
C VAL A 39 -21.61 34.90 -18.49
N SER A 40 -20.75 33.92 -18.23
CA SER A 40 -19.55 33.60 -19.05
C SER A 40 -19.42 32.09 -19.17
N ALA A 41 -18.79 31.65 -20.27
CA ALA A 41 -18.41 30.26 -20.51
C ALA A 41 -17.11 30.28 -21.28
N PRO A 42 -16.09 29.49 -20.85
CA PRO A 42 -14.77 29.54 -21.45
C PRO A 42 -14.67 28.80 -22.79
N GLY A 43 -13.68 29.20 -23.58
CA GLY A 43 -13.05 28.32 -24.58
C GLY A 43 -12.13 27.34 -23.89
N ARG A 44 -11.45 26.50 -24.67
CA ARG A 44 -10.71 25.33 -24.13
C ARG A 44 -9.47 25.06 -24.98
N VAL A 45 -8.50 24.44 -24.32
CA VAL A 45 -7.27 23.82 -24.87
C VAL A 45 -7.37 22.33 -24.52
N ASN A 46 -7.27 21.41 -25.46
CA ASN A 46 -7.21 19.97 -25.11
C ASN A 46 -5.74 19.59 -24.95
N LEU A 47 -5.28 19.38 -23.72
CA LEU A 47 -3.85 19.09 -23.43
C LEU A 47 -3.40 17.82 -24.17
N ILE A 48 -4.26 16.81 -24.19
CA ILE A 48 -4.07 15.50 -24.89
C ILE A 48 -5.43 14.79 -24.95
N GLY A 49 -5.59 13.92 -25.95
CA GLY A 49 -6.80 13.10 -26.15
C GLY A 49 -7.61 13.68 -27.28
N GLU A 50 -7.01 13.69 -28.47
CA GLU A 50 -7.63 14.33 -29.66
C GLU A 50 -8.29 13.25 -30.52
N HIS A 51 -9.50 13.57 -30.97
CA HIS A 51 -10.36 12.71 -31.80
C HIS A 51 -10.65 11.40 -31.06
N THR A 52 -10.78 11.48 -29.73
CA THR A 52 -11.16 10.34 -28.82
C THR A 52 -12.61 10.51 -28.33
N ASP A 53 -13.15 11.74 -28.26
CA ASP A 53 -14.42 11.97 -27.50
C ASP A 53 -15.57 11.23 -28.21
N TYR A 54 -15.68 11.26 -29.55
CA TYR A 54 -16.80 10.62 -30.30
C TYR A 54 -16.57 9.09 -30.45
N ASN A 55 -15.39 8.60 -30.01
CA ASN A 55 -15.04 7.16 -29.94
C ASN A 55 -15.17 6.69 -28.49
N GLN A 56 -16.05 7.32 -27.71
CA GLN A 56 -16.34 7.00 -26.29
C GLN A 56 -15.02 6.89 -25.52
N GLY A 57 -14.06 7.78 -25.80
CA GLY A 57 -12.69 7.67 -25.26
C GLY A 57 -12.45 8.62 -24.09
N LEU A 58 -11.19 9.00 -23.89
CA LEU A 58 -10.71 9.91 -22.81
C LEU A 58 -10.12 11.19 -23.40
N VAL A 59 -10.38 12.33 -22.76
CA VAL A 59 -9.77 13.62 -23.15
C VAL A 59 -9.33 14.34 -21.89
N LEU A 60 -8.34 15.22 -21.98
CA LEU A 60 -7.80 15.96 -20.81
C LEU A 60 -7.71 17.45 -21.15
N PRO A 61 -8.85 18.17 -21.26
CA PRO A 61 -8.78 19.61 -21.53
C PRO A 61 -8.65 20.46 -20.25
N MET A 62 -8.31 21.72 -20.43
CA MET A 62 -8.57 22.75 -19.40
C MET A 62 -9.29 23.94 -20.04
N ALA A 63 -10.03 24.67 -19.21
CA ALA A 63 -10.78 25.89 -19.56
C ALA A 63 -9.80 27.06 -19.61
N LEU A 64 -9.97 27.95 -20.59
CA LEU A 64 -9.15 29.18 -20.78
C LEU A 64 -9.80 30.40 -20.11
N GLU A 65 -8.98 31.42 -19.85
CA GLU A 65 -9.43 32.78 -19.47
C GLU A 65 -10.03 33.49 -20.71
N LEU A 66 -9.85 32.96 -21.92
CA LEU A 66 -10.64 33.36 -23.12
C LEU A 66 -12.05 32.81 -22.94
N MET A 67 -13.07 33.68 -23.02
CA MET A 67 -14.48 33.35 -22.71
C MET A 67 -15.47 34.12 -23.62
N THR A 68 -16.71 33.69 -23.58
CA THR A 68 -17.86 34.39 -24.18
C THR A 68 -18.72 34.86 -23.00
N VAL A 69 -19.14 36.13 -23.04
CA VAL A 69 -20.07 36.76 -22.04
C VAL A 69 -21.41 37.11 -22.74
N LEU A 70 -22.52 36.77 -22.10
CA LEU A 70 -23.85 37.35 -22.36
C LEU A 70 -24.18 38.23 -21.16
N VAL A 71 -24.52 39.49 -21.42
CA VAL A 71 -25.29 40.35 -20.46
C VAL A 71 -26.66 40.59 -21.10
N GLY A 72 -27.70 40.54 -20.29
CA GLY A 72 -29.07 40.64 -20.78
C GLY A 72 -30.10 40.69 -19.68
N SER A 73 -31.34 40.61 -20.11
CA SER A 73 -32.53 40.90 -19.30
C SER A 73 -33.67 40.17 -19.94
N PRO A 74 -34.57 39.55 -19.14
CA PRO A 74 -35.81 38.97 -19.64
C PRO A 74 -36.69 40.04 -20.28
N ARG A 75 -37.46 39.66 -21.31
CA ARG A 75 -38.54 40.50 -21.90
C ARG A 75 -39.89 39.86 -21.58
N LYS A 76 -40.97 40.63 -21.77
CA LYS A 76 -42.37 40.18 -21.49
C LYS A 76 -43.05 39.78 -22.81
N ASP A 77 -42.42 40.02 -23.95
CA ASP A 77 -43.09 40.00 -25.28
C ASP A 77 -42.74 38.70 -26.03
N GLY A 78 -42.02 37.77 -25.40
CA GLY A 78 -41.80 36.45 -25.96
C GLY A 78 -40.92 36.49 -27.20
N LEU A 79 -40.06 37.52 -27.31
CA LEU A 79 -39.10 37.55 -28.44
C LEU A 79 -37.66 37.71 -27.95
N VAL A 80 -36.72 37.32 -28.81
CA VAL A 80 -35.28 37.38 -28.47
C VAL A 80 -34.64 38.44 -29.34
N SER A 81 -33.84 39.32 -28.70
CA SER A 81 -33.12 40.44 -29.36
C SER A 81 -31.63 40.36 -29.01
N LEU A 82 -30.80 40.18 -30.03
CA LEU A 82 -29.36 39.93 -29.84
C LEU A 82 -28.55 40.98 -30.54
N LEU A 83 -27.49 41.43 -29.86
CA LEU A 83 -26.37 42.19 -30.46
C LEU A 83 -25.08 41.46 -30.11
N THR A 84 -24.21 41.27 -31.11
CA THR A 84 -22.82 40.83 -30.88
C THR A 84 -21.90 42.01 -31.18
N THR A 85 -20.84 42.18 -30.38
CA THR A 85 -19.73 43.13 -30.67
C THR A 85 -18.43 42.38 -30.97
N SER A 86 -18.46 41.08 -31.25
CA SER A 86 -17.26 40.30 -31.63
C SER A 86 -16.86 40.66 -33.07
N GLU A 87 -15.78 41.42 -33.24
CA GLU A 87 -15.03 41.53 -34.54
C GLU A 87 -14.83 40.09 -35.05
N GLY A 88 -15.29 39.80 -36.28
CA GLY A 88 -15.21 38.46 -36.87
C GLY A 88 -16.58 37.89 -37.12
N ALA A 89 -17.53 38.17 -36.23
CA ALA A 89 -18.94 37.75 -36.39
C ALA A 89 -19.37 38.19 -37.79
N ASP A 90 -20.14 37.35 -38.50
CA ASP A 90 -20.69 37.70 -39.84
C ASP A 90 -21.92 38.61 -39.67
N GLU A 91 -22.22 39.37 -40.71
CA GLU A 91 -23.24 40.45 -40.77
C GLU A 91 -24.62 39.80 -40.82
N PRO A 92 -25.67 40.36 -40.20
CA PRO A 92 -25.57 41.55 -39.35
C PRO A 92 -25.13 41.22 -37.92
N GLN A 93 -24.62 42.22 -37.20
CA GLN A 93 -24.26 42.15 -35.77
C GLN A 93 -25.49 41.86 -34.90
N ARG A 94 -26.69 42.16 -35.39
CA ARG A 94 -27.99 42.07 -34.65
C ARG A 94 -28.95 41.07 -35.31
N LEU A 95 -29.77 40.42 -34.50
CA LEU A 95 -30.85 39.50 -34.93
C LEU A 95 -31.94 39.46 -33.87
N GLN A 96 -33.19 39.42 -34.29
CA GLN A 96 -34.36 39.26 -33.41
C GLN A 96 -35.21 38.16 -34.03
N PHE A 97 -35.86 37.40 -33.17
CA PHE A 97 -36.74 36.29 -33.58
C PHE A 97 -37.70 36.01 -32.43
N PRO A 98 -38.91 35.52 -32.73
CA PRO A 98 -39.79 35.01 -31.68
C PRO A 98 -39.23 33.68 -31.12
N LEU A 99 -39.54 33.38 -29.86
CA LEU A 99 -39.31 32.04 -29.26
C LEU A 99 -39.97 31.01 -30.15
N PRO A 100 -39.36 29.81 -30.27
CA PRO A 100 -40.03 28.68 -30.92
C PRO A 100 -41.26 28.24 -30.11
N THR A 101 -42.23 27.67 -30.81
CA THR A 101 -43.47 27.10 -30.24
C THR A 101 -43.65 25.70 -30.84
N ALA A 102 -44.69 24.99 -30.44
CA ALA A 102 -45.01 23.64 -30.98
C ALA A 102 -45.15 23.77 -32.50
N GLN A 103 -45.92 24.77 -32.94
CA GLN A 103 -46.18 25.11 -34.36
C GLN A 103 -44.87 25.43 -35.06
N ARG A 104 -44.15 26.48 -34.60
CA ARG A 104 -43.06 27.18 -35.33
C ARG A 104 -41.74 27.00 -34.57
N SER A 105 -40.75 26.36 -35.19
CA SER A 105 -39.42 26.07 -34.58
C SER A 105 -38.37 27.00 -35.21
N LEU A 106 -37.31 27.36 -34.49
CA LEU A 106 -36.19 28.16 -35.04
C LEU A 106 -35.55 27.33 -36.15
N GLU A 107 -34.95 28.02 -37.12
CA GLU A 107 -34.21 27.43 -38.26
C GLU A 107 -32.82 28.05 -38.26
N PRO A 108 -31.77 27.29 -38.63
CA PRO A 108 -30.46 27.89 -38.85
C PRO A 108 -30.50 28.75 -40.11
N GLY A 109 -29.56 29.68 -40.24
CA GLY A 109 -29.34 30.49 -41.45
C GLY A 109 -28.31 31.59 -41.21
N THR A 110 -28.71 32.84 -41.44
CA THR A 110 -27.86 34.05 -41.58
C THR A 110 -28.33 35.02 -40.50
N PRO A 111 -27.45 35.59 -39.65
CA PRO A 111 -26.02 35.26 -39.65
C PRO A 111 -25.73 33.98 -38.86
N ARG A 112 -24.59 33.33 -39.15
CA ARG A 112 -24.14 32.03 -38.55
C ARG A 112 -23.97 32.13 -37.03
N TRP A 113 -23.38 33.21 -36.50
CA TRP A 113 -23.05 33.26 -35.04
C TRP A 113 -24.34 33.03 -34.25
N ALA A 114 -25.48 33.52 -34.76
CA ALA A 114 -26.78 33.45 -34.08
C ALA A 114 -27.26 31.99 -34.00
N ASN A 115 -26.85 31.15 -34.95
CA ASN A 115 -27.34 29.75 -35.05
C ASN A 115 -27.02 29.00 -33.75
N TYR A 116 -25.91 29.34 -33.09
CA TYR A 116 -25.48 28.69 -31.83
C TYR A 116 -26.45 29.08 -30.72
N VAL A 117 -26.89 30.34 -30.68
CA VAL A 117 -27.85 30.82 -29.66
C VAL A 117 -29.20 30.19 -29.96
N LYS A 118 -29.63 30.26 -31.21
CA LYS A 118 -30.88 29.62 -31.71
C LYS A 118 -30.93 28.13 -31.38
N GLY A 119 -29.86 27.39 -31.71
CA GLY A 119 -29.83 25.94 -31.43
C GLY A 119 -30.14 25.68 -29.96
N VAL A 120 -29.44 26.35 -29.06
CA VAL A 120 -29.55 26.10 -27.60
C VAL A 120 -30.97 26.45 -27.15
N ILE A 121 -31.50 27.61 -27.56
CA ILE A 121 -32.91 27.98 -27.24
C ILE A 121 -33.82 26.86 -27.75
N GLN A 122 -33.63 26.39 -28.98
CA GLN A 122 -34.56 25.42 -29.63
C GLN A 122 -34.62 24.15 -28.78
N TYR A 123 -33.48 23.68 -28.26
CA TYR A 123 -33.40 22.38 -27.53
C TYR A 123 -33.37 22.57 -26.00
N TYR A 124 -33.55 23.81 -25.49
CA TYR A 124 -33.54 24.06 -24.02
C TYR A 124 -34.64 23.21 -23.40
N PRO A 125 -34.35 22.35 -22.38
CA PRO A 125 -35.35 21.41 -21.88
C PRO A 125 -36.43 21.88 -20.89
N ALA A 126 -36.32 23.10 -20.34
CA ALA A 126 -37.22 23.60 -19.28
C ALA A 126 -38.10 24.73 -19.80
N ALA A 127 -39.12 25.08 -19.02
CA ALA A 127 -40.28 25.95 -19.36
C ALA A 127 -40.91 26.48 -18.07
N PRO A 128 -41.58 27.67 -18.11
CA PRO A 128 -41.67 28.51 -19.30
C PRO A 128 -40.43 29.39 -19.46
N LEU A 129 -39.94 29.43 -20.70
CA LEU A 129 -38.77 30.24 -21.14
C LEU A 129 -39.24 31.58 -21.70
N PRO A 130 -38.94 32.73 -21.03
CA PRO A 130 -39.36 34.03 -21.51
C PRO A 130 -38.38 34.55 -22.59
N GLY A 131 -38.76 35.59 -23.29
CA GLY A 131 -37.85 36.28 -24.22
C GLY A 131 -36.80 37.04 -23.44
N PHE A 132 -35.82 37.57 -24.15
CA PHE A 132 -34.69 38.27 -23.51
C PHE A 132 -33.97 39.14 -24.51
N SER A 133 -33.31 40.15 -23.99
CA SER A 133 -32.39 41.04 -24.74
C SER A 133 -30.99 40.68 -24.25
N ALA A 134 -30.00 40.58 -25.12
CA ALA A 134 -28.63 40.21 -24.71
C ALA A 134 -27.59 40.75 -25.68
N VAL A 135 -26.44 41.15 -25.12
CA VAL A 135 -25.18 41.42 -25.84
C VAL A 135 -24.28 40.19 -25.67
N VAL A 136 -23.72 39.71 -26.78
CA VAL A 136 -22.72 38.63 -26.87
C VAL A 136 -21.35 39.22 -27.19
N VAL A 137 -20.38 39.04 -26.30
CA VAL A 137 -18.94 39.39 -26.53
C VAL A 137 -18.10 38.12 -26.31
N SER A 138 -16.96 37.99 -27.00
CA SER A 138 -16.00 36.88 -26.79
C SER A 138 -14.56 37.32 -27.06
N SER A 139 -13.65 36.98 -26.16
CA SER A 139 -12.16 37.01 -26.30
C SER A 139 -11.65 35.69 -26.88
N VAL A 140 -12.51 34.69 -27.08
CA VAL A 140 -12.12 33.41 -27.73
C VAL A 140 -12.01 33.68 -29.23
N PRO A 141 -10.83 33.46 -29.85
CA PRO A 141 -10.61 33.78 -31.26
C PRO A 141 -11.57 32.91 -32.08
N LEU A 142 -12.39 33.56 -32.92
CA LEU A 142 -13.56 32.96 -33.60
C LEU A 142 -13.06 31.98 -34.65
N GLY A 143 -13.41 30.69 -34.51
CA GLY A 143 -13.00 29.62 -35.44
C GLY A 143 -11.52 29.27 -35.38
N GLY A 144 -10.83 29.61 -34.27
CA GLY A 144 -9.37 29.45 -34.10
C GLY A 144 -8.95 28.23 -33.29
N GLY A 145 -9.88 27.31 -32.99
CA GLY A 145 -9.57 25.97 -32.43
C GLY A 145 -9.65 25.88 -30.91
N LEU A 146 -10.26 26.86 -30.22
CA LEU A 146 -10.35 26.89 -28.75
C LEU A 146 -11.81 26.92 -28.33
N SER A 147 -12.67 26.40 -29.19
CA SER A 147 -14.11 26.16 -28.91
C SER A 147 -14.87 27.49 -28.68
N SER A 148 -14.75 28.44 -29.58
CA SER A 148 -15.56 29.68 -29.51
C SER A 148 -17.03 29.28 -29.51
N SER A 149 -17.40 28.35 -30.41
CA SER A 149 -18.81 27.90 -30.59
C SER A 149 -19.32 27.21 -29.32
N ALA A 150 -18.51 26.36 -28.67
CA ALA A 150 -18.98 25.71 -27.42
C ALA A 150 -19.14 26.79 -26.34
N SER A 151 -18.18 27.70 -26.20
CA SER A 151 -18.28 28.78 -25.18
C SER A 151 -19.58 29.58 -25.38
N LEU A 152 -19.99 29.87 -26.62
CA LEU A 152 -21.23 30.65 -26.90
C LEU A 152 -22.45 29.77 -26.59
N GLU A 153 -22.43 28.51 -27.00
CA GLU A 153 -23.52 27.56 -26.65
C GLU A 153 -23.74 27.54 -25.13
N VAL A 154 -22.66 27.40 -24.37
CA VAL A 154 -22.75 27.14 -22.91
C VAL A 154 -23.02 28.48 -22.20
N ALA A 155 -22.49 29.57 -22.70
CA ALA A 155 -22.87 30.91 -22.19
C ALA A 155 -24.38 31.10 -22.43
N THR A 156 -24.89 30.79 -23.62
CA THR A 156 -26.35 30.89 -23.88
C THR A 156 -27.10 30.04 -22.86
N TYR A 157 -26.71 28.78 -22.74
CA TYR A 157 -27.42 27.81 -21.88
C TYR A 157 -27.48 28.33 -20.44
N THR A 158 -26.34 28.81 -19.95
CA THR A 158 -26.16 29.37 -18.58
C THR A 158 -27.10 30.57 -18.37
N PHE A 159 -27.25 31.41 -19.38
CA PHE A 159 -28.24 32.53 -19.39
C PHE A 159 -29.68 31.97 -19.30
N LEU A 160 -30.03 30.95 -20.10
CA LEU A 160 -31.43 30.41 -20.09
C LEU A 160 -31.75 29.81 -18.73
N GLN A 161 -30.78 29.21 -18.04
CA GLN A 161 -30.99 28.65 -16.67
C GLN A 161 -31.37 29.79 -15.73
N GLN A 162 -30.86 31.00 -15.91
CA GLN A 162 -31.24 32.13 -15.03
C GLN A 162 -32.67 32.58 -15.38
N LEU A 163 -33.11 32.34 -16.62
CA LEU A 163 -34.46 32.77 -17.04
C LEU A 163 -35.50 31.74 -16.58
N CYS A 164 -35.13 30.47 -16.58
CA CYS A 164 -36.03 29.31 -16.39
C CYS A 164 -35.15 28.13 -15.98
N PRO A 165 -34.83 28.04 -14.66
CA PRO A 165 -33.97 26.98 -14.13
C PRO A 165 -34.35 25.59 -14.66
N ASP A 166 -33.36 24.87 -15.19
CA ASP A 166 -33.58 23.48 -15.63
C ASP A 166 -33.42 22.64 -14.34
N SER A 167 -33.93 21.45 -14.24
CA SER A 167 -33.59 20.74 -12.97
C SER A 167 -32.74 19.56 -13.37
N GLY A 168 -31.66 19.85 -14.08
CA GLY A 168 -31.00 18.81 -14.88
C GLY A 168 -29.57 18.58 -14.46
N THR A 169 -28.88 17.77 -15.25
CA THR A 169 -27.51 17.28 -15.00
C THR A 169 -26.57 17.94 -15.98
N ILE A 170 -25.28 17.84 -15.70
CA ILE A 170 -24.19 18.48 -16.49
C ILE A 170 -24.10 17.85 -17.89
N ALA A 171 -24.40 16.57 -18.00
CA ALA A 171 -24.36 15.82 -19.27
C ALA A 171 -25.56 16.26 -20.11
N ALA A 172 -26.74 16.33 -19.53
CA ALA A 172 -27.96 16.74 -20.27
C ALA A 172 -27.71 18.12 -20.91
N ARG A 173 -27.04 19.03 -20.20
CA ARG A 173 -26.78 20.42 -20.65
C ARG A 173 -25.75 20.45 -21.75
N ALA A 174 -24.66 19.68 -21.59
CA ALA A 174 -23.65 19.44 -22.65
C ALA A 174 -24.32 18.84 -23.89
N GLN A 175 -25.24 17.90 -23.70
CA GLN A 175 -25.92 17.22 -24.84
C GLN A 175 -26.79 18.24 -25.60
N VAL A 176 -27.44 19.16 -24.89
CA VAL A 176 -28.23 20.24 -25.57
C VAL A 176 -27.29 21.09 -26.43
N CYS A 177 -26.21 21.57 -25.84
CA CYS A 177 -25.26 22.47 -26.53
C CYS A 177 -24.72 21.71 -27.75
N GLN A 178 -24.47 20.42 -27.54
CA GLN A 178 -23.91 19.53 -28.57
C GLN A 178 -24.91 19.39 -29.71
N GLN A 179 -26.19 19.20 -29.40
CA GLN A 179 -27.29 19.12 -30.40
C GLN A 179 -27.42 20.45 -31.18
N ALA A 180 -27.33 21.60 -30.52
CA ALA A 180 -27.31 22.91 -31.23
C ALA A 180 -26.18 22.87 -32.27
N GLU A 181 -24.99 22.39 -31.89
CA GLU A 181 -23.81 22.31 -32.79
C GLU A 181 -24.13 21.42 -33.99
N HIS A 182 -24.67 20.23 -33.77
CA HIS A 182 -25.07 19.27 -34.84
C HIS A 182 -26.14 19.88 -35.77
N SER A 183 -27.29 20.31 -35.24
CA SER A 183 -28.51 20.60 -36.04
C SER A 183 -28.42 22.00 -36.66
N PHE A 184 -27.87 22.98 -35.93
CA PHE A 184 -27.92 24.41 -36.29
C PHE A 184 -26.57 24.89 -36.84
N ALA A 185 -25.41 24.28 -36.53
CA ALA A 185 -24.14 24.63 -37.23
C ALA A 185 -23.65 23.48 -38.13
N GLY A 186 -24.38 22.35 -38.22
CA GLY A 186 -23.99 21.20 -39.07
C GLY A 186 -22.61 20.66 -38.75
N MET A 187 -22.21 20.72 -37.47
CA MET A 187 -20.89 20.23 -37.00
C MET A 187 -21.13 19.08 -36.02
N PRO A 188 -20.85 17.82 -36.45
CA PRO A 188 -21.23 16.64 -35.66
C PRO A 188 -20.18 16.30 -34.60
N CYS A 189 -20.05 17.18 -33.62
CA CYS A 189 -19.01 17.19 -32.57
C CYS A 189 -19.35 16.15 -31.52
N GLY A 190 -18.30 15.73 -30.81
CA GLY A 190 -18.38 15.07 -29.51
C GLY A 190 -18.67 16.09 -28.42
N ILE A 191 -18.58 15.59 -27.21
CA ILE A 191 -19.09 16.26 -25.98
C ILE A 191 -17.94 17.01 -25.30
N MET A 192 -16.69 16.92 -25.78
CA MET A 192 -15.54 17.46 -25.00
C MET A 192 -15.73 18.96 -24.69
N ASP A 193 -15.96 19.77 -25.74
CA ASP A 193 -15.79 21.25 -25.69
C ASP A 193 -16.89 21.81 -24.80
N GLN A 194 -18.11 21.31 -24.95
CA GLN A 194 -19.26 21.69 -24.11
C GLN A 194 -18.97 21.30 -22.68
N PHE A 195 -18.47 20.07 -22.51
CA PHE A 195 -18.28 19.49 -21.18
C PHE A 195 -17.28 20.35 -20.39
N ILE A 196 -16.16 20.69 -21.01
CA ILE A 196 -15.08 21.47 -20.34
C ILE A 196 -15.58 22.90 -20.11
N SER A 197 -16.37 23.44 -21.03
CA SER A 197 -16.91 24.82 -20.89
C SER A 197 -17.90 24.86 -19.72
N LEU A 198 -18.63 23.77 -19.46
CA LEU A 198 -19.50 23.67 -18.26
C LEU A 198 -18.69 23.44 -16.98
N MET A 199 -17.66 22.58 -17.01
CA MET A 199 -17.18 21.93 -15.77
C MET A 199 -15.78 22.38 -15.36
N GLY A 200 -15.07 23.14 -16.19
CA GLY A 200 -13.72 23.61 -15.85
C GLY A 200 -13.68 24.25 -14.48
N GLN A 201 -12.58 24.09 -13.77
CA GLN A 201 -12.36 24.78 -12.48
C GLN A 201 -10.97 25.38 -12.53
N LYS A 202 -10.83 26.63 -12.10
CA LYS A 202 -9.51 27.30 -11.95
C LYS A 202 -8.48 26.32 -11.34
N GLY A 203 -7.30 26.23 -11.95
CA GLY A 203 -6.16 25.48 -11.39
C GLY A 203 -6.29 23.99 -11.61
N HIS A 204 -7.17 23.55 -12.53
CA HIS A 204 -7.42 22.12 -12.82
C HIS A 204 -7.55 21.93 -14.33
N ALA A 205 -7.00 20.82 -14.81
CA ALA A 205 -7.46 20.07 -16.00
C ALA A 205 -8.63 19.18 -15.60
N LEU A 206 -9.40 18.75 -16.60
CA LEU A 206 -10.60 17.90 -16.43
C LEU A 206 -10.35 16.65 -17.26
N LEU A 207 -10.03 15.50 -16.64
CA LEU A 207 -10.09 14.18 -17.32
C LEU A 207 -11.56 13.82 -17.52
N ILE A 208 -11.99 13.68 -18.77
CA ILE A 208 -13.38 13.28 -19.11
C ILE A 208 -13.39 11.87 -19.71
N ASP A 209 -14.24 11.02 -19.18
CA ASP A 209 -14.50 9.66 -19.71
C ASP A 209 -15.82 9.80 -20.44
N CYS A 210 -15.73 9.83 -21.78
CA CYS A 210 -16.83 9.97 -22.75
C CYS A 210 -17.54 8.64 -23.01
N ARG A 211 -17.15 7.55 -22.34
CA ARG A 211 -18.05 6.37 -22.22
C ARG A 211 -18.96 6.52 -21.01
N SER A 212 -18.39 6.66 -19.81
CA SER A 212 -19.18 6.61 -18.54
C SER A 212 -19.75 7.99 -18.22
N LEU A 213 -19.08 9.03 -18.73
CA LEU A 213 -19.28 10.47 -18.44
C LEU A 213 -18.89 10.78 -17.00
N GLU A 214 -18.09 9.90 -16.39
CA GLU A 214 -17.35 10.23 -15.16
C GLU A 214 -16.31 11.30 -15.52
N THR A 215 -16.06 12.21 -14.58
CA THR A 215 -15.12 13.34 -14.75
C THR A 215 -14.20 13.41 -13.56
N SER A 216 -12.90 13.57 -13.80
CA SER A 216 -11.94 13.84 -12.72
C SER A 216 -11.37 15.25 -12.89
N LEU A 217 -11.34 15.99 -11.79
CA LEU A 217 -10.73 17.33 -11.71
C LEU A 217 -9.31 17.16 -11.24
N VAL A 218 -8.33 17.31 -12.14
CA VAL A 218 -6.88 17.05 -11.89
C VAL A 218 -6.19 18.38 -11.57
N PRO A 219 -5.72 18.56 -10.32
CA PRO A 219 -4.93 19.75 -9.96
C PRO A 219 -3.81 20.02 -10.96
N LEU A 220 -3.74 21.26 -11.44
CA LEU A 220 -2.73 21.75 -12.42
C LEU A 220 -2.25 23.09 -11.88
N SER A 221 -1.74 23.06 -10.63
CA SER A 221 -1.35 24.21 -9.76
C SER A 221 0.10 24.68 -10.05
N ASP A 222 1.09 23.81 -9.77
CA ASP A 222 2.56 24.09 -9.85
C ASP A 222 2.84 25.31 -10.73
N PRO A 223 3.45 26.39 -10.21
CA PRO A 223 3.70 27.60 -10.98
C PRO A 223 4.91 27.46 -11.92
N LYS A 224 5.79 26.48 -11.65
CA LYS A 224 6.97 26.13 -12.51
C LYS A 224 6.50 25.74 -13.93
N LEU A 225 5.25 25.32 -14.10
CA LEU A 225 4.68 24.74 -15.34
C LEU A 225 3.79 25.81 -16.00
N ALA A 226 3.91 26.01 -17.31
CA ALA A 226 3.09 26.98 -18.10
C ALA A 226 2.49 26.28 -19.31
N VAL A 227 1.35 26.76 -19.79
CA VAL A 227 0.73 26.27 -21.05
C VAL A 227 0.70 27.43 -22.02
N LEU A 228 1.56 27.37 -23.04
CA LEU A 228 1.60 28.31 -24.19
C LEU A 228 0.70 27.76 -25.31
N ILE A 229 -0.30 28.57 -25.67
CA ILE A 229 -1.22 28.32 -26.83
C ILE A 229 -0.73 29.20 -27.99
N THR A 230 -0.45 28.58 -29.14
CA THR A 230 -0.06 29.33 -30.36
C THR A 230 -1.16 29.12 -31.41
N ASN A 231 -1.82 30.24 -31.75
CA ASN A 231 -2.75 30.36 -32.89
C ASN A 231 -1.89 30.45 -34.15
N SER A 232 -1.98 29.46 -35.04
CA SER A 232 -1.40 29.50 -36.41
C SER A 232 -2.03 30.66 -37.19
N ASN A 233 -3.29 30.98 -36.93
CA ASN A 233 -4.00 31.97 -37.77
C ASN A 233 -4.15 31.38 -39.19
N VAL A 234 -4.36 30.07 -39.30
CA VAL A 234 -4.95 29.41 -40.51
C VAL A 234 -6.14 28.52 -40.10
N ARG A 235 -7.16 28.50 -40.96
CA ARG A 235 -8.17 27.42 -41.14
C ARG A 235 -8.13 27.00 -42.61
N HIS A 236 -7.78 25.74 -42.89
CA HIS A 236 -7.86 25.10 -44.24
C HIS A 236 -9.29 24.59 -44.48
N SER A 237 -9.73 24.55 -45.75
CA SER A 237 -11.00 23.91 -46.23
C SER A 237 -11.24 22.59 -45.48
N LEU A 238 -10.27 21.66 -45.56
CA LEU A 238 -10.37 20.24 -45.14
C LEU A 238 -11.01 20.12 -43.75
N ALA A 239 -10.91 21.15 -42.90
CA ALA A 239 -11.49 21.22 -41.53
C ALA A 239 -12.98 20.86 -41.57
N SER A 240 -13.84 21.78 -42.03
CA SER A 240 -15.32 21.58 -42.20
C SER A 240 -15.57 20.19 -42.82
N SER A 241 -14.84 19.84 -43.89
CA SER A 241 -15.11 18.64 -44.74
C SER A 241 -14.64 17.35 -44.05
N GLU A 242 -13.42 17.29 -43.51
CA GLU A 242 -12.76 16.00 -43.18
C GLU A 242 -13.20 15.48 -41.81
N TYR A 243 -13.56 16.35 -40.86
CA TYR A 243 -13.95 15.97 -39.48
C TYR A 243 -15.02 14.88 -39.53
N PRO A 244 -16.21 15.07 -40.16
CA PRO A 244 -17.18 13.97 -40.28
C PRO A 244 -16.67 12.72 -41.00
N VAL A 245 -15.75 12.83 -41.95
CA VAL A 245 -15.22 11.66 -42.71
C VAL A 245 -14.47 10.76 -41.72
N ARG A 246 -13.56 11.36 -40.94
CA ARG A 246 -12.82 10.71 -39.82
C ARG A 246 -13.81 9.99 -38.89
N ARG A 247 -14.79 10.72 -38.40
CA ARG A 247 -15.83 10.16 -37.52
C ARG A 247 -16.41 8.93 -38.22
N ARG A 248 -16.97 9.09 -39.42
CA ARG A 248 -17.62 8.01 -40.22
C ARG A 248 -16.68 6.79 -40.32
N GLN A 249 -15.40 6.97 -40.63
CA GLN A 249 -14.42 5.87 -40.80
C GLN A 249 -14.28 5.14 -39.46
N CYS A 250 -14.19 5.88 -38.34
CA CYS A 250 -14.07 5.32 -36.97
C CYS A 250 -15.23 4.37 -36.69
N GLU A 251 -16.45 4.70 -37.12
CA GLU A 251 -17.66 3.85 -36.97
C GLU A 251 -17.48 2.56 -37.80
N GLU A 252 -16.81 2.61 -38.96
CA GLU A 252 -16.53 1.44 -39.85
C GLU A 252 -15.51 0.50 -39.20
N VAL A 253 -14.44 1.02 -38.59
CA VAL A 253 -13.37 0.20 -37.94
C VAL A 253 -14.02 -0.59 -36.78
N ALA A 254 -15.03 -0.01 -36.13
CA ALA A 254 -15.88 -0.66 -35.09
C ALA A 254 -17.08 -1.43 -35.70
N ARG A 255 -17.50 -1.11 -36.93
CA ARG A 255 -18.60 -1.79 -37.68
C ARG A 255 -18.36 -3.30 -37.65
N ALA A 256 -17.23 -3.75 -38.20
CA ALA A 256 -16.64 -5.08 -37.94
C ALA A 256 -16.02 -5.05 -36.55
N LEU A 257 -15.23 -6.06 -36.17
CA LEU A 257 -14.70 -6.20 -34.78
C LEU A 257 -15.86 -6.37 -33.79
N GLY A 258 -17.09 -6.02 -34.17
CA GLY A 258 -18.30 -6.16 -33.35
C GLY A 258 -18.14 -5.42 -32.05
N ALA A 259 -17.48 -4.26 -32.10
CA ALA A 259 -17.30 -3.30 -30.98
C ALA A 259 -18.19 -2.09 -31.24
N ALA A 260 -19.35 -2.02 -30.59
CA ALA A 260 -20.01 -0.73 -30.33
C ALA A 260 -18.91 0.12 -29.68
N SER A 261 -18.59 1.30 -30.24
CA SER A 261 -17.45 2.17 -29.83
C SER A 261 -16.10 1.47 -30.00
N LEU A 262 -15.06 2.26 -30.34
CA LEU A 262 -13.63 1.83 -30.36
C LEU A 262 -13.11 1.72 -28.93
N ARG A 263 -13.51 2.57 -28.01
CA ARG A 263 -13.09 2.47 -26.58
C ARG A 263 -13.01 0.98 -26.21
N GLU A 264 -14.06 0.21 -26.56
CA GLU A 264 -14.23 -1.24 -26.24
C GLU A 264 -13.18 -2.06 -26.99
N VAL A 265 -12.26 -1.40 -27.72
CA VAL A 265 -11.22 -2.08 -28.56
C VAL A 265 -9.85 -1.68 -28.04
N GLN A 266 -9.04 -2.69 -27.69
CA GLN A 266 -7.62 -2.58 -27.29
C GLN A 266 -6.74 -2.77 -28.54
N LEU A 267 -5.46 -2.40 -28.45
CA LEU A 267 -4.48 -2.31 -29.56
C LEU A 267 -3.95 -3.70 -29.97
N GLU A 268 -3.78 -4.64 -29.02
CA GLU A 268 -3.50 -6.07 -29.32
C GLU A 268 -4.52 -6.50 -30.40
N GLU A 269 -5.80 -6.16 -30.19
CA GLU A 269 -6.91 -6.39 -31.16
C GLU A 269 -6.57 -5.78 -32.53
N LEU A 270 -6.48 -4.44 -32.66
CA LEU A 270 -6.39 -3.79 -34.00
C LEU A 270 -5.21 -4.39 -34.78
N GLU A 271 -4.09 -4.69 -34.11
CA GLU A 271 -2.88 -5.31 -34.73
C GLU A 271 -3.25 -6.68 -35.29
N ALA A 272 -4.05 -7.46 -34.54
CA ALA A 272 -4.48 -8.85 -34.85
C ALA A 272 -5.74 -8.84 -35.75
N ALA A 273 -6.36 -7.68 -35.99
CA ALA A 273 -7.55 -7.50 -36.86
C ALA A 273 -7.17 -6.76 -38.15
N ARG A 274 -5.93 -6.27 -38.24
CA ARG A 274 -5.25 -5.85 -39.50
C ARG A 274 -5.75 -6.74 -40.64
N ASP A 275 -6.40 -6.16 -41.65
CA ASP A 275 -6.95 -6.89 -42.82
C ASP A 275 -8.21 -7.66 -42.38
N LEU A 276 -9.03 -7.03 -41.53
CA LEU A 276 -10.49 -7.26 -41.41
C LEU A 276 -11.21 -5.90 -41.64
N VAL A 277 -10.43 -4.86 -41.97
CA VAL A 277 -10.86 -3.47 -42.27
C VAL A 277 -9.83 -2.86 -43.23
N SER A 278 -9.98 -1.57 -43.60
CA SER A 278 -9.15 -0.85 -44.60
C SER A 278 -7.73 -0.60 -44.06
N LYS A 279 -6.87 0.02 -44.87
CA LYS A 279 -5.53 0.54 -44.46
C LYS A 279 -5.72 2.01 -44.02
N GLU A 280 -6.69 2.68 -44.64
CA GLU A 280 -7.32 3.90 -44.09
C GLU A 280 -7.89 3.51 -42.71
N GLY A 281 -8.63 2.41 -42.65
CA GLY A 281 -9.12 1.73 -41.43
C GLY A 281 -8.07 1.61 -40.34
N PHE A 282 -7.11 0.67 -40.44
CA PHE A 282 -6.10 0.42 -39.36
C PHE A 282 -5.52 1.77 -38.92
N ARG A 283 -5.12 2.60 -39.90
CA ARG A 283 -4.79 4.01 -39.65
C ARG A 283 -6.04 4.61 -38.97
N ARG A 284 -5.93 5.78 -38.37
CA ARG A 284 -7.07 6.40 -37.64
C ARG A 284 -7.24 5.66 -36.29
N ALA A 285 -7.47 4.35 -36.31
CA ALA A 285 -7.58 3.49 -35.10
C ALA A 285 -6.25 3.42 -34.35
N ARG A 286 -5.12 3.15 -35.01
CA ARG A 286 -3.78 3.14 -34.36
C ARG A 286 -3.68 4.44 -33.52
N HIS A 287 -4.05 5.56 -34.16
CA HIS A 287 -4.10 6.89 -33.53
C HIS A 287 -4.96 6.83 -32.26
N VAL A 288 -6.27 6.50 -32.41
CA VAL A 288 -7.30 6.67 -31.34
C VAL A 288 -6.76 6.04 -30.04
N VAL A 289 -6.27 4.83 -30.18
CA VAL A 289 -5.98 3.99 -29.00
C VAL A 289 -4.59 4.46 -28.45
N GLY A 290 -3.54 4.49 -29.46
CA GLY A 290 -2.34 5.36 -29.21
C GLY A 290 -2.69 6.53 -28.27
N GLU A 291 -3.83 7.17 -28.56
CA GLU A 291 -4.28 8.47 -27.98
C GLU A 291 -5.11 8.28 -26.66
N ILE A 292 -6.11 7.38 -26.67
CA ILE A 292 -6.77 6.93 -25.38
C ILE A 292 -5.69 6.51 -24.34
N ARG A 293 -4.79 5.57 -24.69
CA ARG A 293 -3.80 4.97 -23.74
C ARG A 293 -2.79 6.07 -23.28
N ARG A 294 -2.55 7.02 -24.27
CA ARG A 294 -1.63 8.14 -23.98
C ARG A 294 -2.32 9.10 -23.00
N THR A 295 -3.66 9.20 -23.05
CA THR A 295 -4.41 10.20 -22.22
C THR A 295 -4.55 9.64 -20.79
N ALA A 296 -4.88 8.34 -20.69
CA ALA A 296 -4.84 7.57 -19.43
C ALA A 296 -3.44 7.68 -18.82
N GLN A 297 -2.40 7.38 -19.58
CA GLN A 297 -0.99 7.44 -19.08
C GLN A 297 -0.68 8.91 -18.75
N ALA A 298 -1.12 9.82 -19.62
CA ALA A 298 -0.92 11.28 -19.46
C ALA A 298 -1.56 11.74 -18.14
N ALA A 299 -2.82 11.36 -17.89
CA ALA A 299 -3.54 11.73 -16.63
C ALA A 299 -2.70 11.28 -15.44
N ALA A 300 -2.33 9.99 -15.42
CA ALA A 300 -1.52 9.37 -14.34
C ALA A 300 -0.21 10.17 -14.16
N ALA A 301 0.43 10.45 -15.32
CA ALA A 301 1.71 11.20 -15.40
C ALA A 301 1.54 12.57 -14.72
N LEU A 302 0.41 13.25 -14.98
CA LEU A 302 0.13 14.62 -14.49
C LEU A 302 -0.13 14.62 -12.95
N ARG A 303 -0.69 13.51 -12.41
CA ARG A 303 -0.91 13.30 -10.94
C ARG A 303 0.44 13.15 -10.23
N ARG A 304 1.35 12.35 -10.80
CA ARG A 304 2.73 12.08 -10.28
C ARG A 304 3.62 13.32 -10.47
N GLY A 305 3.15 14.37 -11.15
CA GLY A 305 3.99 15.56 -11.48
C GLY A 305 5.04 15.27 -12.58
N ASP A 306 4.90 14.06 -13.22
CA ASP A 306 5.82 13.56 -14.28
C ASP A 306 5.45 14.21 -15.64
N TYR A 307 6.00 15.44 -15.83
CA TYR A 307 5.86 16.28 -17.05
C TYR A 307 6.51 15.63 -18.29
N ARG A 308 7.71 15.05 -18.18
CA ARG A 308 8.51 14.52 -19.34
C ARG A 308 7.74 13.38 -20.05
N ALA A 309 7.10 12.47 -19.23
CA ALA A 309 6.28 11.37 -19.80
C ALA A 309 5.05 12.00 -20.52
N PHE A 310 4.28 12.84 -19.81
CA PHE A 310 3.11 13.59 -20.32
C PHE A 310 3.50 14.35 -21.59
N GLY A 311 4.47 15.27 -21.45
CA GLY A 311 5.05 16.09 -22.52
C GLY A 311 5.65 15.28 -23.67
N ARG A 312 6.00 14.01 -23.43
CA ARG A 312 6.56 13.07 -24.46
C ARG A 312 5.39 12.31 -25.12
N LEU A 313 4.31 12.10 -24.35
CA LEU A 313 3.04 11.53 -24.89
C LEU A 313 2.37 12.59 -25.78
N MET A 314 2.60 13.89 -25.45
CA MET A 314 2.04 15.10 -26.14
C MET A 314 2.66 15.19 -27.54
N VAL A 315 4.00 15.13 -27.62
CA VAL A 315 4.81 15.08 -28.89
C VAL A 315 4.43 13.77 -29.63
N GLU A 316 4.31 12.67 -28.89
CA GLU A 316 3.79 11.38 -29.41
C GLU A 316 2.37 11.58 -29.95
N SER A 317 1.54 12.44 -29.33
CA SER A 317 0.14 12.72 -29.74
C SER A 317 0.19 13.34 -31.18
N HIS A 318 0.88 14.50 -31.25
CA HIS A 318 1.07 15.27 -32.50
C HIS A 318 1.49 14.33 -33.63
N ARG A 319 2.52 13.49 -33.40
CA ARG A 319 3.12 12.66 -34.49
C ARG A 319 1.99 11.77 -35.07
N SER A 320 1.22 11.14 -34.17
CA SER A 320 0.08 10.26 -34.50
C SER A 320 -1.04 11.08 -35.19
N LEU A 321 -1.30 12.33 -34.74
CA LEU A 321 -2.36 13.18 -35.37
C LEU A 321 -1.92 13.55 -36.80
N ARG A 322 -0.62 13.81 -36.98
CA ARG A 322 0.00 14.27 -38.24
C ARG A 322 0.17 13.12 -39.24
N ASP A 323 0.52 11.91 -38.78
CA ASP A 323 0.94 10.80 -39.68
C ASP A 323 -0.21 9.79 -39.82
N ASP A 324 -0.97 9.53 -38.75
CA ASP A 324 -1.97 8.43 -38.72
C ASP A 324 -3.38 9.00 -38.89
N TYR A 325 -3.70 10.12 -38.27
CA TYR A 325 -5.09 10.64 -38.34
C TYR A 325 -5.18 11.65 -39.46
N GLU A 326 -4.05 12.18 -39.91
CA GLU A 326 -3.94 13.10 -41.09
C GLU A 326 -4.91 14.26 -40.86
N VAL A 327 -4.78 14.95 -39.74
CA VAL A 327 -5.60 16.14 -39.39
C VAL A 327 -4.67 17.24 -38.88
N SER A 328 -3.35 17.07 -39.03
CA SER A 328 -2.42 18.22 -38.93
C SER A 328 -2.36 18.92 -40.30
N CYS A 329 -1.57 19.99 -40.34
CA CYS A 329 -1.26 20.79 -41.56
C CYS A 329 0.16 21.35 -41.39
N PRO A 330 0.88 21.67 -42.47
CA PRO A 330 2.28 22.07 -42.33
C PRO A 330 2.45 23.13 -41.24
N GLU A 331 1.55 24.12 -41.17
CA GLU A 331 1.60 25.25 -40.19
C GLU A 331 1.68 24.71 -38.76
N LEU A 332 0.82 23.73 -38.44
CA LEU A 332 0.90 23.09 -37.11
C LEU A 332 2.26 22.42 -36.96
N ASP A 333 2.66 21.58 -37.92
CA ASP A 333 3.92 20.79 -37.85
C ASP A 333 5.10 21.73 -37.58
N GLN A 334 5.11 22.92 -38.18
CA GLN A 334 6.21 23.90 -38.04
C GLN A 334 6.13 24.62 -36.69
N LEU A 335 4.95 25.02 -36.22
CA LEU A 335 4.80 25.71 -34.90
C LEU A 335 5.38 24.82 -33.79
N VAL A 336 5.24 23.50 -33.90
CA VAL A 336 5.76 22.56 -32.86
C VAL A 336 7.27 22.39 -33.04
N GLU A 337 7.75 22.02 -34.24
CA GLU A 337 9.20 21.97 -34.55
C GLU A 337 9.83 23.14 -33.81
N ALA A 338 9.32 24.37 -34.06
CA ALA A 338 9.83 25.63 -33.48
C ALA A 338 9.85 25.55 -31.94
N ALA A 339 8.69 25.40 -31.30
CA ALA A 339 8.58 25.33 -29.82
C ALA A 339 9.48 24.20 -29.29
N LEU A 340 9.41 23.01 -29.89
CA LEU A 340 10.03 21.76 -29.37
C LEU A 340 11.56 21.87 -29.43
N ALA A 341 12.15 23.05 -29.68
CA ALA A 341 13.59 23.30 -29.43
C ALA A 341 13.83 23.30 -27.92
N VAL A 345 10.73 23.50 -23.18
CA VAL A 345 9.38 22.90 -23.41
C VAL A 345 9.47 21.40 -23.12
N TYR A 346 8.58 20.88 -22.28
CA TYR A 346 8.37 19.43 -22.10
C TYR A 346 7.84 18.86 -23.44
N GLY A 347 7.06 19.66 -24.19
CA GLY A 347 6.25 19.13 -25.30
C GLY A 347 5.32 20.15 -25.97
N SER A 348 4.86 19.75 -27.17
CA SER A 348 3.98 20.54 -28.07
C SER A 348 3.33 19.60 -29.09
N ARG A 349 2.20 20.08 -29.62
CA ARG A 349 1.20 19.30 -30.37
C ARG A 349 0.04 20.22 -30.76
N MET A 350 -0.63 19.89 -31.85
CA MET A 350 -1.90 20.52 -32.23
C MET A 350 -2.88 20.22 -31.10
N THR A 351 -3.88 21.08 -30.95
CA THR A 351 -5.04 20.91 -30.03
C THR A 351 -6.30 21.13 -30.87
N GLY A 352 -7.43 20.63 -30.41
CA GLY A 352 -8.69 20.67 -31.17
C GLY A 352 -8.60 19.90 -32.47
N GLY A 353 -9.47 20.27 -33.43
CA GLY A 353 -9.91 19.42 -34.54
C GLY A 353 -8.85 19.30 -35.58
N GLY A 354 -7.91 20.25 -35.63
CA GLY A 354 -6.85 20.27 -36.65
C GLY A 354 -7.18 21.08 -37.90
N PHE A 355 -6.36 20.92 -38.96
CA PHE A 355 -6.39 21.68 -40.24
C PHE A 355 -6.16 23.18 -40.01
N GLY A 356 -5.49 23.52 -38.92
CA GLY A 356 -5.21 24.90 -38.48
C GLY A 356 -5.57 25.08 -37.03
N GLY A 357 -5.77 26.32 -36.58
CA GLY A 357 -5.99 26.64 -35.16
C GLY A 357 -4.67 26.65 -34.40
N CYS A 358 -4.70 26.17 -33.16
CA CYS A 358 -3.63 26.38 -32.16
C CYS A 358 -2.83 25.10 -31.92
N THR A 359 -1.58 25.29 -31.54
CA THR A 359 -0.78 24.27 -30.83
C THR A 359 -0.90 24.54 -29.33
N VAL A 360 -0.49 23.54 -28.55
CA VAL A 360 -0.37 23.67 -27.08
C VAL A 360 1.04 23.19 -26.66
N THR A 361 1.79 24.12 -26.06
CA THR A 361 3.20 23.95 -25.62
C THR A 361 3.20 24.01 -24.08
N LEU A 362 3.66 22.94 -23.44
CA LEU A 362 3.93 22.85 -21.97
C LEU A 362 5.39 23.30 -21.71
N LEU A 363 5.63 24.58 -21.38
CA LEU A 363 7.01 25.13 -21.15
C LEU A 363 7.18 25.53 -19.67
N GLU A 364 8.43 25.80 -19.25
CA GLU A 364 8.77 26.43 -17.93
C GLU A 364 8.44 27.92 -18.03
N ALA A 365 7.91 28.52 -16.96
CA ALA A 365 7.40 29.92 -16.93
C ALA A 365 8.57 30.88 -17.21
N SER A 366 9.77 30.54 -16.70
CA SER A 366 11.07 31.23 -16.92
C SER A 366 11.33 31.47 -18.42
N ALA A 367 10.99 30.51 -19.30
CA ALA A 367 11.42 30.44 -20.72
C ALA A 367 10.32 30.93 -21.67
N ALA A 368 9.24 31.52 -21.18
CA ALA A 368 8.10 31.95 -22.02
C ALA A 368 8.50 33.17 -22.85
N PRO A 369 9.16 34.20 -22.25
CA PRO A 369 9.57 35.37 -23.03
C PRO A 369 10.44 35.00 -24.24
N HIS A 370 11.26 33.94 -24.17
CA HIS A 370 12.17 33.53 -25.28
C HIS A 370 11.42 32.63 -26.28
N ALA A 371 10.55 31.73 -25.81
CA ALA A 371 9.71 30.90 -26.71
C ALA A 371 8.97 31.79 -27.72
N MET A 372 8.38 32.90 -27.26
CA MET A 372 7.56 33.83 -28.10
C MET A 372 8.44 34.70 -29.01
N ARG A 373 9.70 34.95 -28.65
CA ARG A 373 10.72 35.53 -29.56
C ARG A 373 10.82 34.57 -30.77
N HIS A 374 11.14 33.32 -30.45
CA HIS A 374 11.60 32.24 -31.37
C HIS A 374 10.44 31.75 -32.25
N ILE A 375 9.27 31.48 -31.67
CA ILE A 375 8.07 31.03 -32.44
C ILE A 375 7.80 32.09 -33.51
N GLN A 376 7.62 33.36 -33.12
CA GLN A 376 7.37 34.51 -34.05
C GLN A 376 8.46 34.53 -35.13
N GLU A 377 9.74 34.52 -34.74
CA GLU A 377 10.89 34.71 -35.68
C GLU A 377 11.11 33.45 -36.56
N HIS A 378 10.54 32.27 -36.17
CA HIS A 378 10.72 30.97 -36.88
C HIS A 378 9.37 30.34 -37.31
N TYR A 379 8.26 31.11 -37.33
CA TYR A 379 6.93 30.74 -37.92
C TYR A 379 6.70 31.47 -39.25
N GLY A 380 6.47 30.73 -40.34
CA GLY A 380 6.15 31.30 -41.66
C GLY A 380 4.95 32.24 -41.58
N GLY A 381 3.92 31.87 -40.83
CA GLY A 381 2.66 32.63 -40.70
C GLY A 381 2.73 33.70 -39.62
N THR A 382 1.57 34.27 -39.25
CA THR A 382 1.37 35.19 -38.09
C THR A 382 1.06 34.32 -36.87
N ALA A 383 1.90 34.37 -35.84
CA ALA A 383 1.63 33.73 -34.53
C ALA A 383 0.90 34.71 -33.61
N THR A 384 -0.10 34.23 -32.88
CA THR A 384 -0.68 34.92 -31.70
C THR A 384 -0.48 33.99 -30.50
N PHE A 385 -0.14 34.56 -29.33
CA PHE A 385 0.15 33.81 -28.08
C PHE A 385 -0.86 34.12 -26.98
N TYR A 386 -1.27 33.04 -26.31
CA TYR A 386 -1.96 33.04 -25.00
C TYR A 386 -1.06 32.29 -24.01
N LEU A 387 -0.70 32.93 -22.89
CA LEU A 387 -0.09 32.25 -21.70
C LEU A 387 -1.20 32.01 -20.69
N SER A 388 -1.72 30.78 -20.66
CA SER A 388 -3.07 30.44 -20.13
C SER A 388 -2.94 29.75 -18.78
N GLN A 389 -3.54 30.32 -17.72
CA GLN A 389 -3.78 29.65 -16.42
C GLN A 389 -5.03 28.79 -16.65
N ALA A 390 -5.11 27.60 -16.07
CA ALA A 390 -6.31 26.74 -16.12
C ALA A 390 -7.47 27.48 -15.45
N ALA A 391 -8.64 27.56 -16.09
CA ALA A 391 -9.71 28.51 -15.70
C ALA A 391 -11.01 27.82 -15.25
N ASP A 392 -11.88 28.61 -14.62
CA ASP A 392 -13.27 28.24 -14.27
C ASP A 392 -14.09 28.04 -15.52
N GLY A 393 -15.15 27.24 -15.36
CA GLY A 393 -16.17 27.01 -16.37
C GLY A 393 -17.26 28.07 -16.27
N ALA A 394 -18.48 27.70 -16.63
CA ALA A 394 -19.63 28.61 -16.78
C ALA A 394 -19.88 29.31 -15.44
N LYS A 395 -20.09 30.62 -15.44
CA LYS A 395 -20.26 31.40 -14.19
C LYS A 395 -21.36 32.43 -14.42
N VAL A 396 -21.92 32.93 -13.34
CA VAL A 396 -23.07 33.87 -13.32
C VAL A 396 -22.67 35.02 -12.41
N LEU A 397 -22.99 36.25 -12.81
CA LEU A 397 -22.94 37.43 -11.92
C LEU A 397 -24.25 38.17 -12.10
N CYS A 398 -25.05 38.26 -11.04
CA CYS A 398 -26.28 39.10 -10.96
C CYS A 398 -25.83 40.57 -10.94
N LEU A 399 -26.47 41.44 -11.72
CA LEU A 399 -26.06 42.87 -11.83
C LEU A 399 -27.20 43.77 -11.36
N ALA B 9 -44.42 8.88 6.78
CA ALA B 9 -45.09 9.56 7.98
C ALA B 9 -44.07 10.44 8.71
N ALA B 10 -42.95 9.83 9.15
CA ALA B 10 -41.74 10.54 9.62
C ALA B 10 -40.79 10.83 8.43
N LEU B 11 -41.28 10.71 7.18
CA LEU B 11 -40.55 11.16 5.96
C LEU B 11 -40.78 12.66 5.73
N ARG B 12 -39.82 13.51 6.17
CA ARG B 12 -39.78 14.96 5.83
C ARG B 12 -39.46 15.07 4.34
N GLN B 13 -40.16 15.96 3.61
CA GLN B 13 -40.17 15.98 2.11
C GLN B 13 -39.88 17.38 1.57
N PRO B 14 -38.99 18.22 2.16
CA PRO B 14 -39.03 19.68 1.93
C PRO B 14 -38.44 20.05 0.57
N GLN B 15 -39.15 20.87 -0.21
CA GLN B 15 -38.88 21.11 -1.64
C GLN B 15 -38.26 22.50 -1.82
N VAL B 16 -37.35 22.64 -2.77
CA VAL B 16 -36.51 23.86 -3.03
C VAL B 16 -37.45 25.05 -3.28
N ALA B 17 -38.49 24.85 -4.10
CA ALA B 17 -39.49 25.90 -4.46
C ALA B 17 -40.03 26.52 -3.17
N GLU B 18 -40.46 25.68 -2.23
CA GLU B 18 -40.98 26.08 -0.91
C GLU B 18 -39.96 26.99 -0.20
N LEU B 19 -38.69 26.61 -0.16
CA LEU B 19 -37.64 27.30 0.65
C LEU B 19 -37.39 28.72 0.12
N LEU B 20 -37.19 28.86 -1.20
CA LEU B 20 -36.91 30.17 -1.84
C LEU B 20 -38.11 31.09 -1.62
N ALA B 21 -39.32 30.58 -1.89
CA ALA B 21 -40.60 31.29 -1.63
C ALA B 21 -40.62 31.79 -0.17
N GLU B 22 -40.34 30.92 0.83
CA GLU B 22 -40.41 31.30 2.27
C GLU B 22 -39.36 32.38 2.54
N ALA B 23 -38.16 32.27 1.97
CA ALA B 23 -37.06 33.23 2.15
C ALA B 23 -37.42 34.58 1.53
N ARG B 24 -38.17 34.59 0.42
CA ARG B 24 -38.55 35.84 -0.32
C ARG B 24 -39.64 36.56 0.49
N ARG B 25 -40.71 35.87 0.92
CA ARG B 25 -41.78 36.42 1.79
C ARG B 25 -41.16 37.07 3.04
N ALA B 26 -40.18 36.43 3.70
CA ALA B 26 -39.56 36.96 4.95
C ALA B 26 -38.67 38.18 4.65
N PHE B 27 -37.81 38.14 3.62
CA PHE B 27 -36.97 39.32 3.22
C PHE B 27 -37.88 40.50 2.90
N ARG B 28 -38.93 40.25 2.11
CA ARG B 28 -39.98 41.22 1.68
C ARG B 28 -40.60 41.83 2.94
N GLU B 29 -41.20 41.00 3.81
CA GLU B 29 -41.82 41.43 5.09
C GLU B 29 -40.81 42.25 5.91
N GLU B 30 -39.57 41.75 6.06
CA GLU B 30 -38.54 42.32 6.98
C GLU B 30 -37.97 43.64 6.44
N PHE B 31 -37.56 43.69 5.17
CA PHE B 31 -36.65 44.75 4.65
C PHE B 31 -37.40 45.75 3.76
N GLY B 32 -38.64 45.44 3.36
CA GLY B 32 -39.56 46.35 2.66
C GLY B 32 -39.31 46.41 1.16
N ALA B 33 -38.68 45.39 0.58
CA ALA B 33 -38.33 45.34 -0.86
C ALA B 33 -38.05 43.89 -1.31
N GLU B 34 -37.96 43.69 -2.62
CA GLU B 34 -37.59 42.39 -3.20
C GLU B 34 -36.09 42.21 -3.00
N PRO B 35 -35.65 40.97 -2.67
CA PRO B 35 -34.24 40.63 -2.65
C PRO B 35 -33.77 40.57 -4.11
N GLU B 36 -32.50 40.94 -4.33
CA GLU B 36 -31.84 40.99 -5.66
C GLU B 36 -31.34 39.60 -6.03
N LEU B 37 -30.91 38.77 -5.05
CA LEU B 37 -30.07 37.55 -5.26
C LEU B 37 -30.55 36.37 -4.41
N ALA B 38 -30.53 35.18 -4.99
CA ALA B 38 -30.70 33.88 -4.30
C ALA B 38 -29.44 33.02 -4.49
N VAL B 39 -28.94 32.43 -3.40
CA VAL B 39 -27.88 31.39 -3.49
C VAL B 39 -28.33 30.20 -2.64
N SER B 40 -27.79 29.02 -2.95
CA SER B 40 -28.01 27.81 -2.12
C SER B 40 -26.75 26.96 -2.09
N ALA B 41 -26.65 26.15 -1.03
CA ALA B 41 -25.56 25.21 -0.76
C ALA B 41 -26.17 24.06 0.04
N PRO B 42 -25.94 22.81 -0.43
CA PRO B 42 -26.54 21.65 0.21
C PRO B 42 -25.82 21.16 1.46
N GLY B 43 -26.59 20.43 2.26
CA GLY B 43 -26.13 19.39 3.19
C GLY B 43 -25.58 18.21 2.41
N ARG B 44 -25.05 17.24 3.13
CA ARG B 44 -24.33 16.08 2.53
C ARG B 44 -24.51 14.84 3.40
N VAL B 45 -24.41 13.68 2.78
CA VAL B 45 -24.22 12.38 3.47
C VAL B 45 -22.91 11.80 2.93
N ASN B 46 -22.08 11.24 3.79
CA ASN B 46 -20.90 10.44 3.38
C ASN B 46 -21.35 9.00 3.12
N LEU B 47 -21.25 8.52 1.89
CA LEU B 47 -21.74 7.16 1.54
C LEU B 47 -20.78 6.13 2.20
N ILE B 48 -19.49 6.44 2.21
CA ILE B 48 -18.41 5.62 2.84
C ILE B 48 -17.14 6.45 2.89
N GLY B 49 -16.28 6.16 3.85
CA GLY B 49 -15.01 6.86 4.01
C GLY B 49 -15.11 7.78 5.20
N GLU B 50 -15.45 7.20 6.35
CA GLU B 50 -15.63 7.97 7.60
C GLU B 50 -14.29 8.01 8.33
N HIS B 51 -13.87 9.23 8.68
CA HIS B 51 -12.72 9.58 9.53
C HIS B 51 -11.42 9.27 8.79
N THR B 52 -11.42 9.44 7.48
CA THR B 52 -10.25 9.30 6.57
C THR B 52 -9.72 10.68 6.15
N ASP B 53 -10.59 11.69 6.14
CA ASP B 53 -10.33 12.97 5.43
C ASP B 53 -9.14 13.63 6.10
N TYR B 54 -9.11 13.62 7.43
CA TYR B 54 -8.01 14.25 8.21
C TYR B 54 -6.84 13.27 8.25
N ASN B 55 -6.96 12.12 7.57
CA ASN B 55 -5.90 11.07 7.45
C ASN B 55 -5.40 10.99 5.98
N GLN B 56 -5.55 12.06 5.22
CA GLN B 56 -5.24 12.19 3.77
C GLN B 56 -5.87 11.02 3.01
N GLY B 57 -7.09 10.62 3.37
CA GLY B 57 -7.72 9.41 2.83
C GLY B 57 -8.59 9.70 1.63
N LEU B 58 -9.57 8.84 1.39
CA LEU B 58 -10.59 8.93 0.34
C LEU B 58 -11.93 9.08 1.05
N VAL B 59 -12.79 9.97 0.57
CA VAL B 59 -14.18 10.08 1.07
C VAL B 59 -15.11 9.94 -0.12
N LEU B 60 -16.31 9.44 0.08
CA LEU B 60 -17.28 9.34 -1.03
C LEU B 60 -18.61 10.00 -0.64
N PRO B 61 -18.66 11.33 -0.49
CA PRO B 61 -19.92 11.99 -0.18
C PRO B 61 -20.83 12.26 -1.39
N MET B 62 -22.13 12.46 -1.11
CA MET B 62 -23.05 13.06 -2.10
C MET B 62 -23.80 14.24 -1.48
N ALA B 63 -24.12 15.24 -2.29
CA ALA B 63 -24.95 16.36 -1.82
C ALA B 63 -26.40 15.87 -1.68
N LEU B 64 -27.09 16.40 -0.69
CA LEU B 64 -28.51 16.05 -0.42
C LEU B 64 -29.43 17.14 -0.98
N GLU B 65 -30.71 16.80 -1.16
CA GLU B 65 -31.77 17.75 -1.62
C GLU B 65 -32.19 18.67 -0.47
N LEU B 66 -31.72 18.39 0.75
CA LEU B 66 -31.75 19.35 1.89
C LEU B 66 -30.66 20.41 1.71
N MET B 67 -30.91 21.68 2.09
CA MET B 67 -30.06 22.86 1.73
C MET B 67 -30.37 24.13 2.57
N THR B 68 -29.40 25.03 2.62
CA THR B 68 -29.51 26.42 3.09
C THR B 68 -29.63 27.36 1.87
N VAL B 69 -30.65 28.22 1.87
CA VAL B 69 -30.90 29.29 0.86
C VAL B 69 -30.68 30.62 1.57
N LEU B 70 -29.77 31.43 1.04
CA LEU B 70 -29.66 32.87 1.32
C LEU B 70 -30.38 33.62 0.21
N VAL B 71 -31.25 34.56 0.55
CA VAL B 71 -31.77 35.56 -0.43
C VAL B 71 -31.39 36.91 0.16
N GLY B 72 -30.81 37.79 -0.64
CA GLY B 72 -30.39 39.11 -0.15
C GLY B 72 -30.07 40.11 -1.24
N SER B 73 -29.51 41.23 -0.83
CA SER B 73 -29.18 42.41 -1.68
C SER B 73 -27.93 43.10 -1.16
N PRO B 74 -27.11 43.68 -2.07
CA PRO B 74 -26.00 44.54 -1.67
C PRO B 74 -26.60 45.68 -0.84
N ARG B 75 -25.76 46.33 -0.01
CA ARG B 75 -26.12 47.51 0.83
C ARG B 75 -25.00 48.55 0.75
N LYS B 76 -25.40 49.82 0.77
CA LYS B 76 -24.54 51.03 0.66
C LYS B 76 -24.45 51.73 2.03
N ASP B 77 -24.93 51.08 3.10
CA ASP B 77 -24.84 51.57 4.51
C ASP B 77 -23.74 50.81 5.28
N GLY B 78 -22.99 49.91 4.62
CA GLY B 78 -21.82 49.23 5.20
C GLY B 78 -22.17 48.24 6.30
N LEU B 79 -23.46 48.10 6.61
CA LEU B 79 -23.98 47.16 7.64
C LEU B 79 -24.22 45.78 7.00
N VAL B 80 -24.08 44.73 7.82
CA VAL B 80 -24.53 43.33 7.59
C VAL B 80 -25.78 43.09 8.43
N SER B 81 -26.94 42.90 7.80
CA SER B 81 -28.26 42.77 8.45
C SER B 81 -28.86 41.39 8.15
N LEU B 82 -28.78 40.44 9.09
CA LEU B 82 -29.21 39.03 8.87
C LEU B 82 -30.49 38.73 9.66
N LEU B 83 -31.40 37.98 9.02
CA LEU B 83 -32.59 37.33 9.63
C LEU B 83 -32.61 35.85 9.19
N THR B 84 -32.92 34.94 10.10
CA THR B 84 -33.18 33.50 9.80
C THR B 84 -34.56 33.06 10.33
N THR B 85 -35.29 32.28 9.52
CA THR B 85 -36.58 31.62 9.89
C THR B 85 -36.37 30.15 10.24
N SER B 86 -35.16 29.72 10.62
CA SER B 86 -34.85 28.29 10.92
C SER B 86 -35.23 27.97 12.38
N GLU B 87 -36.15 27.02 12.59
CA GLU B 87 -36.46 26.50 13.95
C GLU B 87 -35.24 25.71 14.44
N GLY B 88 -34.83 25.97 15.68
CA GLY B 88 -33.58 25.45 16.25
C GLY B 88 -32.46 26.46 16.22
N ALA B 89 -32.48 27.42 15.29
CA ALA B 89 -31.63 28.63 15.39
C ALA B 89 -31.94 29.30 16.73
N ASP B 90 -30.89 29.67 17.48
CA ASP B 90 -30.96 30.27 18.84
C ASP B 90 -31.15 31.78 18.71
N GLU B 91 -31.55 32.45 19.78
CA GLU B 91 -32.06 33.85 19.71
C GLU B 91 -30.90 34.84 19.82
N PRO B 92 -31.04 36.07 19.29
CA PRO B 92 -32.14 36.42 18.38
C PRO B 92 -31.95 35.80 16.98
N GLN B 93 -33.05 35.65 16.27
CA GLN B 93 -33.06 35.08 14.91
C GLN B 93 -32.94 36.23 13.88
N ARG B 94 -32.87 37.48 14.33
CA ARG B 94 -32.61 38.69 13.51
C ARG B 94 -31.52 39.53 14.20
N LEU B 95 -30.45 39.92 13.48
CA LEU B 95 -29.42 40.88 13.98
C LEU B 95 -28.92 41.80 12.85
N GLN B 96 -28.56 43.04 13.20
CA GLN B 96 -27.76 44.00 12.38
C GLN B 96 -26.40 44.20 13.07
N PHE B 97 -25.29 43.97 12.36
CA PHE B 97 -23.90 44.22 12.85
C PHE B 97 -23.05 44.78 11.70
N PRO B 98 -21.80 45.24 11.97
CA PRO B 98 -21.00 45.98 10.99
C PRO B 98 -19.82 45.19 10.38
N LEU B 99 -19.45 45.48 9.13
CA LEU B 99 -18.33 44.80 8.41
C LEU B 99 -17.00 45.10 9.13
N PRO B 100 -16.09 44.10 9.27
CA PRO B 100 -14.85 44.25 10.05
C PRO B 100 -13.67 44.99 9.40
N THR B 101 -12.93 45.79 10.19
CA THR B 101 -11.80 46.65 9.75
C THR B 101 -10.51 45.82 9.69
N LEU B 106 -13.25 41.07 13.93
CA LEU B 106 -14.55 40.35 14.08
C LEU B 106 -14.34 39.06 14.88
N GLU B 107 -15.00 38.95 16.03
CA GLU B 107 -14.80 37.87 17.04
C GLU B 107 -16.08 37.03 17.12
N PRO B 108 -15.98 35.70 17.40
CA PRO B 108 -17.17 34.88 17.59
C PRO B 108 -17.95 35.30 18.85
N GLY B 109 -19.26 35.02 18.88
CA GLY B 109 -20.19 35.50 19.91
C GLY B 109 -21.55 34.83 19.84
N THR B 110 -22.60 35.56 20.26
CA THR B 110 -24.03 35.16 20.29
C THR B 110 -24.75 35.96 19.22
N PRO B 111 -25.58 35.37 18.33
CA PRO B 111 -26.01 33.98 18.42
C PRO B 111 -25.02 33.01 17.75
N ARG B 112 -25.03 31.76 18.23
CA ARG B 112 -24.21 30.64 17.72
C ARG B 112 -24.32 30.56 16.19
N TRP B 113 -25.51 30.68 15.62
CA TRP B 113 -25.79 30.39 14.20
C TRP B 113 -25.06 31.41 13.31
N ALA B 114 -25.02 32.69 13.73
CA ALA B 114 -24.39 33.79 12.98
C ALA B 114 -22.87 33.66 13.00
N ASN B 115 -22.30 32.84 13.88
CA ASN B 115 -20.83 32.67 13.96
C ASN B 115 -20.31 32.02 12.67
N TYR B 116 -21.16 31.31 11.96
CA TYR B 116 -20.78 30.59 10.72
C TYR B 116 -20.66 31.60 9.59
N VAL B 117 -21.63 32.53 9.52
CA VAL B 117 -21.71 33.65 8.55
C VAL B 117 -20.57 34.64 8.82
N LYS B 118 -20.43 35.12 10.06
CA LYS B 118 -19.38 36.10 10.50
C LYS B 118 -17.97 35.47 10.29
N GLY B 119 -17.83 34.17 10.47
CA GLY B 119 -16.57 33.45 10.16
C GLY B 119 -16.18 33.61 8.70
N VAL B 120 -17.09 33.24 7.80
CA VAL B 120 -16.94 33.34 6.32
C VAL B 120 -16.69 34.81 5.90
N ILE B 121 -17.27 35.80 6.56
CA ILE B 121 -16.99 37.23 6.24
C ILE B 121 -15.51 37.54 6.57
N GLN B 122 -15.14 37.60 7.86
CA GLN B 122 -13.75 37.71 8.39
C GLN B 122 -12.66 37.20 7.42
N TYR B 123 -12.78 35.99 6.90
CA TYR B 123 -11.68 35.28 6.18
C TYR B 123 -11.91 35.30 4.66
N TYR B 124 -12.90 36.05 4.15
CA TYR B 124 -13.26 36.11 2.72
C TYR B 124 -12.17 36.87 1.98
N PRO B 125 -11.45 36.27 0.99
CA PRO B 125 -10.15 36.77 0.55
C PRO B 125 -10.11 37.84 -0.54
N ALA B 126 -11.22 38.56 -0.81
CA ALA B 126 -11.30 39.56 -1.89
C ALA B 126 -12.05 40.82 -1.43
N ALA B 127 -11.78 41.93 -2.08
CA ALA B 127 -12.16 43.29 -1.63
C ALA B 127 -12.52 44.16 -2.84
N PRO B 128 -13.22 45.30 -2.65
CA PRO B 128 -13.84 45.65 -1.37
C PRO B 128 -15.14 44.84 -1.11
N LEU B 129 -15.28 44.22 0.05
CA LEU B 129 -16.53 43.48 0.37
C LEU B 129 -17.57 44.48 0.86
N PRO B 130 -18.71 44.68 0.15
CA PRO B 130 -19.76 45.57 0.63
C PRO B 130 -20.57 44.80 1.68
N GLY B 131 -21.45 45.51 2.39
CA GLY B 131 -22.41 44.89 3.32
C GLY B 131 -23.67 44.48 2.61
N PHE B 132 -24.57 43.80 3.32
CA PHE B 132 -25.78 43.21 2.71
C PHE B 132 -26.86 42.92 3.75
N SER B 133 -28.07 42.87 3.21
CA SER B 133 -29.32 42.44 3.88
C SER B 133 -29.64 41.02 3.35
N ALA B 134 -29.73 40.01 4.23
CA ALA B 134 -29.94 38.59 3.86
C ALA B 134 -30.92 37.89 4.81
N VAL B 135 -31.83 37.07 4.25
CA VAL B 135 -32.66 36.11 5.01
C VAL B 135 -32.06 34.71 4.79
N VAL B 136 -31.86 33.95 5.88
CA VAL B 136 -31.33 32.56 5.86
C VAL B 136 -32.46 31.60 6.18
N VAL B 137 -32.72 30.64 5.30
CA VAL B 137 -33.65 29.49 5.55
C VAL B 137 -32.88 28.19 5.31
N SER B 138 -33.28 27.11 5.99
CA SER B 138 -32.60 25.81 5.79
C SER B 138 -33.59 24.67 5.97
N SER B 139 -33.46 23.65 5.15
CA SER B 139 -34.12 22.33 5.33
C SER B 139 -33.10 21.33 5.92
N VAL B 140 -31.85 21.73 6.16
CA VAL B 140 -30.83 20.78 6.72
C VAL B 140 -31.02 20.79 8.22
N PRO B 141 -31.29 19.62 8.85
CA PRO B 141 -31.53 19.59 10.30
C PRO B 141 -30.29 20.17 11.01
N LEU B 142 -30.46 21.24 11.77
CA LEU B 142 -29.36 21.95 12.46
C LEU B 142 -28.71 20.99 13.47
N GLY B 143 -27.42 20.69 13.29
CA GLY B 143 -26.63 19.81 14.18
C GLY B 143 -27.01 18.32 14.08
N GLY B 144 -27.64 17.85 13.02
CA GLY B 144 -28.15 16.46 12.90
C GLY B 144 -27.22 15.50 12.16
N GLY B 145 -25.97 15.85 11.90
CA GLY B 145 -25.00 14.97 11.23
C GLY B 145 -24.98 15.11 9.70
N LEU B 146 -25.85 15.90 9.10
CA LEU B 146 -25.73 16.24 7.66
C LEU B 146 -25.05 17.59 7.72
N SER B 147 -24.57 18.23 6.69
CA SER B 147 -23.54 19.23 7.13
C SER B 147 -24.16 20.63 7.17
N SER B 148 -25.03 20.88 8.15
CA SER B 148 -25.84 22.12 8.23
C SER B 148 -24.90 23.33 8.26
N SER B 149 -23.81 23.25 9.04
CA SER B 149 -22.88 24.36 9.28
C SER B 149 -22.11 24.63 7.98
N ALA B 150 -21.75 23.58 7.26
CA ALA B 150 -21.01 23.75 6.00
C ALA B 150 -21.97 24.26 4.91
N SER B 151 -23.25 23.90 4.96
CA SER B 151 -24.21 24.43 3.96
C SER B 151 -24.32 25.95 4.16
N LEU B 152 -24.47 26.44 5.40
CA LEU B 152 -24.61 27.89 5.72
C LEU B 152 -23.29 28.61 5.40
N GLU B 153 -22.14 28.00 5.71
CA GLU B 153 -20.79 28.52 5.37
C GLU B 153 -20.64 28.65 3.85
N VAL B 154 -20.95 27.60 3.08
CA VAL B 154 -20.73 27.63 1.61
C VAL B 154 -21.75 28.57 0.96
N ALA B 155 -22.98 28.60 1.47
CA ALA B 155 -24.01 29.49 0.93
C ALA B 155 -23.53 30.91 1.15
N THR B 156 -23.04 31.22 2.35
CA THR B 156 -22.57 32.58 2.74
C THR B 156 -21.48 32.99 1.74
N TYR B 157 -20.46 32.12 1.57
CA TYR B 157 -19.32 32.28 0.63
C TYR B 157 -19.82 32.60 -0.79
N THR B 158 -20.74 31.78 -1.29
CA THR B 158 -21.35 31.89 -2.63
C THR B 158 -22.03 33.27 -2.77
N PHE B 159 -22.66 33.76 -1.70
CA PHE B 159 -23.38 35.05 -1.70
C PHE B 159 -22.33 36.16 -1.77
N LEU B 160 -21.20 36.00 -1.06
CA LEU B 160 -20.13 37.03 -1.02
C LEU B 160 -19.48 37.09 -2.41
N GLN B 161 -19.42 35.96 -3.09
CA GLN B 161 -18.89 35.88 -4.48
C GLN B 161 -19.68 36.82 -5.40
N GLN B 162 -21.00 36.97 -5.20
CA GLN B 162 -21.87 37.81 -6.08
C GLN B 162 -21.72 39.29 -5.77
N LEU B 163 -21.40 39.64 -4.51
CA LEU B 163 -21.21 41.05 -4.09
C LEU B 163 -19.79 41.48 -4.45
N CYS B 164 -18.85 40.54 -4.42
CA CYS B 164 -17.41 40.82 -4.62
C CYS B 164 -16.69 39.59 -5.12
N PRO B 165 -16.67 39.38 -6.45
CA PRO B 165 -16.06 38.16 -7.01
C PRO B 165 -14.68 37.93 -6.41
N ASP B 166 -14.38 36.70 -6.05
CA ASP B 166 -13.01 36.26 -5.68
C ASP B 166 -12.35 35.82 -6.98
N SER B 167 -11.12 35.34 -6.94
CA SER B 167 -10.42 34.73 -8.11
C SER B 167 -9.67 33.52 -7.59
N GLY B 168 -10.36 32.66 -6.84
CA GLY B 168 -9.78 31.52 -6.13
C GLY B 168 -10.28 30.19 -6.68
N THR B 169 -9.77 29.11 -6.09
CA THR B 169 -9.98 27.70 -6.48
C THR B 169 -11.04 27.09 -5.54
N ILE B 170 -11.58 25.93 -5.91
CA ILE B 170 -12.52 25.13 -5.07
C ILE B 170 -11.84 24.84 -3.72
N ALA B 171 -10.55 24.50 -3.69
CA ALA B 171 -9.80 24.12 -2.47
C ALA B 171 -9.66 25.35 -1.56
N ALA B 172 -9.37 26.50 -2.15
CA ALA B 172 -9.22 27.76 -1.41
C ALA B 172 -10.51 28.09 -0.66
N ARG B 173 -11.66 27.96 -1.32
CA ARG B 173 -12.94 28.41 -0.73
C ARG B 173 -13.35 27.42 0.37
N ALA B 174 -13.04 26.14 0.13
CA ALA B 174 -13.22 25.03 1.09
C ALA B 174 -12.48 25.33 2.41
N GLN B 175 -11.23 25.80 2.32
CA GLN B 175 -10.35 26.09 3.50
C GLN B 175 -10.86 27.35 4.22
N VAL B 176 -11.45 28.31 3.50
CA VAL B 176 -12.03 29.54 4.14
C VAL B 176 -13.22 29.13 5.01
N CYS B 177 -14.07 28.25 4.48
CA CYS B 177 -15.25 27.75 5.23
C CYS B 177 -14.73 26.93 6.40
N GLN B 178 -13.67 26.12 6.17
CA GLN B 178 -13.10 25.15 7.14
C GLN B 178 -12.50 25.93 8.30
N GLN B 179 -11.81 27.01 7.97
CA GLN B 179 -11.26 27.99 8.93
C GLN B 179 -12.42 28.51 9.79
N ALA B 180 -13.50 28.99 9.18
CA ALA B 180 -14.68 29.52 9.90
C ALA B 180 -15.24 28.47 10.87
N GLU B 181 -15.24 27.18 10.47
CA GLU B 181 -15.67 26.05 11.33
C GLU B 181 -14.72 25.90 12.53
N HIS B 182 -13.39 25.91 12.31
CA HIS B 182 -12.33 25.77 13.36
C HIS B 182 -12.37 26.97 14.32
N SER B 183 -12.41 28.20 13.79
CA SER B 183 -12.14 29.50 14.49
C SER B 183 -13.38 30.04 15.22
N PHE B 184 -14.56 29.92 14.61
CA PHE B 184 -15.82 30.57 15.09
C PHE B 184 -16.84 29.54 15.60
N ALA B 185 -16.65 28.24 15.37
CA ALA B 185 -17.53 27.15 15.89
C ALA B 185 -16.75 26.10 16.68
N GLY B 186 -15.44 26.28 16.88
CA GLY B 186 -14.56 25.37 17.66
C GLY B 186 -14.57 23.90 17.24
N MET B 187 -14.96 23.55 16.01
CA MET B 187 -15.00 22.14 15.51
C MET B 187 -13.90 21.92 14.47
N PRO B 188 -12.73 21.37 14.84
CA PRO B 188 -11.62 21.20 13.91
C PRO B 188 -11.82 20.12 12.83
N CYS B 189 -12.76 20.35 11.92
CA CYS B 189 -13.19 19.37 10.88
C CYS B 189 -12.15 19.25 9.76
N GLY B 190 -12.14 18.12 9.03
CA GLY B 190 -11.43 17.98 7.76
C GLY B 190 -12.15 18.70 6.62
N ILE B 191 -11.85 18.31 5.38
CA ILE B 191 -12.26 19.02 4.12
C ILE B 191 -13.60 18.50 3.59
N MET B 192 -13.99 17.26 3.89
CA MET B 192 -15.15 16.62 3.19
C MET B 192 -16.31 17.64 3.04
N ASP B 193 -16.84 18.15 4.16
CA ASP B 193 -18.20 18.76 4.24
C ASP B 193 -18.23 19.99 3.35
N GLN B 194 -17.21 20.84 3.44
CA GLN B 194 -17.22 22.13 2.69
C GLN B 194 -17.08 21.80 1.19
N PHE B 195 -16.33 20.76 0.85
CA PHE B 195 -15.95 20.38 -0.53
C PHE B 195 -17.18 19.86 -1.26
N ILE B 196 -17.93 18.99 -0.60
CA ILE B 196 -19.13 18.38 -1.21
C ILE B 196 -20.18 19.49 -1.37
N SER B 197 -20.25 20.43 -0.44
CA SER B 197 -21.25 21.53 -0.50
C SER B 197 -20.95 22.43 -1.71
N LEU B 198 -19.69 22.65 -2.04
CA LEU B 198 -19.28 23.42 -3.24
C LEU B 198 -19.43 22.57 -4.50
N MET B 199 -19.05 21.29 -4.49
CA MET B 199 -18.71 20.54 -5.74
C MET B 199 -19.79 19.51 -6.11
N GLY B 200 -20.82 19.34 -5.29
CA GLY B 200 -21.86 18.36 -5.62
C GLY B 200 -22.45 18.63 -6.99
N GLN B 201 -22.83 17.58 -7.69
CA GLN B 201 -23.59 17.69 -8.96
C GLN B 201 -24.73 16.68 -8.88
N LYS B 202 -25.91 17.06 -9.39
CA LYS B 202 -27.09 16.16 -9.42
C LYS B 202 -26.69 14.85 -10.12
N GLY B 203 -27.08 13.71 -9.58
CA GLY B 203 -26.83 12.44 -10.27
C GLY B 203 -25.40 11.93 -10.09
N HIS B 204 -24.63 12.51 -9.16
CA HIS B 204 -23.19 12.18 -8.96
C HIS B 204 -22.88 12.04 -7.48
N ALA B 205 -22.09 11.03 -7.15
CA ALA B 205 -21.32 10.96 -5.88
C ALA B 205 -19.99 11.64 -6.17
N LEU B 206 -19.33 12.19 -5.13
CA LEU B 206 -18.00 12.84 -5.28
C LEU B 206 -16.93 11.97 -4.61
N LEU B 207 -15.95 11.45 -5.35
CA LEU B 207 -14.76 10.81 -4.74
C LEU B 207 -13.70 11.90 -4.55
N ILE B 208 -13.35 12.19 -3.32
CA ILE B 208 -12.33 13.21 -2.96
C ILE B 208 -11.13 12.49 -2.40
N ASP B 209 -9.99 12.68 -3.05
CA ASP B 209 -8.68 12.23 -2.54
C ASP B 209 -8.15 13.37 -1.68
N CYS B 210 -8.14 13.18 -0.36
CA CYS B 210 -7.79 14.24 0.62
C CYS B 210 -6.27 14.37 0.73
N ARG B 211 -5.49 13.60 -0.03
CA ARG B 211 -4.05 13.87 -0.19
C ARG B 211 -3.86 14.82 -1.38
N SER B 212 -4.25 14.38 -2.59
CA SER B 212 -4.01 15.09 -3.89
C SER B 212 -5.05 16.23 -4.09
N LEU B 213 -6.21 16.15 -3.44
CA LEU B 213 -7.31 17.14 -3.62
C LEU B 213 -7.90 17.00 -5.04
N GLU B 214 -7.59 15.88 -5.68
CA GLU B 214 -8.29 15.41 -6.90
C GLU B 214 -9.69 14.97 -6.47
N THR B 215 -10.69 15.31 -7.28
CA THR B 215 -12.10 14.98 -7.06
C THR B 215 -12.61 14.41 -8.36
N SER B 216 -13.33 13.31 -8.29
CA SER B 216 -14.04 12.72 -9.44
C SER B 216 -15.55 12.79 -9.20
N LEU B 217 -16.29 13.15 -10.24
CA LEU B 217 -17.76 13.07 -10.30
C LEU B 217 -18.14 11.73 -10.92
N VAL B 218 -18.66 10.87 -10.06
CA VAL B 218 -19.01 9.47 -10.33
C VAL B 218 -20.52 9.44 -10.55
N PRO B 219 -21.01 9.10 -11.75
CA PRO B 219 -22.45 9.03 -12.02
C PRO B 219 -23.19 7.97 -11.19
N LEU B 220 -24.23 8.39 -10.47
CA LEU B 220 -25.26 7.50 -9.87
C LEU B 220 -26.39 7.33 -10.90
N SER B 221 -26.12 6.50 -11.92
CA SER B 221 -27.13 5.97 -12.88
C SER B 221 -27.75 4.70 -12.27
N ASP B 222 -28.90 4.87 -11.58
CA ASP B 222 -29.96 3.83 -11.38
C ASP B 222 -31.17 4.48 -10.69
N PRO B 223 -32.25 4.81 -11.43
CA PRO B 223 -33.47 5.35 -10.83
C PRO B 223 -34.14 4.40 -9.82
N LYS B 224 -34.02 3.08 -10.02
CA LYS B 224 -34.60 2.04 -9.14
C LYS B 224 -33.69 1.85 -7.91
N LEU B 225 -33.10 2.94 -7.39
CA LEU B 225 -32.15 2.92 -6.25
C LEU B 225 -32.26 4.23 -5.49
N ALA B 226 -32.18 4.20 -4.15
CA ALA B 226 -32.13 5.45 -3.38
C ALA B 226 -31.30 5.32 -2.12
N VAL B 227 -31.07 6.46 -1.50
CA VAL B 227 -30.40 6.65 -0.20
C VAL B 227 -31.45 7.09 0.84
N LEU B 228 -31.65 6.27 1.87
CA LEU B 228 -32.52 6.60 3.02
C LEU B 228 -31.62 7.07 4.15
N ILE B 229 -31.78 8.32 4.57
CA ILE B 229 -31.06 8.94 5.72
C ILE B 229 -32.00 8.82 6.88
N THR B 230 -31.52 8.24 7.96
CA THR B 230 -32.29 8.04 9.20
C THR B 230 -31.56 8.81 10.28
N ASN B 231 -32.25 9.79 10.85
CA ASN B 231 -31.75 10.60 11.97
C ASN B 231 -32.21 9.88 13.23
N SER B 232 -31.27 9.56 14.10
CA SER B 232 -31.50 8.98 15.44
C SER B 232 -32.16 10.01 16.37
N ASN B 233 -32.00 11.31 16.09
CA ASN B 233 -32.58 12.43 16.90
C ASN B 233 -31.94 12.41 18.29
N VAL B 234 -30.71 11.91 18.37
CA VAL B 234 -29.87 11.87 19.60
C VAL B 234 -28.53 12.54 19.27
N ARG B 235 -27.99 13.30 20.24
CA ARG B 235 -26.57 13.79 20.28
C ARG B 235 -26.05 13.57 21.72
N HIS B 236 -25.04 12.70 21.86
CA HIS B 236 -24.30 12.39 23.12
C HIS B 236 -23.22 13.46 23.40
N SER B 237 -22.75 13.55 24.65
CA SER B 237 -21.65 14.46 25.11
C SER B 237 -20.27 13.93 24.68
N LEU B 238 -20.21 12.74 24.06
CA LEU B 238 -18.97 12.12 23.47
C LEU B 238 -18.66 12.80 22.12
N ALA B 239 -19.68 13.25 21.38
CA ALA B 239 -19.54 14.20 20.26
C ALA B 239 -19.10 15.56 20.82
N SER B 240 -18.26 16.29 20.08
CA SER B 240 -17.69 17.61 20.49
C SER B 240 -16.68 17.43 21.64
N SER B 241 -16.03 16.26 21.72
CA SER B 241 -14.95 15.95 22.71
C SER B 241 -14.04 14.83 22.17
N GLU B 242 -14.60 13.79 21.55
CA GLU B 242 -13.87 12.58 21.03
C GLU B 242 -13.32 12.82 19.61
N TYR B 243 -13.99 13.62 18.76
CA TYR B 243 -13.52 13.97 17.39
C TYR B 243 -12.04 14.35 17.49
N PRO B 244 -11.67 15.43 18.24
CA PRO B 244 -10.26 15.83 18.38
C PRO B 244 -9.31 14.84 19.07
N VAL B 245 -9.83 13.89 19.86
CA VAL B 245 -8.98 12.88 20.58
C VAL B 245 -8.55 11.81 19.56
N ARG B 246 -9.48 11.39 18.68
CA ARG B 246 -9.24 10.43 17.57
C ARG B 246 -8.18 11.01 16.61
N ARG B 247 -8.37 12.27 16.19
CA ARG B 247 -7.42 12.99 15.29
C ARG B 247 -6.00 12.81 15.88
N ARG B 248 -5.82 13.12 17.17
CA ARG B 248 -4.53 12.96 17.91
C ARG B 248 -4.01 11.51 17.80
N GLN B 249 -4.85 10.47 18.00
CA GLN B 249 -4.40 9.05 18.09
C GLN B 249 -3.83 8.54 16.75
N CYS B 250 -4.48 8.85 15.64
CA CYS B 250 -4.05 8.49 14.25
C CYS B 250 -2.66 9.06 13.93
N GLU B 251 -2.45 10.35 14.20
CA GLU B 251 -1.14 11.06 14.05
C GLU B 251 -0.05 10.25 14.78
N GLU B 252 -0.29 9.86 16.04
CA GLU B 252 0.67 9.09 16.88
C GLU B 252 1.08 7.77 16.19
N VAL B 253 0.17 7.06 15.49
CA VAL B 253 0.49 5.73 14.85
C VAL B 253 1.24 5.95 13.53
N ALA B 254 0.86 6.93 12.73
CA ALA B 254 1.60 7.31 11.50
C ALA B 254 3.08 7.59 11.86
N ARG B 255 3.30 8.38 12.92
CA ARG B 255 4.65 8.75 13.44
C ARG B 255 5.40 7.44 13.74
N ALA B 256 4.88 6.66 14.68
CA ALA B 256 5.43 5.36 15.17
C ALA B 256 5.83 4.46 13.98
N LEU B 257 5.02 4.42 12.91
CA LEU B 257 5.25 3.54 11.73
C LEU B 257 6.12 4.27 10.70
N GLY B 258 6.43 5.54 10.93
CA GLY B 258 7.40 6.30 10.12
C GLY B 258 6.80 6.71 8.78
N ALA B 259 5.56 7.19 8.81
CA ALA B 259 4.77 7.63 7.62
C ALA B 259 4.21 9.03 7.86
N ALA B 260 4.04 9.80 6.80
CA ALA B 260 3.48 11.16 6.88
C ALA B 260 2.02 11.05 7.36
N SER B 261 1.26 10.11 6.80
CA SER B 261 -0.15 9.89 7.22
C SER B 261 -0.51 8.40 7.11
N LEU B 262 -1.67 8.01 7.62
CA LEU B 262 -2.14 6.62 7.51
C LEU B 262 -2.48 6.32 6.04
N ARG B 263 -2.55 7.36 5.20
CA ARG B 263 -2.66 7.15 3.74
C ARG B 263 -1.42 6.37 3.25
N GLU B 264 -0.28 6.54 3.91
CA GLU B 264 1.02 5.93 3.51
C GLU B 264 1.15 4.50 4.05
N VAL B 265 0.27 4.07 4.97
CA VAL B 265 0.32 2.78 5.70
C VAL B 265 -0.56 1.73 5.00
N GLN B 266 0.04 0.64 4.56
CA GLN B 266 -0.64 -0.55 3.97
C GLN B 266 -1.26 -1.39 5.10
N LEU B 267 -2.46 -1.91 4.88
CA LEU B 267 -3.20 -2.69 5.91
C LEU B 267 -2.36 -3.89 6.35
N GLU B 268 -1.70 -4.61 5.44
CA GLU B 268 -1.03 -5.90 5.82
C GLU B 268 0.22 -5.53 6.65
N GLU B 269 0.93 -4.48 6.25
CA GLU B 269 2.14 -3.97 6.97
C GLU B 269 1.76 -3.51 8.38
N LEU B 270 0.64 -2.82 8.54
CA LEU B 270 0.15 -2.41 9.87
C LEU B 270 -0.09 -3.63 10.79
N GLU B 271 -0.76 -4.69 10.32
CA GLU B 271 -1.31 -5.77 11.21
C GLU B 271 -0.15 -6.60 11.80
N ALA B 272 1.07 -6.39 11.29
CA ALA B 272 2.33 -6.98 11.79
C ALA B 272 3.05 -6.04 12.78
N ALA B 273 2.63 -4.77 12.87
CA ALA B 273 3.31 -3.68 13.62
C ALA B 273 2.65 -3.47 15.01
N ARG B 274 2.02 -4.51 15.54
CA ARG B 274 1.34 -4.48 16.85
C ARG B 274 2.30 -4.16 18.01
N ASP B 275 3.59 -4.46 17.92
CA ASP B 275 4.48 -4.18 19.06
C ASP B 275 4.99 -2.73 18.97
N LEU B 276 4.77 -2.03 17.86
CA LEU B 276 5.19 -0.62 17.72
C LEU B 276 4.15 0.36 18.28
N VAL B 277 2.90 -0.04 18.55
CA VAL B 277 1.85 0.94 18.93
C VAL B 277 0.90 0.41 20.01
N SER B 278 0.19 1.34 20.67
CA SER B 278 -0.84 1.08 21.73
C SER B 278 -1.95 0.17 21.16
N LYS B 279 -2.64 -0.57 22.03
CA LYS B 279 -3.71 -1.47 21.55
C LYS B 279 -4.76 -0.59 20.89
N GLU B 280 -4.99 0.59 21.46
CA GLU B 280 -6.07 1.52 21.00
C GLU B 280 -5.61 2.16 19.70
N GLY B 281 -4.38 2.65 19.64
CA GLY B 281 -3.80 3.23 18.42
C GLY B 281 -3.91 2.28 17.25
N PHE B 282 -3.60 0.99 17.49
CA PHE B 282 -3.67 -0.08 16.46
C PHE B 282 -5.07 -0.15 15.88
N ARG B 283 -6.09 -0.12 16.72
CA ARG B 283 -7.51 -0.30 16.31
C ARG B 283 -7.97 0.94 15.50
N ARG B 284 -7.60 2.14 15.95
CA ARG B 284 -7.98 3.38 15.22
C ARG B 284 -7.34 3.32 13.82
N ALA B 285 -6.07 2.94 13.74
CA ALA B 285 -5.33 2.90 12.45
C ALA B 285 -5.94 1.82 11.57
N ARG B 286 -6.38 0.73 12.16
CA ARG B 286 -6.93 -0.37 11.34
C ARG B 286 -8.23 0.15 10.76
N HIS B 287 -9.03 0.85 11.55
CA HIS B 287 -10.24 1.50 11.01
C HIS B 287 -9.83 2.32 9.79
N VAL B 288 -8.89 3.24 9.96
CA VAL B 288 -8.63 4.30 8.94
C VAL B 288 -8.05 3.65 7.69
N VAL B 289 -7.04 2.77 7.85
CA VAL B 289 -6.34 2.11 6.71
C VAL B 289 -7.33 1.23 5.95
N GLY B 290 -8.10 0.44 6.68
CA GLY B 290 -9.18 -0.39 6.12
C GLY B 290 -10.23 0.46 5.44
N GLU B 291 -10.58 1.60 6.04
CA GLU B 291 -11.66 2.45 5.47
C GLU B 291 -11.16 3.04 4.15
N ILE B 292 -9.90 3.42 4.06
CA ILE B 292 -9.35 3.97 2.80
C ILE B 292 -9.48 2.95 1.65
N ARG B 293 -9.16 1.68 1.94
CA ARG B 293 -9.18 0.60 0.93
C ARG B 293 -10.64 0.38 0.57
N ARG B 294 -11.52 0.30 1.54
CA ARG B 294 -12.97 0.05 1.28
C ARG B 294 -13.55 1.16 0.39
N THR B 295 -13.07 2.41 0.51
CA THR B 295 -13.58 3.60 -0.23
C THR B 295 -13.17 3.51 -1.71
N ALA B 296 -11.92 3.12 -1.99
CA ALA B 296 -11.48 2.80 -3.37
C ALA B 296 -12.33 1.63 -3.88
N GLN B 297 -12.57 0.61 -3.06
CA GLN B 297 -13.36 -0.57 -3.54
C GLN B 297 -14.82 -0.16 -3.77
N ALA B 298 -15.33 0.73 -2.92
CA ALA B 298 -16.68 1.36 -3.05
C ALA B 298 -16.82 2.12 -4.38
N ALA B 299 -15.90 3.05 -4.65
CA ALA B 299 -15.91 3.81 -5.92
C ALA B 299 -15.98 2.82 -7.09
N ALA B 300 -15.06 1.83 -7.14
CA ALA B 300 -14.99 0.79 -8.20
C ALA B 300 -16.36 0.11 -8.34
N ALA B 301 -17.00 -0.25 -7.25
CA ALA B 301 -18.33 -0.89 -7.31
C ALA B 301 -19.36 0.08 -7.91
N LEU B 302 -19.28 1.35 -7.55
CA LEU B 302 -20.19 2.38 -8.10
C LEU B 302 -20.05 2.35 -9.64
N ARG B 303 -18.81 2.44 -10.16
CA ARG B 303 -18.54 2.55 -11.62
C ARG B 303 -19.16 1.40 -12.43
N ARG B 304 -19.33 0.22 -11.86
CA ARG B 304 -19.80 -0.97 -12.60
C ARG B 304 -21.24 -1.31 -12.19
N GLY B 305 -21.90 -0.46 -11.38
CA GLY B 305 -23.29 -0.65 -10.95
C GLY B 305 -23.41 -1.74 -9.91
N ASP B 306 -22.31 -2.11 -9.24
CA ASP B 306 -22.36 -3.22 -8.25
C ASP B 306 -22.82 -2.66 -6.90
N TYR B 307 -24.12 -2.46 -6.76
CA TYR B 307 -24.79 -1.85 -5.58
C TYR B 307 -24.83 -2.84 -4.43
N ARG B 308 -25.03 -4.12 -4.73
CA ARG B 308 -24.95 -5.19 -3.70
C ARG B 308 -23.58 -5.08 -3.03
N ALA B 309 -22.49 -4.82 -3.79
CA ALA B 309 -21.10 -4.88 -3.24
C ALA B 309 -20.85 -3.58 -2.47
N PHE B 310 -21.30 -2.45 -3.00
CA PHE B 310 -21.26 -1.15 -2.31
C PHE B 310 -21.82 -1.33 -0.88
N GLY B 311 -22.94 -2.02 -0.80
CA GLY B 311 -23.73 -2.15 0.43
C GLY B 311 -23.00 -2.99 1.44
N ARG B 312 -22.42 -4.12 0.99
CA ARG B 312 -21.57 -4.97 1.86
C ARG B 312 -20.41 -4.08 2.36
N LEU B 313 -19.80 -3.25 1.52
CA LEU B 313 -18.65 -2.42 1.96
C LEU B 313 -19.10 -1.36 3.00
N MET B 314 -20.31 -0.82 2.86
CA MET B 314 -20.89 0.14 3.83
C MET B 314 -21.06 -0.56 5.18
N VAL B 315 -21.52 -1.81 5.16
CA VAL B 315 -21.76 -2.56 6.43
C VAL B 315 -20.41 -2.80 7.12
N GLU B 316 -19.37 -3.21 6.37
CA GLU B 316 -17.98 -3.38 6.89
C GLU B 316 -17.52 -2.04 7.51
N SER B 317 -17.79 -0.91 6.84
CA SER B 317 -17.47 0.46 7.31
C SER B 317 -18.09 0.62 8.70
N HIS B 318 -19.37 0.27 8.82
CA HIS B 318 -20.10 0.43 10.09
C HIS B 318 -19.43 -0.40 11.19
N ARG B 319 -19.08 -1.65 10.87
CA ARG B 319 -18.57 -2.60 11.89
C ARG B 319 -17.26 -2.02 12.38
N SER B 320 -16.46 -1.47 11.47
CA SER B 320 -15.11 -0.90 11.74
C SER B 320 -15.23 0.37 12.61
N LEU B 321 -16.23 1.21 12.34
CA LEU B 321 -16.48 2.46 13.11
C LEU B 321 -17.01 2.09 14.49
N ARG B 322 -17.86 1.06 14.56
CA ARG B 322 -18.42 0.62 15.86
C ARG B 322 -17.32 0.01 16.75
N ASP B 323 -16.51 -0.94 16.24
CA ASP B 323 -15.60 -1.78 17.08
C ASP B 323 -14.18 -1.21 17.12
N ASP B 324 -13.61 -0.81 15.98
CA ASP B 324 -12.20 -0.36 15.89
C ASP B 324 -12.10 1.14 16.19
N TYR B 325 -12.93 2.00 15.55
CA TYR B 325 -12.81 3.47 15.78
C TYR B 325 -13.68 3.88 16.97
N GLU B 326 -14.68 3.07 17.32
CA GLU B 326 -15.60 3.29 18.48
C GLU B 326 -16.18 4.70 18.45
N VAL B 327 -16.92 5.04 17.39
CA VAL B 327 -17.59 6.36 17.31
C VAL B 327 -19.07 6.14 17.02
N SER B 328 -19.57 4.89 17.11
CA SER B 328 -21.02 4.60 17.01
C SER B 328 -21.68 4.81 18.39
N CYS B 329 -22.96 4.47 18.49
CA CYS B 329 -23.71 4.44 19.78
C CYS B 329 -24.84 3.43 19.64
N PRO B 330 -25.46 3.00 20.76
CA PRO B 330 -26.48 1.94 20.68
C PRO B 330 -27.62 2.31 19.72
N GLU B 331 -27.93 3.61 19.55
CA GLU B 331 -29.00 4.13 18.66
C GLU B 331 -28.68 3.85 17.18
N LEU B 332 -27.48 4.24 16.77
CA LEU B 332 -27.00 4.04 15.39
C LEU B 332 -26.95 2.53 15.11
N ASP B 333 -26.43 1.72 16.02
CA ASP B 333 -26.25 0.26 15.79
C ASP B 333 -27.64 -0.37 15.64
N GLN B 334 -28.58 -0.03 16.52
CA GLN B 334 -29.99 -0.51 16.44
C GLN B 334 -30.54 -0.08 15.07
N LEU B 335 -30.31 1.17 14.65
CA LEU B 335 -30.85 1.65 13.35
C LEU B 335 -30.26 0.85 12.19
N VAL B 336 -28.97 0.52 12.23
CA VAL B 336 -28.29 -0.27 11.15
C VAL B 336 -28.84 -1.71 11.10
N GLU B 337 -29.00 -2.38 12.25
CA GLU B 337 -29.54 -3.76 12.34
C GLU B 337 -30.93 -3.79 11.71
N ALA B 338 -31.77 -2.83 12.09
CA ALA B 338 -33.16 -2.78 11.59
C ALA B 338 -33.12 -2.72 10.06
N ALA B 339 -32.33 -1.79 9.52
CA ALA B 339 -32.29 -1.51 8.07
C ALA B 339 -31.84 -2.79 7.36
N LEU B 340 -30.84 -3.46 7.92
CA LEU B 340 -30.22 -4.64 7.30
C LEU B 340 -31.23 -5.78 7.24
N ALA B 341 -32.17 -5.81 8.17
CA ALA B 341 -33.24 -6.82 8.24
C ALA B 341 -34.32 -6.60 7.17
N VAL B 342 -34.29 -5.53 6.39
CA VAL B 342 -35.39 -5.22 5.44
C VAL B 342 -35.05 -5.65 4.02
N PRO B 343 -35.85 -6.51 3.35
CA PRO B 343 -35.57 -6.90 1.98
C PRO B 343 -35.53 -5.69 1.05
N GLY B 344 -34.63 -5.69 0.07
CA GLY B 344 -34.31 -4.54 -0.81
C GLY B 344 -33.20 -3.64 -0.27
N VAL B 345 -32.80 -3.77 1.00
CA VAL B 345 -31.71 -2.94 1.61
C VAL B 345 -30.39 -3.60 1.23
N TYR B 346 -29.47 -2.85 0.59
CA TYR B 346 -28.13 -3.34 0.18
C TYR B 346 -27.10 -3.14 1.29
N GLY B 347 -27.20 -2.06 2.04
CA GLY B 347 -26.28 -1.76 3.16
C GLY B 347 -26.75 -0.59 3.99
N SER B 348 -26.13 -0.41 5.15
CA SER B 348 -26.45 0.73 6.04
C SER B 348 -25.27 0.90 7.00
N ARG B 349 -25.03 2.13 7.43
CA ARG B 349 -23.93 2.50 8.33
C ARG B 349 -24.21 3.87 8.95
N MET B 350 -23.63 4.13 10.10
CA MET B 350 -23.56 5.53 10.55
C MET B 350 -22.83 6.34 9.46
N THR B 351 -23.20 7.60 9.32
CA THR B 351 -22.61 8.59 8.38
C THR B 351 -22.23 9.80 9.22
N GLY B 352 -21.30 10.64 8.77
CA GLY B 352 -20.81 11.74 9.61
C GLY B 352 -19.93 11.29 10.77
N GLY B 353 -19.78 12.17 11.77
CA GLY B 353 -18.76 12.08 12.85
C GLY B 353 -19.03 10.95 13.82
N GLY B 354 -20.29 10.81 14.21
CA GLY B 354 -20.80 9.70 15.04
C GLY B 354 -21.33 10.21 16.36
N PHE B 355 -21.64 9.29 17.27
CA PHE B 355 -22.13 9.60 18.63
C PHE B 355 -23.54 10.19 18.50
N GLY B 356 -24.22 9.79 17.42
CA GLY B 356 -25.59 10.21 17.11
C GLY B 356 -25.70 10.61 15.67
N GLY B 357 -26.55 11.58 15.41
CA GLY B 357 -26.92 11.95 14.03
C GLY B 357 -27.48 10.72 13.32
N CYS B 358 -27.03 10.51 12.08
CA CYS B 358 -27.79 9.78 11.04
C CYS B 358 -27.07 8.51 10.62
N THR B 359 -27.87 7.59 10.07
CA THR B 359 -27.44 6.44 9.24
C THR B 359 -27.74 6.77 7.79
N VAL B 360 -26.97 6.18 6.88
CA VAL B 360 -27.30 6.18 5.43
C VAL B 360 -27.56 4.73 5.02
N THR B 361 -28.60 4.52 4.23
CA THR B 361 -28.98 3.17 3.78
C THR B 361 -29.07 3.23 2.27
N LEU B 362 -28.36 2.35 1.54
CA LEU B 362 -28.61 2.20 0.09
C LEU B 362 -29.62 1.08 -0.10
N LEU B 363 -30.71 1.30 -0.85
CA LEU B 363 -31.80 0.29 -0.98
C LEU B 363 -32.59 0.52 -2.27
N GLU B 364 -33.29 -0.53 -2.76
CA GLU B 364 -34.24 -0.39 -3.89
C GLU B 364 -35.27 0.65 -3.47
N ALA B 365 -35.54 1.64 -4.32
CA ALA B 365 -36.58 2.67 -4.12
C ALA B 365 -37.88 2.08 -3.55
N SER B 366 -38.44 1.05 -4.19
CA SER B 366 -39.78 0.48 -3.88
C SER B 366 -39.81 -0.15 -2.48
N ALA B 367 -38.66 -0.39 -1.88
CA ALA B 367 -38.53 -0.99 -0.53
C ALA B 367 -38.49 0.12 0.52
N ALA B 368 -38.38 1.39 0.13
CA ALA B 368 -38.17 2.49 1.08
C ALA B 368 -39.35 2.60 2.05
N PRO B 369 -40.60 2.43 1.58
CA PRO B 369 -41.76 2.36 2.47
C PRO B 369 -41.70 1.23 3.51
N HIS B 370 -41.47 -0.03 3.12
CA HIS B 370 -41.26 -1.11 4.12
C HIS B 370 -40.14 -0.68 5.08
N ALA B 371 -39.05 -0.13 4.54
CA ALA B 371 -37.83 0.09 5.34
C ALA B 371 -38.17 1.07 6.46
N MET B 372 -38.93 2.10 6.12
CA MET B 372 -39.25 3.17 7.10
C MET B 372 -40.16 2.60 8.19
N ARG B 373 -41.19 1.81 7.85
CA ARG B 373 -42.08 1.22 8.88
C ARG B 373 -41.18 0.42 9.85
N HIS B 374 -40.33 -0.45 9.31
CA HIS B 374 -39.54 -1.40 10.12
C HIS B 374 -38.58 -0.66 11.06
N ILE B 375 -37.79 0.25 10.51
CA ILE B 375 -36.75 0.99 11.29
C ILE B 375 -37.44 1.69 12.48
N GLN B 376 -38.56 2.38 12.27
CA GLN B 376 -39.22 3.19 13.33
C GLN B 376 -39.75 2.28 14.43
N GLU B 377 -40.27 1.11 14.04
CA GLU B 377 -40.93 0.16 14.98
C GLU B 377 -39.85 -0.50 15.81
N HIS B 378 -38.70 -0.78 15.18
CA HIS B 378 -37.60 -1.54 15.81
C HIS B 378 -36.62 -0.58 16.50
N TYR B 379 -36.93 0.72 16.53
CA TYR B 379 -36.06 1.78 17.13
C TYR B 379 -36.76 2.35 18.36
N GLY B 380 -36.05 2.37 19.49
CA GLY B 380 -36.59 2.81 20.79
C GLY B 380 -36.99 4.27 20.77
N GLY B 381 -36.28 5.08 19.98
CA GLY B 381 -36.51 6.53 19.88
C GLY B 381 -37.46 6.83 18.74
N THR B 382 -37.41 8.10 18.32
CA THR B 382 -38.17 8.69 17.20
C THR B 382 -37.20 8.90 16.03
N ALA B 383 -37.25 8.01 15.04
CA ALA B 383 -36.47 8.16 13.79
C ALA B 383 -37.14 9.24 12.96
N THR B 384 -36.33 10.05 12.30
CA THR B 384 -36.73 10.89 11.15
C THR B 384 -36.06 10.37 9.87
N PHE B 385 -36.79 10.40 8.77
CA PHE B 385 -36.32 9.91 7.45
C PHE B 385 -36.22 11.04 6.42
N TYR B 386 -35.16 11.05 5.62
CA TYR B 386 -35.06 11.70 4.27
C TYR B 386 -34.75 10.66 3.20
N LEU B 387 -35.42 10.75 2.06
CA LEU B 387 -35.06 10.03 0.82
C LEU B 387 -34.40 11.03 -0.11
N SER B 388 -33.13 10.89 -0.47
CA SER B 388 -32.41 11.85 -1.36
C SER B 388 -31.78 11.11 -2.53
N GLN B 389 -31.80 11.72 -3.71
CA GLN B 389 -30.82 11.35 -4.76
C GLN B 389 -29.65 12.35 -4.61
N ALA B 390 -28.67 12.26 -5.50
CA ALA B 390 -27.47 13.10 -5.47
C ALA B 390 -27.92 14.48 -5.93
N ALA B 391 -27.64 15.54 -5.17
CA ALA B 391 -28.11 16.90 -5.48
C ALA B 391 -26.95 17.77 -5.98
N ASP B 392 -27.31 18.94 -6.51
CA ASP B 392 -26.37 20.00 -6.91
C ASP B 392 -25.60 20.51 -5.70
N GLY B 393 -24.39 21.01 -5.97
CA GLY B 393 -23.65 21.89 -5.07
C GLY B 393 -24.19 23.31 -5.09
N ALA B 394 -23.38 24.25 -4.59
CA ALA B 394 -23.66 25.70 -4.45
C ALA B 394 -24.17 26.26 -5.78
N LYS B 395 -25.27 26.99 -5.77
CA LYS B 395 -25.68 27.71 -6.98
C LYS B 395 -26.30 29.06 -6.64
N VAL B 396 -26.51 29.83 -7.72
CA VAL B 396 -26.94 31.25 -7.75
C VAL B 396 -28.16 31.35 -8.66
N LEU B 397 -29.21 32.03 -8.20
CA LEU B 397 -30.36 32.46 -9.03
C LEU B 397 -30.53 33.97 -8.85
N CYS B 398 -30.34 34.73 -9.93
CA CYS B 398 -30.52 36.21 -9.94
C CYS B 398 -32.01 36.52 -9.86
N LEU B 399 -32.40 37.37 -8.92
CA LEU B 399 -33.82 37.73 -8.71
C LEU B 399 -34.08 39.14 -9.25
N ALA C 9 44.42 -3.28 20.83
CA ALA C 9 43.62 -3.03 22.07
C ALA C 9 42.54 -4.11 22.19
N ALA C 10 41.89 -4.52 21.09
CA ALA C 10 40.90 -5.63 21.08
C ALA C 10 41.61 -6.98 21.33
N LEU C 11 41.13 -7.77 22.30
CA LEU C 11 41.59 -9.17 22.55
C LEU C 11 41.35 -9.96 21.25
N ARG C 12 42.35 -10.70 20.75
CA ARG C 12 42.25 -11.47 19.48
C ARG C 12 41.18 -12.57 19.68
N GLN C 13 40.56 -12.96 18.57
CA GLN C 13 39.42 -13.91 18.51
C GLN C 13 39.90 -15.05 17.62
N PRO C 14 40.38 -16.19 18.18
CA PRO C 14 40.87 -17.26 17.34
C PRO C 14 39.72 -17.71 16.42
N GLN C 15 40.02 -17.90 15.15
CA GLN C 15 39.12 -18.57 14.17
C GLN C 15 38.87 -20.01 14.65
N VAL C 16 37.75 -20.59 14.21
CA VAL C 16 37.37 -21.99 14.54
C VAL C 16 38.56 -22.90 14.19
N ALA C 17 39.19 -22.73 13.03
CA ALA C 17 40.32 -23.56 12.57
C ALA C 17 41.36 -23.77 13.68
N GLU C 18 41.75 -22.68 14.36
CA GLU C 18 42.82 -22.60 15.40
C GLU C 18 42.32 -23.30 16.67
N LEU C 19 41.05 -23.11 17.01
CA LEU C 19 40.41 -23.82 18.15
C LEU C 19 40.32 -25.31 17.84
N LEU C 20 39.82 -25.67 16.65
CA LEU C 20 39.77 -27.07 16.15
C LEU C 20 41.13 -27.76 16.31
N ALA C 21 42.20 -27.16 15.80
CA ALA C 21 43.56 -27.74 15.77
C ALA C 21 44.06 -27.93 17.21
N GLU C 22 43.78 -26.97 18.11
CA GLU C 22 44.08 -27.07 19.56
C GLU C 22 43.29 -28.25 20.13
N ALA C 23 41.96 -28.31 19.92
CA ALA C 23 41.11 -29.42 20.43
C ALA C 23 41.63 -30.78 19.95
N ARG C 24 41.96 -30.88 18.66
CA ARG C 24 42.47 -32.10 17.97
C ARG C 24 43.76 -32.59 18.63
N ARG C 25 44.75 -31.69 18.80
CA ARG C 25 46.10 -32.04 19.34
C ARG C 25 45.89 -32.59 20.76
N ALA C 26 45.09 -31.87 21.57
CA ALA C 26 44.85 -32.23 22.98
C ALA C 26 44.15 -33.59 23.03
N PHE C 27 43.17 -33.84 22.14
CA PHE C 27 42.43 -35.12 22.06
C PHE C 27 43.38 -36.30 21.77
N ARG C 28 44.21 -36.16 20.75
CA ARG C 28 45.20 -37.17 20.28
C ARG C 28 46.14 -37.49 21.45
N GLU C 29 46.62 -36.45 22.16
CA GLU C 29 47.54 -36.59 23.30
C GLU C 29 46.80 -37.33 24.42
N GLU C 30 45.55 -36.96 24.71
CA GLU C 30 44.76 -37.48 25.86
C GLU C 30 44.28 -38.91 25.61
N PHE C 31 43.84 -39.24 24.39
CA PHE C 31 43.12 -40.52 24.11
C PHE C 31 43.89 -41.47 23.18
N GLY C 32 45.03 -41.08 22.62
CA GLY C 32 45.87 -41.98 21.78
C GLY C 32 45.31 -42.25 20.39
N ALA C 33 44.35 -41.45 19.94
CA ALA C 33 43.67 -41.59 18.63
C ALA C 33 43.17 -40.21 18.19
N GLU C 34 43.05 -39.99 16.88
CA GLU C 34 42.40 -38.80 16.28
C GLU C 34 40.93 -38.81 16.69
N PRO C 35 40.35 -37.65 17.06
CA PRO C 35 38.90 -37.55 17.28
C PRO C 35 38.17 -37.76 15.95
N GLU C 36 36.93 -38.22 16.02
CA GLU C 36 36.12 -38.57 14.81
C GLU C 36 35.23 -37.39 14.39
N LEU C 37 34.78 -36.54 15.34
CA LEU C 37 33.84 -35.41 15.11
C LEU C 37 34.38 -34.12 15.74
N ALA C 38 33.98 -32.98 15.14
CA ALA C 38 34.11 -31.62 15.70
C ALA C 38 32.79 -30.89 15.58
N VAL C 39 32.44 -30.13 16.60
CA VAL C 39 31.25 -29.24 16.60
C VAL C 39 31.72 -27.92 17.20
N SER C 40 31.08 -26.82 16.79
CA SER C 40 31.26 -25.49 17.41
C SER C 40 29.91 -24.90 17.76
N ALA C 41 29.88 -24.06 18.77
CA ALA C 41 28.70 -23.28 19.19
C ALA C 41 29.23 -21.97 19.71
N PRO C 42 28.67 -20.81 19.27
CA PRO C 42 29.15 -19.51 19.71
C PRO C 42 28.48 -19.01 20.98
N GLY C 43 29.18 -18.07 21.62
CA GLY C 43 28.60 -17.13 22.59
C GLY C 43 27.85 -16.02 21.84
N ARG C 44 27.37 -15.05 22.59
CA ARG C 44 26.39 -14.09 22.04
C ARG C 44 26.55 -12.73 22.70
N VAL C 45 26.13 -11.72 21.95
CA VAL C 45 25.78 -10.37 22.48
C VAL C 45 24.32 -10.07 22.12
N ASN C 46 23.59 -9.57 23.11
CA ASN C 46 22.22 -9.05 22.90
C ASN C 46 22.32 -7.57 22.47
N LEU C 47 22.03 -7.25 21.23
CA LEU C 47 22.07 -5.83 20.79
C LEU C 47 21.03 -5.02 21.58
N ILE C 48 19.84 -5.59 21.82
CA ILE C 48 18.74 -4.91 22.56
C ILE C 48 17.64 -5.94 22.83
N GLY C 49 16.86 -5.71 23.88
CA GLY C 49 15.76 -6.57 24.34
C GLY C 49 16.21 -7.34 25.57
N GLU C 50 16.52 -6.62 26.63
CA GLU C 50 17.06 -7.21 27.87
C GLU C 50 15.94 -7.44 28.89
N HIS C 51 15.99 -8.61 29.49
CA HIS C 51 15.02 -9.14 30.49
C HIS C 51 13.63 -9.18 29.88
N THR C 52 13.53 -9.49 28.59
CA THR C 52 12.27 -9.73 27.85
C THR C 52 12.07 -11.23 27.50
N ASP C 53 13.13 -12.03 27.31
CA ASP C 53 12.94 -13.45 26.85
C ASP C 53 12.00 -14.20 27.80
N TYR C 54 12.21 -14.15 29.12
CA TYR C 54 11.35 -14.87 30.11
C TYR C 54 10.03 -14.13 30.34
N ASN C 55 9.82 -13.00 29.67
CA ASN C 55 8.54 -12.24 29.71
C ASN C 55 7.80 -12.41 28.39
N GLN C 56 8.25 -13.37 27.57
CA GLN C 56 7.67 -13.72 26.26
C GLN C 56 7.73 -12.49 25.35
N GLY C 57 8.83 -11.76 25.44
CA GLY C 57 9.06 -10.51 24.69
C GLY C 57 9.84 -10.73 23.42
N LEU C 58 10.55 -9.70 23.01
CA LEU C 58 11.36 -9.69 21.78
C LEU C 58 12.81 -9.52 22.20
N VAL C 59 13.72 -10.25 21.58
CA VAL C 59 15.18 -10.07 21.79
C VAL C 59 15.86 -9.95 20.43
N LEU C 60 16.99 -9.26 20.39
CA LEU C 60 17.74 -9.09 19.11
C LEU C 60 19.22 -9.36 19.39
N PRO C 61 19.58 -10.64 19.65
CA PRO C 61 20.99 -11.03 19.77
C PRO C 61 21.69 -11.29 18.43
N MET C 62 23.02 -11.35 18.46
CA MET C 62 23.83 -11.92 17.36
C MET C 62 24.91 -12.87 17.94
N ALA C 63 25.24 -13.93 17.22
CA ALA C 63 26.31 -14.87 17.62
C ALA C 63 27.65 -14.21 17.40
N LEU C 64 28.59 -14.44 18.31
CA LEU C 64 29.96 -13.86 18.27
C LEU C 64 30.90 -14.85 17.60
N GLU C 65 32.08 -14.38 17.15
CA GLU C 65 33.22 -15.23 16.68
C GLU C 65 33.89 -15.93 17.88
N LEU C 66 33.63 -15.49 19.11
CA LEU C 66 33.99 -16.24 20.33
C LEU C 66 33.12 -17.53 20.37
N MET C 67 33.73 -18.70 20.60
CA MET C 67 32.96 -19.96 20.52
C MET C 67 33.55 -21.07 21.39
N THR C 68 32.75 -22.12 21.58
CA THR C 68 33.12 -23.38 22.26
C THR C 68 33.20 -24.46 21.17
N VAL C 69 34.29 -25.21 21.15
CA VAL C 69 34.53 -26.33 20.18
C VAL C 69 34.67 -27.59 21.01
N LEU C 70 33.90 -28.63 20.67
CA LEU C 70 34.08 -30.01 21.16
C LEU C 70 34.67 -30.84 20.03
N VAL C 71 35.73 -31.62 20.29
CA VAL C 71 36.12 -32.72 19.37
C VAL C 71 36.01 -34.03 20.18
N GLY C 72 35.55 -35.10 19.54
CA GLY C 72 35.14 -36.32 20.26
C GLY C 72 35.03 -37.53 19.37
N SER C 73 34.75 -38.67 19.99
CA SER C 73 34.42 -39.96 19.36
C SER C 73 33.44 -40.74 20.22
N PRO C 74 32.57 -41.57 19.63
CA PRO C 74 31.68 -42.44 20.40
C PRO C 74 32.56 -43.44 21.16
N ARG C 75 32.18 -43.91 22.36
CA ARG C 75 32.80 -45.14 22.95
C ARG C 75 31.78 -46.29 22.95
N LYS C 76 32.23 -47.52 23.22
CA LYS C 76 31.37 -48.74 23.24
C LYS C 76 31.01 -49.18 24.68
N ASP C 77 31.56 -48.54 25.73
CA ASP C 77 31.47 -48.95 27.17
C ASP C 77 30.53 -48.10 28.05
N GLY C 78 29.80 -47.11 27.53
CA GLY C 78 28.80 -46.38 28.33
C GLY C 78 29.38 -45.29 29.22
N LEU C 79 30.69 -45.02 29.15
CA LEU C 79 31.32 -43.97 29.99
C LEU C 79 31.34 -42.66 29.21
N VAL C 80 31.38 -41.55 29.92
CA VAL C 80 31.70 -40.24 29.30
C VAL C 80 33.05 -39.82 29.87
N SER C 81 34.03 -39.53 29.02
CA SER C 81 35.37 -39.05 29.46
C SER C 81 35.62 -37.68 28.83
N LEU C 82 35.90 -36.69 29.68
CA LEU C 82 36.00 -35.26 29.27
C LEU C 82 37.33 -34.68 29.74
N LEU C 83 37.88 -33.80 28.90
CA LEU C 83 39.01 -32.88 29.15
C LEU C 83 38.62 -31.46 28.67
N THR C 84 38.89 -30.45 29.47
CA THR C 84 38.84 -29.05 29.02
C THR C 84 40.26 -28.50 29.16
N THR C 85 40.66 -27.63 28.26
CA THR C 85 41.88 -26.76 28.36
C THR C 85 41.50 -25.31 28.69
N SER C 86 40.22 -24.97 28.82
CA SER C 86 39.85 -23.56 29.15
C SER C 86 40.42 -23.20 30.52
N GLU C 87 41.36 -22.26 30.55
CA GLU C 87 41.71 -21.48 31.78
C GLU C 87 40.42 -20.75 32.23
N GLY C 88 40.23 -20.67 33.55
CA GLY C 88 38.94 -20.29 34.16
C GLY C 88 38.21 -21.51 34.65
N ALA C 89 38.25 -22.62 33.91
CA ALA C 89 37.60 -23.90 34.34
C ALA C 89 38.15 -24.32 35.71
N ASP C 90 37.26 -24.71 36.62
CA ASP C 90 37.63 -25.21 37.97
C ASP C 90 38.20 -26.63 37.88
N GLU C 91 39.00 -26.99 38.86
CA GLU C 91 39.66 -28.32 38.96
C GLU C 91 38.61 -29.38 39.26
N PRO C 92 38.78 -30.61 38.77
CA PRO C 92 39.84 -30.92 37.81
C PRO C 92 39.45 -30.61 36.36
N GLN C 93 40.43 -30.58 35.47
CA GLN C 93 40.27 -30.32 34.01
C GLN C 93 39.65 -31.55 33.31
N ARG C 94 39.68 -32.70 33.98
CA ARG C 94 39.19 -33.98 33.42
C ARG C 94 38.12 -34.53 34.33
N LEU C 95 37.14 -35.19 33.75
CA LEU C 95 36.07 -35.90 34.48
C LEU C 95 35.61 -37.08 33.66
N GLN C 96 35.33 -38.19 34.32
CA GLN C 96 34.66 -39.37 33.74
C GLN C 96 33.48 -39.75 34.64
N PHE C 97 32.40 -40.19 34.03
CA PHE C 97 31.17 -40.65 34.71
C PHE C 97 30.47 -41.57 33.73
N PRO C 98 29.66 -42.52 34.22
CA PRO C 98 28.85 -43.35 33.35
C PRO C 98 27.64 -42.56 32.86
N LEU C 99 27.09 -42.98 31.72
CA LEU C 99 25.83 -42.43 31.21
C LEU C 99 24.76 -42.61 32.28
N PRO C 100 23.81 -41.67 32.37
CA PRO C 100 22.66 -41.86 33.23
C PRO C 100 21.89 -43.08 32.69
N THR C 101 21.16 -43.72 33.60
CA THR C 101 20.14 -44.76 33.30
C THR C 101 18.82 -44.36 33.97
N ALA C 102 17.74 -45.10 33.74
CA ALA C 102 16.49 -45.00 34.55
C ALA C 102 16.85 -45.17 36.04
N GLN C 103 17.70 -46.16 36.36
CA GLN C 103 18.16 -46.50 37.75
C GLN C 103 18.81 -45.27 38.44
N ARG C 104 19.69 -44.50 37.76
CA ARG C 104 20.37 -43.33 38.40
C ARG C 104 20.70 -42.20 37.42
N SER C 105 20.30 -41.00 37.81
CA SER C 105 20.52 -39.74 37.07
C SER C 105 21.96 -39.30 37.26
N LEU C 106 22.45 -38.47 36.34
CA LEU C 106 23.61 -37.59 36.59
C LEU C 106 23.14 -36.56 37.62
N GLU C 107 24.11 -36.00 38.34
CA GLU C 107 23.91 -35.09 39.50
C GLU C 107 24.91 -33.95 39.32
N PRO C 108 24.48 -32.68 39.53
CA PRO C 108 25.42 -31.56 39.48
C PRO C 108 26.42 -31.73 40.62
N GLY C 109 27.66 -31.39 40.35
CA GLY C 109 28.68 -31.27 41.40
C GLY C 109 29.92 -30.58 40.89
N THR C 110 31.08 -31.13 41.28
CA THR C 110 32.44 -30.60 41.04
C THR C 110 33.03 -31.52 39.99
N PRO C 111 33.77 -31.02 38.98
CA PRO C 111 33.95 -29.58 38.78
C PRO C 111 32.70 -28.94 38.15
N ARG C 112 32.48 -27.66 38.44
CA ARG C 112 31.24 -26.95 37.99
C ARG C 112 31.16 -26.92 36.46
N TRP C 113 32.26 -26.88 35.71
CA TRP C 113 32.16 -26.74 34.23
C TRP C 113 31.50 -27.97 33.59
N ALA C 114 31.67 -29.17 34.16
CA ALA C 114 31.08 -30.42 33.61
C ALA C 114 29.57 -30.47 33.90
N ASN C 115 29.05 -29.64 34.81
CA ASN C 115 27.59 -29.58 35.09
C ASN C 115 26.81 -29.24 33.82
N TYR C 116 27.38 -28.45 32.92
CA TYR C 116 26.68 -28.02 31.69
C TYR C 116 26.52 -29.20 30.74
N VAL C 117 27.58 -29.98 30.63
CA VAL C 117 27.64 -31.18 29.74
C VAL C 117 26.75 -32.27 30.31
N LYS C 118 26.80 -32.51 31.62
CA LYS C 118 25.96 -33.54 32.30
C LYS C 118 24.46 -33.21 32.12
N GLY C 119 24.09 -31.93 32.30
CA GLY C 119 22.70 -31.45 32.14
C GLY C 119 22.15 -31.77 30.77
N VAL C 120 22.90 -31.45 29.74
CA VAL C 120 22.47 -31.71 28.32
C VAL C 120 22.30 -33.21 28.09
N ILE C 121 23.27 -34.01 28.55
CA ILE C 121 23.23 -35.50 28.45
C ILE C 121 21.98 -35.97 29.17
N GLN C 122 21.74 -35.51 30.40
CA GLN C 122 20.61 -36.00 31.25
C GLN C 122 19.29 -35.78 30.51
N TYR C 123 19.10 -34.61 29.89
CA TYR C 123 17.83 -34.24 29.22
C TYR C 123 17.87 -34.53 27.72
N TYR C 124 18.92 -35.19 27.18
CA TYR C 124 19.00 -35.46 25.73
C TYR C 124 17.79 -36.30 25.36
N PRO C 125 16.93 -35.87 24.42
CA PRO C 125 15.65 -36.57 24.23
C PRO C 125 15.69 -37.86 23.40
N ALA C 126 16.81 -38.24 22.80
CA ALA C 126 16.82 -39.43 21.92
C ALA C 126 17.70 -40.53 22.52
N ALA C 127 17.40 -41.78 22.18
CA ALA C 127 18.12 -43.01 22.60
C ALA C 127 18.29 -43.87 21.35
N PRO C 128 19.30 -44.77 21.27
CA PRO C 128 20.28 -44.97 22.33
C PRO C 128 21.47 -44.02 22.19
N LEU C 129 21.78 -43.31 23.27
CA LEU C 129 22.99 -42.46 23.37
C LEU C 129 24.15 -43.33 23.83
N PRO C 130 25.26 -43.43 23.06
CA PRO C 130 26.44 -44.16 23.52
C PRO C 130 27.27 -43.21 24.38
N GLY C 131 28.24 -43.80 25.10
CA GLY C 131 29.37 -43.09 25.72
C GLY C 131 30.20 -42.37 24.67
N PHE C 132 31.03 -41.43 25.11
CA PHE C 132 31.95 -40.74 24.18
C PHE C 132 33.13 -40.18 24.95
N SER C 133 34.19 -39.90 24.23
CA SER C 133 35.37 -39.13 24.73
C SER C 133 35.37 -37.79 24.01
N ALA C 134 35.61 -36.70 24.74
CA ALA C 134 35.64 -35.34 24.15
C ALA C 134 36.63 -34.43 24.85
N VAL C 135 37.20 -33.52 24.06
CA VAL C 135 37.94 -32.32 24.51
C VAL C 135 37.07 -31.09 24.22
N VAL C 136 37.02 -30.20 25.21
CA VAL C 136 36.26 -28.92 25.15
C VAL C 136 37.26 -27.78 25.23
N VAL C 137 37.23 -26.88 24.23
CA VAL C 137 38.00 -25.61 24.23
C VAL C 137 37.03 -24.46 23.96
N SER C 138 37.29 -23.28 24.49
CA SER C 138 36.43 -22.09 24.29
C SER C 138 37.25 -20.80 24.16
N SER C 139 36.79 -19.86 23.35
CA SER C 139 37.34 -18.47 23.31
C SER C 139 36.35 -17.54 24.02
N VAL C 140 35.23 -18.06 24.50
CA VAL C 140 34.20 -17.23 25.19
C VAL C 140 34.68 -17.12 26.63
N PRO C 141 34.86 -15.89 27.16
CA PRO C 141 35.44 -15.72 28.49
C PRO C 141 34.42 -16.29 29.47
N LEU C 142 34.87 -17.10 30.42
CA LEU C 142 33.99 -17.94 31.24
C LEU C 142 33.27 -17.03 32.23
N GLY C 143 31.94 -17.03 32.18
CA GLY C 143 31.14 -16.17 33.07
C GLY C 143 31.38 -14.66 32.88
N GLY C 144 31.88 -14.19 31.72
CA GLY C 144 32.09 -12.75 31.44
C GLY C 144 30.89 -12.04 30.80
N GLY C 145 29.79 -12.73 30.49
CA GLY C 145 28.50 -12.13 30.10
C GLY C 145 28.10 -12.38 28.65
N LEU C 146 28.91 -13.15 27.91
CA LEU C 146 28.68 -13.54 26.51
C LEU C 146 28.22 -14.99 26.33
N SER C 147 27.60 -15.56 27.36
CA SER C 147 26.92 -16.90 27.34
C SER C 147 27.91 -18.04 27.05
N SER C 148 29.00 -18.12 27.81
CA SER C 148 29.98 -19.23 27.73
C SER C 148 29.20 -20.53 27.98
N SER C 149 28.34 -20.57 29.00
CA SER C 149 27.58 -21.80 29.36
C SER C 149 26.63 -22.21 28.22
N ALA C 150 25.87 -21.28 27.63
CA ALA C 150 24.96 -21.63 26.52
C ALA C 150 25.78 -22.26 25.38
N SER C 151 26.95 -21.67 25.08
CA SER C 151 27.85 -22.17 24.01
C SER C 151 28.29 -23.59 24.34
N LEU C 152 28.63 -23.89 25.61
CA LEU C 152 29.05 -25.26 26.03
C LEU C 152 27.83 -26.20 25.93
N GLU C 153 26.68 -25.71 26.38
CA GLU C 153 25.44 -26.52 26.29
C GLU C 153 25.13 -26.83 24.82
N VAL C 154 25.14 -25.82 23.96
CA VAL C 154 24.69 -26.04 22.56
C VAL C 154 25.72 -26.86 21.81
N ALA C 155 27.02 -26.65 21.99
CA ALA C 155 28.06 -27.55 21.47
C ALA C 155 27.78 -28.97 21.96
N THR C 156 27.44 -29.15 23.23
CA THR C 156 27.28 -30.52 23.77
C THR C 156 26.11 -31.11 22.98
N TYR C 157 25.02 -30.35 22.88
CA TYR C 157 23.78 -30.89 22.26
C TYR C 157 24.06 -31.32 20.81
N THR C 158 24.81 -30.51 20.08
CA THR C 158 25.05 -30.74 18.63
C THR C 158 26.06 -31.89 18.47
N PHE C 159 26.92 -32.08 19.44
CA PHE C 159 27.76 -33.30 19.51
C PHE C 159 26.88 -34.57 19.70
N LEU C 160 25.95 -34.57 20.68
CA LEU C 160 25.06 -35.75 20.95
C LEU C 160 24.20 -36.06 19.72
N GLN C 161 23.86 -35.03 18.94
CA GLN C 161 23.08 -35.23 17.68
C GLN C 161 23.87 -36.14 16.73
N GLN C 162 25.20 -36.04 16.71
CA GLN C 162 26.05 -36.89 15.83
C GLN C 162 26.14 -38.32 16.41
N LEU C 163 26.11 -38.47 17.72
CA LEU C 163 26.10 -39.81 18.38
C LEU C 163 24.73 -40.45 18.17
N CYS C 164 23.67 -39.66 18.17
CA CYS C 164 22.29 -40.21 18.20
C CYS C 164 21.29 -39.15 17.74
N PRO C 165 21.04 -39.03 16.41
CA PRO C 165 20.21 -37.96 15.89
C PRO C 165 18.88 -37.85 16.65
N ASP C 166 18.53 -36.63 17.06
CA ASP C 166 17.19 -36.33 17.63
C ASP C 166 16.25 -36.18 16.43
N SER C 167 14.97 -36.13 16.65
CA SER C 167 14.08 -35.88 15.49
C SER C 167 13.29 -34.59 15.67
N GLY C 168 13.77 -33.64 16.48
CA GLY C 168 12.94 -32.51 16.94
C GLY C 168 13.31 -31.17 16.30
N THR C 169 12.83 -30.10 16.90
CA THR C 169 12.88 -28.72 16.37
C THR C 169 14.03 -28.00 17.06
N ILE C 170 14.33 -26.78 16.61
CA ILE C 170 15.43 -25.99 17.18
C ILE C 170 15.06 -25.56 18.60
N ALA C 171 13.78 -25.28 18.83
CA ALA C 171 13.23 -24.79 20.11
C ALA C 171 13.39 -25.86 21.18
N ALA C 172 12.93 -27.08 20.89
CA ALA C 172 13.08 -28.31 21.72
C ALA C 172 14.53 -28.49 22.11
N ARG C 173 15.49 -28.23 21.21
CA ARG C 173 16.93 -28.38 21.55
C ARG C 173 17.39 -27.26 22.46
N ALA C 174 16.93 -26.05 22.17
CA ALA C 174 17.16 -24.90 23.03
C ALA C 174 16.61 -25.15 24.45
N GLN C 175 15.41 -25.70 24.57
CA GLN C 175 14.74 -25.97 25.86
C GLN C 175 15.51 -27.04 26.66
N VAL C 176 16.06 -28.06 26.01
CA VAL C 176 16.97 -29.03 26.67
C VAL C 176 18.17 -28.28 27.26
N CYS C 177 18.82 -27.45 26.45
CA CYS C 177 20.02 -26.75 26.89
C CYS C 177 19.62 -25.84 28.04
N GLN C 178 18.46 -25.20 27.89
CA GLN C 178 17.88 -24.34 28.95
C GLN C 178 17.60 -25.20 30.20
N GLN C 179 17.06 -26.41 30.04
CA GLN C 179 16.75 -27.24 31.22
C GLN C 179 18.04 -27.55 31.98
N ALA C 180 19.14 -27.77 31.26
CA ALA C 180 20.46 -28.09 31.84
C ALA C 180 20.94 -26.90 32.69
N GLU C 181 20.88 -25.69 32.12
CA GLU C 181 21.22 -24.42 32.83
C GLU C 181 20.40 -24.40 34.13
N HIS C 182 19.10 -24.66 34.03
CA HIS C 182 18.19 -24.52 35.20
C HIS C 182 18.57 -25.54 36.30
N SER C 183 18.70 -26.81 35.94
CA SER C 183 18.71 -27.97 36.89
C SER C 183 20.13 -28.33 37.30
N PHE C 184 21.09 -28.21 36.37
CA PHE C 184 22.50 -28.53 36.65
C PHE C 184 23.34 -27.30 37.02
N ALA C 185 22.92 -26.05 36.74
CA ALA C 185 23.72 -24.85 37.09
C ALA C 185 22.94 -23.88 37.95
N GLY C 186 21.70 -24.18 38.33
CA GLY C 186 20.88 -23.30 39.19
C GLY C 186 20.70 -21.88 38.63
N MET C 187 20.80 -21.69 37.32
CA MET C 187 20.50 -20.37 36.68
C MET C 187 19.23 -20.52 35.83
N PRO C 188 18.08 -19.98 36.29
CA PRO C 188 16.80 -20.16 35.60
C PRO C 188 16.63 -19.18 34.44
N CYS C 189 17.42 -19.35 33.40
CA CYS C 189 17.52 -18.44 32.23
C CYS C 189 16.29 -18.57 31.32
N GLY C 190 16.08 -17.60 30.44
CA GLY C 190 15.16 -17.72 29.29
C GLY C 190 15.83 -18.44 28.15
N ILE C 191 15.25 -18.47 26.95
CA ILE C 191 15.81 -19.29 25.85
C ILE C 191 16.80 -18.50 25.03
N MET C 192 16.97 -17.19 25.23
CA MET C 192 17.71 -16.35 24.24
C MET C 192 19.08 -16.98 23.94
N ASP C 193 19.89 -17.21 24.97
CA ASP C 193 21.33 -17.54 24.83
C ASP C 193 21.45 -18.81 24.01
N GLN C 194 20.60 -19.80 24.28
CA GLN C 194 20.66 -21.13 23.65
C GLN C 194 20.13 -21.03 22.22
N PHE C 195 19.11 -20.22 22.05
CA PHE C 195 18.43 -20.05 20.76
C PHE C 195 19.41 -19.38 19.80
N ILE C 196 20.15 -18.36 20.27
CA ILE C 196 21.03 -17.61 19.34
C ILE C 196 22.24 -18.49 19.04
N SER C 197 22.71 -19.22 20.03
CA SER C 197 23.87 -20.13 19.85
C SER C 197 23.51 -21.15 18.75
N LEU C 198 22.30 -21.66 18.77
CA LEU C 198 21.82 -22.60 17.71
C LEU C 198 21.60 -21.90 16.36
N MET C 199 21.01 -20.70 16.33
CA MET C 199 20.26 -20.21 15.15
C MET C 199 21.04 -19.08 14.46
N GLY C 200 22.11 -18.59 15.05
CA GLY C 200 22.90 -17.48 14.49
C GLY C 200 23.32 -17.75 13.05
N GLN C 201 23.47 -16.69 12.25
CA GLN C 201 24.02 -16.76 10.88
C GLN C 201 25.04 -15.64 10.69
N LYS C 202 26.14 -15.93 10.03
CA LYS C 202 27.12 -14.88 9.69
C LYS C 202 26.38 -13.71 9.07
N GLY C 203 26.71 -12.50 9.48
CA GLY C 203 26.19 -11.29 8.81
C GLY C 203 24.78 -10.95 9.27
N HIS C 204 24.24 -11.62 10.29
CA HIS C 204 22.84 -11.33 10.71
C HIS C 204 22.75 -11.26 12.23
N ALA C 205 21.88 -10.39 12.72
CA ALA C 205 21.34 -10.50 14.08
C ALA C 205 20.09 -11.38 13.96
N LEU C 206 19.54 -11.80 15.09
CA LEU C 206 18.38 -12.73 15.10
C LEU C 206 17.31 -12.11 15.97
N LEU C 207 16.21 -11.68 15.36
CA LEU C 207 15.05 -11.20 16.12
C LEU C 207 14.31 -12.44 16.59
N ILE C 208 14.15 -12.58 17.89
CA ILE C 208 13.47 -13.79 18.43
C ILE C 208 12.20 -13.33 19.10
N ASP C 209 11.08 -13.89 18.66
CA ASP C 209 9.80 -13.70 19.38
C ASP C 209 9.75 -14.85 20.40
N CYS C 210 9.91 -14.51 21.67
CA CYS C 210 9.96 -15.45 22.83
C CYS C 210 8.56 -15.83 23.28
N ARG C 211 7.52 -15.30 22.65
CA ARG C 211 6.16 -15.87 22.76
C ARG C 211 5.94 -16.92 21.67
N SER C 212 6.00 -16.54 20.40
CA SER C 212 5.59 -17.44 19.29
C SER C 212 6.72 -18.41 18.97
N LEU C 213 7.96 -17.97 19.24
CA LEU C 213 9.23 -18.64 18.88
C LEU C 213 9.54 -18.48 17.39
N GLU C 214 8.89 -17.53 16.72
CA GLU C 214 9.28 -17.04 15.38
C GLU C 214 10.65 -16.33 15.48
N THR C 215 11.48 -16.56 14.46
CA THR C 215 12.84 -15.99 14.36
C THR C 215 12.95 -15.29 13.02
N SER C 216 13.68 -14.21 13.00
CA SER C 216 13.90 -13.49 11.75
C SER C 216 15.36 -13.06 11.66
N LEU C 217 16.04 -13.42 10.58
CA LEU C 217 17.44 -13.00 10.33
C LEU C 217 17.41 -11.55 9.80
N VAL C 218 18.07 -10.63 10.50
CA VAL C 218 18.16 -9.18 10.17
C VAL C 218 19.61 -8.86 9.78
N PRO C 219 19.91 -8.40 8.55
CA PRO C 219 21.30 -8.09 8.16
C PRO C 219 22.08 -7.11 9.06
N LEU C 220 23.37 -7.37 9.21
CA LEU C 220 24.27 -6.54 10.05
C LEU C 220 25.74 -6.86 9.66
N SER C 221 26.18 -6.34 8.50
CA SER C 221 27.55 -6.54 7.93
C SER C 221 27.90 -5.41 6.96
N ASP C 222 27.70 -4.20 7.43
CA ASP C 222 28.09 -2.93 6.77
C ASP C 222 29.51 -2.64 7.24
N PRO C 223 30.52 -2.61 6.34
CA PRO C 223 31.88 -2.32 6.76
C PRO C 223 32.10 -0.98 7.50
N LYS C 224 31.21 0.01 7.36
CA LYS C 224 31.35 1.34 8.04
C LYS C 224 30.76 1.24 9.46
N LEU C 225 30.20 0.09 9.83
CA LEU C 225 29.56 -0.16 11.13
C LEU C 225 30.37 -1.21 11.90
N ALA C 226 30.53 -1.07 13.22
CA ALA C 226 31.14 -2.10 14.10
C ALA C 226 30.32 -2.31 15.37
N VAL C 227 30.36 -3.52 15.92
CA VAL C 227 29.86 -3.81 17.28
C VAL C 227 31.07 -4.02 18.19
N LEU C 228 31.22 -3.13 19.18
CA LEU C 228 32.31 -3.13 20.18
C LEU C 228 31.74 -3.68 21.48
N ILE C 229 32.28 -4.81 21.92
CA ILE C 229 31.89 -5.45 23.21
C ILE C 229 32.92 -5.03 24.26
N THR C 230 32.50 -4.52 25.40
CA THR C 230 33.41 -4.14 26.48
C THR C 230 33.09 -5.00 27.69
N ASN C 231 34.06 -5.74 28.18
CA ASN C 231 33.94 -6.52 29.43
C ASN C 231 34.44 -5.64 30.58
N SER C 232 33.56 -5.41 31.56
CA SER C 232 33.87 -4.77 32.86
C SER C 232 34.87 -5.62 33.65
N ASN C 233 35.00 -6.92 33.34
CA ASN C 233 35.83 -7.89 34.12
C ASN C 233 35.41 -7.78 35.59
N VAL C 234 34.11 -7.57 35.81
CA VAL C 234 33.48 -7.52 37.17
C VAL C 234 32.23 -8.39 37.09
N ARG C 235 31.92 -9.11 38.16
CA ARG C 235 30.64 -9.85 38.29
C ARG C 235 30.23 -9.82 39.76
N HIS C 236 29.26 -8.97 40.12
CA HIS C 236 28.67 -8.93 41.47
C HIS C 236 27.84 -10.23 41.66
N SER C 237 27.72 -10.71 42.89
CA SER C 237 27.01 -11.97 43.25
C SER C 237 25.52 -11.81 42.89
N LEU C 238 25.01 -10.57 42.90
CA LEU C 238 23.65 -10.25 42.40
C LEU C 238 23.41 -10.81 40.99
N ALA C 239 24.40 -10.87 40.11
CA ALA C 239 24.22 -11.49 38.77
C ALA C 239 23.50 -12.82 38.97
N SER C 240 23.90 -13.56 40.00
CA SER C 240 23.33 -14.91 40.31
C SER C 240 22.02 -14.74 41.08
N SER C 241 22.08 -14.12 42.26
CA SER C 241 20.98 -14.14 43.26
C SER C 241 19.77 -13.33 42.79
N GLU C 242 19.96 -12.25 42.03
CA GLU C 242 18.88 -11.26 41.75
C GLU C 242 18.17 -11.62 40.45
N TYR C 243 18.78 -12.41 39.57
CA TYR C 243 18.13 -12.84 38.30
C TYR C 243 16.80 -13.52 38.62
N PRO C 244 16.73 -14.56 39.48
CA PRO C 244 15.47 -15.22 39.78
C PRO C 244 14.47 -14.31 40.51
N VAL C 245 14.93 -13.40 41.37
CA VAL C 245 14.09 -12.33 41.98
C VAL C 245 13.36 -11.54 40.85
N ARG C 246 14.06 -11.08 39.81
CA ARG C 246 13.41 -10.33 38.68
C ARG C 246 12.31 -11.19 38.02
N ARG C 247 12.57 -12.48 37.82
CA ARG C 247 11.59 -13.40 37.20
C ARG C 247 10.32 -13.48 38.05
N ARG C 248 10.46 -13.60 39.37
CA ARG C 248 9.29 -13.70 40.31
C ARG C 248 8.56 -12.35 40.34
N GLN C 249 9.29 -11.24 40.42
CA GLN C 249 8.69 -9.89 40.46
C GLN C 249 7.86 -9.71 39.18
N CYS C 250 8.41 -10.06 38.00
CA CYS C 250 7.69 -9.94 36.70
C CYS C 250 6.43 -10.83 36.73
N GLU C 251 6.61 -12.08 37.19
CA GLU C 251 5.52 -13.08 37.34
C GLU C 251 4.41 -12.55 38.27
N GLU C 252 4.73 -11.86 39.38
CA GLU C 252 3.68 -11.32 40.28
C GLU C 252 2.92 -10.18 39.60
N VAL C 253 3.57 -9.36 38.78
CA VAL C 253 2.86 -8.26 38.04
C VAL C 253 1.93 -8.86 37.00
N ALA C 254 2.39 -9.78 36.14
CA ALA C 254 1.51 -10.56 35.24
C ALA C 254 0.24 -11.04 36.00
N ARG C 255 0.42 -11.74 37.12
CA ARG C 255 -0.69 -12.39 37.87
C ARG C 255 -1.64 -11.32 38.37
N ALA C 256 -1.12 -10.22 38.95
CA ALA C 256 -1.94 -9.11 39.49
C ALA C 256 -2.81 -8.50 38.37
N LEU C 257 -2.34 -8.39 37.12
CA LEU C 257 -3.14 -7.76 36.03
C LEU C 257 -3.93 -8.82 35.27
N GLY C 258 -3.89 -10.08 35.65
CA GLY C 258 -4.60 -11.18 34.96
C GLY C 258 -4.08 -11.39 33.54
N ALA C 259 -2.77 -11.23 33.33
CA ALA C 259 -2.14 -11.39 32.00
C ALA C 259 -1.32 -12.67 32.05
N ALA C 260 -1.30 -13.42 30.94
CA ALA C 260 -0.49 -14.63 30.77
C ALA C 260 1.01 -14.29 30.84
N SER C 261 1.42 -13.13 30.36
CA SER C 261 2.81 -12.60 30.49
C SER C 261 2.77 -11.08 30.32
N LEU C 262 3.89 -10.40 30.53
CA LEU C 262 3.98 -8.93 30.34
C LEU C 262 3.98 -8.60 28.83
N ARG C 263 4.13 -9.60 27.95
CA ARG C 263 3.98 -9.38 26.48
C ARG C 263 2.58 -8.83 26.21
N GLU C 264 1.57 -9.30 26.94
CA GLU C 264 0.14 -8.96 26.77
C GLU C 264 -0.19 -7.59 27.37
N VAL C 265 0.75 -6.92 28.04
CA VAL C 265 0.52 -5.66 28.81
C VAL C 265 1.20 -4.47 28.13
N GLN C 266 0.51 -3.34 27.98
CA GLN C 266 1.10 -2.05 27.49
C GLN C 266 1.16 -1.05 28.64
N LEU C 267 2.03 -0.04 28.51
CA LEU C 267 2.32 0.98 29.55
C LEU C 267 1.00 1.57 30.05
N GLU C 268 0.04 1.75 29.14
CA GLU C 268 -1.29 2.36 29.43
C GLU C 268 -2.02 1.49 30.46
N GLU C 269 -2.06 0.18 30.20
CA GLU C 269 -2.75 -0.82 31.04
C GLU C 269 -2.04 -0.93 32.39
N LEU C 270 -0.71 -0.89 32.33
CA LEU C 270 0.14 -0.91 33.55
C LEU C 270 -0.18 0.32 34.43
N GLU C 271 -0.22 1.52 33.85
CA GLU C 271 -0.48 2.77 34.62
C GLU C 271 -1.84 2.71 35.33
N ALA C 272 -2.86 2.11 34.71
CA ALA C 272 -4.25 2.04 35.23
C ALA C 272 -4.33 1.07 36.44
N ALA C 273 -3.42 0.09 36.51
CA ALA C 273 -3.34 -0.93 37.58
C ALA C 273 -2.12 -0.66 38.46
N ARG C 274 -1.69 0.60 38.54
CA ARG C 274 -0.60 1.08 39.44
C ARG C 274 -0.86 0.65 40.89
N ASP C 275 -2.11 0.78 41.36
CA ASP C 275 -2.50 0.50 42.77
C ASP C 275 -2.63 -1.02 42.95
N LEU C 276 -2.48 -1.83 41.89
CA LEU C 276 -2.61 -3.32 41.97
C LEU C 276 -1.24 -3.98 42.16
N VAL C 277 -0.14 -3.22 42.20
CA VAL C 277 1.26 -3.73 42.28
C VAL C 277 2.13 -2.78 43.12
N SER C 278 3.24 -3.32 43.64
CA SER C 278 4.25 -2.59 44.44
C SER C 278 4.94 -1.53 43.58
N LYS C 279 5.56 -0.54 44.21
CA LYS C 279 6.31 0.52 43.49
C LYS C 279 7.37 -0.17 42.59
N GLU C 280 8.13 -1.13 43.11
CA GLU C 280 9.24 -1.77 42.37
C GLU C 280 8.66 -2.74 41.34
N GLY C 281 7.58 -3.47 41.67
CA GLY C 281 6.78 -4.21 40.67
C GLY C 281 6.48 -3.36 39.45
N PHE C 282 5.90 -2.19 39.67
CA PHE C 282 5.58 -1.21 38.61
C PHE C 282 6.84 -0.85 37.82
N ARG C 283 7.96 -0.55 38.50
CA ARG C 283 9.24 -0.20 37.83
C ARG C 283 9.67 -1.36 36.93
N ARG C 284 9.54 -2.61 37.39
CA ARG C 284 10.07 -3.75 36.63
C ARG C 284 9.23 -3.93 35.38
N ALA C 285 7.91 -3.82 35.50
CA ALA C 285 6.98 -4.03 34.38
C ALA C 285 7.14 -2.89 33.38
N ARG C 286 7.37 -1.66 33.84
CA ARG C 286 7.57 -0.51 32.95
C ARG C 286 8.77 -0.76 32.04
N HIS C 287 9.88 -1.25 32.59
CA HIS C 287 11.09 -1.63 31.81
C HIS C 287 10.70 -2.64 30.73
N VAL C 288 10.01 -3.70 31.11
CA VAL C 288 9.80 -4.87 30.21
C VAL C 288 8.94 -4.42 29.01
N VAL C 289 7.81 -3.81 29.33
CA VAL C 289 6.81 -3.31 28.34
C VAL C 289 7.53 -2.33 27.40
N GLY C 290 8.25 -1.35 27.94
CA GLY C 290 9.09 -0.41 27.17
C GLY C 290 10.13 -1.16 26.36
N GLU C 291 10.77 -2.20 26.92
CA GLU C 291 11.89 -2.85 26.24
C GLU C 291 11.35 -3.64 25.06
N ILE C 292 10.16 -4.21 25.17
CA ILE C 292 9.57 -4.98 24.04
C ILE C 292 9.33 -3.99 22.87
N ARG C 293 8.82 -2.80 23.20
CA ARG C 293 8.50 -1.77 22.20
C ARG C 293 9.80 -1.37 21.49
N ARG C 294 10.82 -1.01 22.27
CA ARG C 294 12.14 -0.56 21.76
C ARG C 294 12.73 -1.63 20.85
N THR C 295 12.53 -2.92 21.15
CA THR C 295 13.18 -4.01 20.38
C THR C 295 12.52 -4.06 19.02
N ALA C 296 11.21 -3.81 18.96
CA ALA C 296 10.46 -3.86 17.68
C ALA C 296 10.88 -2.63 16.89
N GLN C 297 11.09 -1.51 17.58
CA GLN C 297 11.54 -0.26 16.92
C GLN C 297 12.99 -0.41 16.46
N ALA C 298 13.84 -1.07 17.27
CA ALA C 298 15.27 -1.30 16.93
C ALA C 298 15.36 -2.20 15.69
N ALA C 299 14.65 -3.32 15.69
CA ALA C 299 14.51 -4.22 14.52
C ALA C 299 14.17 -3.38 13.28
N ALA C 300 13.12 -2.55 13.32
CA ALA C 300 12.71 -1.74 12.15
C ALA C 300 13.86 -0.79 11.78
N ALA C 301 14.48 -0.12 12.76
CA ALA C 301 15.58 0.82 12.53
C ALA C 301 16.73 0.08 11.80
N LEU C 302 17.17 -1.07 12.32
CA LEU C 302 18.28 -1.89 11.77
C LEU C 302 18.01 -2.25 10.30
N ARG C 303 16.77 -2.60 9.97
CA ARG C 303 16.41 -3.07 8.62
C ARG C 303 16.67 -1.95 7.60
N ARG C 304 16.38 -0.69 7.96
CA ARG C 304 16.43 0.48 7.03
C ARG C 304 17.76 1.21 7.21
N GLY C 305 18.73 0.60 7.88
CA GLY C 305 20.09 1.15 8.10
C GLY C 305 20.04 2.45 8.89
N ASP C 306 19.07 2.61 9.78
CA ASP C 306 18.97 3.81 10.64
C ASP C 306 19.64 3.51 11.98
N TYR C 307 20.97 3.51 11.95
CA TYR C 307 21.88 3.23 13.08
C TYR C 307 21.76 4.31 14.16
N ARG C 308 21.54 5.56 13.76
CA ARG C 308 21.44 6.67 14.73
C ARG C 308 20.24 6.34 15.61
N ALA C 309 19.14 5.90 14.98
CA ALA C 309 17.90 5.56 15.70
C ALA C 309 18.19 4.33 16.56
N PHE C 310 18.83 3.31 15.98
CA PHE C 310 19.12 2.04 16.68
C PHE C 310 19.90 2.36 17.97
N GLY C 311 20.92 3.21 17.86
CA GLY C 311 21.77 3.65 18.98
C GLY C 311 20.99 4.37 20.08
N ARG C 312 20.09 5.30 19.72
CA ARG C 312 19.26 6.05 20.72
C ARG C 312 18.42 5.03 21.51
N LEU C 313 17.83 4.05 20.81
CA LEU C 313 17.01 2.95 21.41
C LEU C 313 17.87 2.16 22.38
N MET C 314 19.15 1.90 22.02
CA MET C 314 20.08 1.18 22.92
C MET C 314 20.26 1.98 24.20
N VAL C 315 20.34 3.32 24.09
CA VAL C 315 20.61 4.24 25.23
C VAL C 315 19.34 4.28 26.11
N GLU C 316 18.15 4.25 25.52
CA GLU C 316 16.90 4.18 26.31
C GLU C 316 16.85 2.82 27.04
N SER C 317 17.29 1.72 26.42
CA SER C 317 17.30 0.37 27.01
C SER C 317 18.22 0.36 28.24
N HIS C 318 19.39 1.00 28.16
CA HIS C 318 20.32 1.10 29.31
C HIS C 318 19.67 1.89 30.47
N ARG C 319 19.08 3.04 30.18
CA ARG C 319 18.59 3.94 31.25
C ARG C 319 17.50 3.18 31.99
N SER C 320 16.69 2.46 31.23
CA SER C 320 15.55 1.66 31.70
C SER C 320 16.07 0.53 32.60
N LEU C 321 17.10 -0.18 32.14
CA LEU C 321 17.79 -1.27 32.90
C LEU C 321 18.38 -0.70 34.17
N ARG C 322 18.87 0.56 34.12
CA ARG C 322 19.57 1.21 35.25
C ARG C 322 18.51 1.66 36.27
N ASP C 323 17.45 2.29 35.83
CA ASP C 323 16.54 3.05 36.74
C ASP C 323 15.34 2.21 37.14
N ASP C 324 14.73 1.48 36.20
CA ASP C 324 13.46 0.75 36.43
C ASP C 324 13.78 -0.71 36.78
N TYR C 325 14.60 -1.41 35.98
CA TYR C 325 14.86 -2.85 36.24
C TYR C 325 15.93 -2.96 37.35
N GLU C 326 16.72 -1.91 37.55
CA GLU C 326 17.83 -1.87 38.53
C GLU C 326 18.67 -3.13 38.46
N VAL C 327 19.25 -3.41 37.29
CA VAL C 327 20.21 -4.54 37.11
C VAL C 327 21.52 -4.02 36.51
N SER C 328 21.77 -2.71 36.46
CA SER C 328 23.12 -2.19 36.12
C SER C 328 23.97 -2.12 37.40
N CYS C 329 25.20 -1.63 37.30
CA CYS C 329 26.05 -1.30 38.46
C CYS C 329 26.92 -0.11 38.10
N PRO C 330 27.65 0.49 39.06
CA PRO C 330 28.57 1.58 38.77
C PRO C 330 29.54 1.30 37.61
N GLU C 331 30.05 0.07 37.55
CA GLU C 331 31.08 -0.30 36.54
C GLU C 331 30.45 -0.15 35.14
N LEU C 332 29.31 -0.81 34.89
CA LEU C 332 28.61 -0.80 33.59
C LEU C 332 28.20 0.64 33.25
N ASP C 333 27.67 1.36 34.22
CA ASP C 333 27.19 2.75 34.02
C ASP C 333 28.36 3.62 33.55
N GLN C 334 29.54 3.43 34.15
CA GLN C 334 30.75 4.23 33.83
C GLN C 334 31.18 3.84 32.41
N LEU C 335 31.01 2.56 32.05
CA LEU C 335 31.45 2.08 30.72
C LEU C 335 30.53 2.69 29.64
N VAL C 336 29.22 2.73 29.91
CA VAL C 336 28.23 3.27 28.93
C VAL C 336 28.45 4.79 28.78
N GLU C 337 28.58 5.55 29.89
CA GLU C 337 28.74 7.03 29.85
C GLU C 337 30.02 7.35 29.05
N ALA C 338 31.11 6.60 29.26
CA ALA C 338 32.39 6.79 28.56
C ALA C 338 32.18 6.65 27.04
N ALA C 339 31.52 5.59 26.61
CA ALA C 339 31.28 5.24 25.18
C ALA C 339 30.45 6.31 24.47
N LEU C 340 29.46 6.86 25.15
CA LEU C 340 28.50 7.85 24.58
C LEU C 340 29.20 9.20 24.39
N ALA C 341 30.35 9.40 25.03
CA ALA C 341 31.23 10.58 24.87
C ALA C 341 32.10 10.46 23.62
N VAL C 342 32.12 9.33 22.92
CA VAL C 342 33.06 9.15 21.78
C VAL C 342 32.38 9.50 20.47
N PRO C 343 32.93 10.48 19.71
CA PRO C 343 32.45 10.78 18.36
C PRO C 343 32.39 9.48 17.54
N GLY C 344 31.26 9.19 16.90
CA GLY C 344 31.08 8.03 15.99
C GLY C 344 30.34 6.89 16.66
N VAL C 345 30.14 7.00 17.98
CA VAL C 345 29.36 6.03 18.78
C VAL C 345 27.89 6.40 18.58
N TYR C 346 27.10 5.44 18.10
CA TYR C 346 25.65 5.60 17.88
C TYR C 346 24.90 5.33 19.17
N GLY C 347 25.38 4.37 19.95
CA GLY C 347 24.74 3.99 21.22
C GLY C 347 25.53 2.91 21.92
N SER C 348 25.25 2.74 23.20
CA SER C 348 25.95 1.81 24.10
C SER C 348 24.95 1.49 25.23
N ARG C 349 24.99 0.25 25.72
CA ARG C 349 24.16 -0.26 26.83
C ARG C 349 24.85 -1.50 27.44
N MET C 350 24.46 -1.84 28.66
CA MET C 350 24.71 -3.21 29.19
C MET C 350 23.97 -4.23 28.30
N THR C 351 24.54 -5.42 28.27
CA THR C 351 23.99 -6.62 27.57
C THR C 351 24.05 -7.78 28.56
N GLY C 352 23.15 -8.73 28.43
CA GLY C 352 23.11 -9.89 29.32
C GLY C 352 22.38 -9.54 30.60
N GLY C 353 22.64 -10.32 31.66
CA GLY C 353 21.85 -10.30 32.89
C GLY C 353 22.04 -9.03 33.66
N GLY C 354 23.26 -8.49 33.65
CA GLY C 354 23.60 -7.26 34.40
C GLY C 354 24.47 -7.55 35.61
N PHE C 355 24.64 -6.55 36.48
CA PHE C 355 25.44 -6.58 37.74
C PHE C 355 26.89 -6.97 37.43
N GLY C 356 27.33 -6.52 36.25
CA GLY C 356 28.67 -6.80 35.71
C GLY C 356 28.54 -7.30 34.30
N GLY C 357 29.57 -7.94 33.83
CA GLY C 357 29.62 -8.47 32.47
C GLY C 357 29.96 -7.37 31.50
N CYS C 358 29.38 -7.45 30.31
CA CYS C 358 29.77 -6.65 29.14
C CYS C 358 28.77 -5.52 28.87
N THR C 359 29.27 -4.47 28.22
CA THR C 359 28.41 -3.54 27.44
C THR C 359 28.60 -3.82 25.95
N VAL C 360 27.63 -3.36 25.16
CA VAL C 360 27.67 -3.41 23.68
C VAL C 360 27.47 -1.98 23.18
N THR C 361 28.30 -1.58 22.23
CA THR C 361 28.36 -0.25 21.58
C THR C 361 28.29 -0.47 20.07
N LEU C 362 27.38 0.23 19.42
CA LEU C 362 27.30 0.25 17.95
C LEU C 362 27.95 1.57 17.54
N LEU C 363 28.88 1.56 16.59
CA LEU C 363 29.71 2.74 16.24
C LEU C 363 30.24 2.59 14.82
N GLU C 364 30.58 3.72 14.20
CA GLU C 364 31.37 3.78 12.95
C GLU C 364 32.64 2.97 13.16
N ALA C 365 32.96 2.03 12.29
CA ALA C 365 34.17 1.19 12.41
C ALA C 365 35.39 2.10 12.59
N SER C 366 35.44 3.25 11.93
CA SER C 366 36.56 4.22 12.00
C SER C 366 36.81 4.65 13.46
N ALA C 367 35.77 4.67 14.30
CA ALA C 367 35.81 5.19 15.70
C ALA C 367 36.27 4.10 16.71
N ALA C 368 36.24 2.82 16.36
CA ALA C 368 36.57 1.73 17.29
C ALA C 368 37.86 2.03 18.05
N PRO C 369 39.01 2.28 17.40
CA PRO C 369 40.26 2.57 18.11
C PRO C 369 40.17 3.70 19.16
N HIS C 370 39.56 4.83 18.81
CA HIS C 370 39.37 5.98 19.73
C HIS C 370 38.37 5.58 20.84
N ALA C 371 37.36 4.79 20.56
CA ALA C 371 36.38 4.37 21.57
C ALA C 371 37.12 3.57 22.67
N MET C 372 38.03 2.69 22.26
CA MET C 372 38.78 1.75 23.15
C MET C 372 39.74 2.54 24.06
N ARG C 373 40.52 3.48 23.52
CA ARG C 373 41.41 4.36 24.32
C ARG C 373 40.53 5.07 25.37
N HIS C 374 39.48 5.77 24.94
CA HIS C 374 38.65 6.64 25.82
C HIS C 374 37.97 5.82 26.91
N ILE C 375 37.39 4.68 26.55
CA ILE C 375 36.60 3.84 27.50
C ILE C 375 37.54 3.37 28.61
N GLN C 376 38.69 2.81 28.23
CA GLN C 376 39.75 2.32 29.18
C GLN C 376 40.17 3.45 30.14
N GLU C 377 40.56 4.60 29.60
CA GLU C 377 41.11 5.74 30.37
C GLU C 377 40.05 6.22 31.36
N HIS C 378 38.76 6.10 31.01
CA HIS C 378 37.62 6.62 31.79
C HIS C 378 37.04 5.56 32.72
N TYR C 379 37.52 4.31 32.63
CA TYR C 379 37.10 3.16 33.47
C TYR C 379 38.12 2.91 34.60
N GLY C 380 37.69 3.14 35.85
CA GLY C 380 38.35 2.63 37.06
C GLY C 380 38.18 1.13 37.10
N GLY C 381 39.26 0.38 36.82
CA GLY C 381 39.13 -1.05 36.47
C GLY C 381 39.79 -1.37 35.14
N THR C 382 39.88 -2.64 34.78
CA THR C 382 40.56 -3.02 33.52
C THR C 382 39.54 -3.63 32.58
N ALA C 383 39.19 -2.89 31.53
CA ALA C 383 38.24 -3.30 30.48
C ALA C 383 38.99 -4.18 29.51
N THR C 384 38.30 -5.16 28.92
CA THR C 384 38.79 -5.91 27.73
C THR C 384 37.75 -5.75 26.63
N PHE C 385 38.21 -5.87 25.40
CA PHE C 385 37.50 -5.36 24.20
C PHE C 385 37.40 -6.51 23.18
N TYR C 386 36.23 -6.72 22.60
CA TYR C 386 36.05 -7.54 21.38
C TYR C 386 35.33 -6.67 20.34
N LEU C 387 35.88 -6.61 19.13
CA LEU C 387 35.23 -6.09 17.90
C LEU C 387 34.70 -7.30 17.13
N SER C 388 33.40 -7.56 17.12
CA SER C 388 32.91 -8.81 16.50
C SER C 388 31.92 -8.50 15.40
N GLN C 389 32.05 -9.21 14.29
CA GLN C 389 30.97 -9.42 13.31
C GLN C 389 29.96 -10.43 13.86
N ALA C 390 28.78 -10.43 13.25
CA ALA C 390 27.72 -11.43 13.39
C ALA C 390 28.23 -12.77 12.84
N ALA C 391 28.26 -13.80 13.71
CA ALA C 391 28.81 -15.13 13.36
C ALA C 391 27.71 -16.18 13.20
N ASP C 392 28.11 -17.29 12.57
CA ASP C 392 27.34 -18.54 12.43
C ASP C 392 26.99 -19.11 13.82
N GLY C 393 25.89 -19.86 13.88
CA GLY C 393 25.54 -20.66 15.07
C GLY C 393 26.18 -22.05 14.99
N ALA C 394 25.59 -23.01 15.67
CA ALA C 394 26.22 -24.31 15.92
C ALA C 394 26.49 -25.03 14.59
N LYS C 395 27.65 -25.65 14.46
CA LYS C 395 28.13 -26.23 13.19
C LYS C 395 28.83 -27.55 13.49
N VAL C 396 28.83 -28.46 12.52
CA VAL C 396 29.46 -29.79 12.63
C VAL C 396 30.54 -29.91 11.55
N LEU C 397 31.72 -30.44 11.87
CA LEU C 397 32.76 -30.82 10.86
C LEU C 397 33.22 -32.24 11.15
N CYS C 398 33.04 -33.13 10.16
CA CYS C 398 33.44 -34.55 10.19
C CYS C 398 34.95 -34.63 10.04
N LEU C 399 35.63 -35.21 11.01
CA LEU C 399 37.10 -35.38 10.98
C LEU C 399 37.37 -36.81 10.52
N GLN D 15 9.92 -43.08 2.63
CA GLN D 15 11.42 -43.05 2.61
C GLN D 15 11.89 -41.99 3.61
N VAL D 16 12.77 -42.31 4.59
CA VAL D 16 13.16 -41.35 5.68
C VAL D 16 14.68 -41.36 5.96
N ALA D 17 15.21 -42.54 6.29
CA ALA D 17 16.63 -42.85 6.63
C ALA D 17 16.97 -44.25 6.10
N GLU D 18 16.03 -44.85 5.35
CA GLU D 18 16.27 -45.93 4.39
C GLU D 18 17.12 -45.37 3.24
N LEU D 19 17.06 -44.05 2.99
CA LEU D 19 17.92 -43.42 1.96
C LEU D 19 19.38 -43.44 2.40
N LEU D 20 19.65 -43.18 3.68
CA LEU D 20 21.01 -43.21 4.26
C LEU D 20 21.58 -44.64 4.11
N ALA D 21 20.79 -45.66 4.47
CA ALA D 21 21.17 -47.10 4.42
C ALA D 21 21.41 -47.51 2.97
N GLU D 22 20.43 -47.31 2.07
CA GLU D 22 20.54 -47.59 0.61
C GLU D 22 21.78 -46.89 0.03
N ALA D 23 22.07 -45.65 0.42
CA ALA D 23 23.28 -44.93 -0.06
C ALA D 23 24.54 -45.63 0.49
N ARG D 24 24.60 -45.88 1.80
CA ARG D 24 25.75 -46.51 2.50
C ARG D 24 26.03 -47.90 1.88
N ARG D 25 24.99 -48.71 1.61
CA ARG D 25 25.08 -50.06 0.97
C ARG D 25 25.56 -49.93 -0.49
N ALA D 26 25.14 -48.91 -1.25
CA ALA D 26 25.64 -48.68 -2.62
C ALA D 26 27.11 -48.24 -2.57
N PHE D 27 27.50 -47.44 -1.57
CA PHE D 27 28.85 -46.85 -1.49
C PHE D 27 29.90 -47.94 -1.30
N ARG D 28 29.69 -48.84 -0.32
CA ARG D 28 30.68 -49.86 0.11
C ARG D 28 30.94 -50.80 -1.08
N GLU D 29 29.90 -51.13 -1.85
CA GLU D 29 29.94 -51.91 -3.12
C GLU D 29 30.80 -51.20 -4.19
N GLU D 30 30.63 -49.90 -4.43
CA GLU D 30 31.32 -49.19 -5.56
C GLU D 30 32.81 -48.97 -5.25
N PHE D 31 33.15 -48.61 -4.00
CA PHE D 31 34.46 -48.03 -3.60
C PHE D 31 35.18 -48.97 -2.62
N GLY D 32 34.50 -50.00 -2.10
CA GLY D 32 35.11 -51.11 -1.34
C GLY D 32 35.32 -50.78 0.13
N ALA D 33 34.76 -49.65 0.60
CA ALA D 33 35.00 -49.14 1.96
C ALA D 33 33.77 -48.37 2.45
N GLU D 34 33.67 -48.17 3.76
CA GLU D 34 32.58 -47.42 4.42
C GLU D 34 32.73 -45.97 3.96
N PRO D 35 31.63 -45.19 3.87
CA PRO D 35 31.70 -43.75 3.62
C PRO D 35 31.97 -43.03 4.98
N GLU D 36 32.79 -41.94 4.92
CA GLU D 36 33.21 -41.11 6.08
C GLU D 36 32.11 -40.11 6.48
N LEU D 37 31.16 -39.79 5.61
CA LEU D 37 30.14 -38.76 5.96
C LEU D 37 28.96 -38.78 4.99
N ALA D 38 27.80 -38.37 5.52
CA ALA D 38 26.45 -38.29 4.91
C ALA D 38 25.91 -36.86 5.02
N VAL D 39 25.31 -36.35 3.94
CA VAL D 39 24.63 -35.04 3.97
C VAL D 39 23.28 -35.24 3.31
N SER D 40 22.35 -34.33 3.56
CA SER D 40 21.03 -34.28 2.89
C SER D 40 20.57 -32.83 2.70
N ALA D 41 19.77 -32.59 1.65
CA ALA D 41 19.01 -31.35 1.45
C ALA D 41 17.61 -31.70 0.99
N PRO D 42 16.54 -31.03 1.50
CA PRO D 42 15.19 -31.44 1.19
C PRO D 42 14.76 -30.84 -0.16
N GLY D 43 13.76 -31.49 -0.74
CA GLY D 43 12.82 -30.88 -1.66
C GLY D 43 11.94 -29.83 -0.96
N ARG D 44 11.10 -29.13 -1.71
CA ARG D 44 10.27 -28.05 -1.15
C ARG D 44 8.96 -27.96 -1.90
N VAL D 45 7.94 -27.50 -1.19
CA VAL D 45 6.67 -27.05 -1.82
C VAL D 45 6.49 -25.54 -1.56
N ASN D 46 6.07 -24.79 -2.56
CA ASN D 46 5.57 -23.41 -2.38
C ASN D 46 4.12 -23.48 -1.89
N LEU D 47 3.83 -22.99 -0.69
CA LEU D 47 2.45 -22.99 -0.13
C LEU D 47 1.65 -21.87 -0.81
N ILE D 48 2.26 -20.71 -1.04
CA ILE D 48 1.62 -19.54 -1.71
C ILE D 48 2.73 -18.56 -2.09
N GLY D 49 2.54 -17.84 -3.21
CA GLY D 49 3.31 -16.63 -3.53
C GLY D 49 4.39 -16.82 -4.59
N GLU D 50 4.58 -18.04 -5.08
CA GLU D 50 5.87 -18.40 -5.75
C GLU D 50 6.03 -17.70 -7.12
N HIS D 51 4.96 -17.25 -7.79
CA HIS D 51 5.09 -16.54 -9.09
C HIS D 51 5.37 -15.05 -8.87
N THR D 52 5.64 -14.60 -7.66
CA THR D 52 5.87 -13.18 -7.33
C THR D 52 7.33 -12.95 -7.00
N ASP D 53 8.18 -13.98 -7.05
CA ASP D 53 9.62 -13.84 -6.70
C ASP D 53 10.35 -12.97 -7.74
N TYR D 54 9.95 -13.01 -9.02
CA TYR D 54 10.52 -12.18 -10.13
C TYR D 54 10.05 -10.73 -9.96
N ASN D 55 8.97 -10.51 -9.22
CA ASN D 55 8.33 -9.18 -9.07
C ASN D 55 8.55 -8.63 -7.66
N GLN D 56 9.56 -9.11 -6.94
CA GLN D 56 9.96 -8.57 -5.61
C GLN D 56 8.79 -8.80 -4.63
N GLY D 57 8.12 -9.93 -4.80
CA GLY D 57 6.96 -10.33 -4.00
C GLY D 57 7.40 -11.06 -2.75
N LEU D 58 6.55 -11.96 -2.28
CA LEU D 58 6.66 -12.70 -1.01
C LEU D 58 6.37 -14.16 -1.34
N VAL D 59 7.11 -15.09 -0.74
CA VAL D 59 6.97 -16.53 -1.01
C VAL D 59 7.00 -17.20 0.34
N LEU D 60 6.26 -18.29 0.47
CA LEU D 60 6.01 -18.96 1.74
C LEU D 60 6.28 -20.46 1.54
N PRO D 61 7.53 -20.87 1.31
CA PRO D 61 7.84 -22.28 1.06
C PRO D 61 7.96 -23.06 2.37
N MET D 62 7.90 -24.39 2.25
CA MET D 62 8.08 -25.37 3.35
C MET D 62 8.96 -26.50 2.82
N ALA D 63 10.02 -26.89 3.52
CA ALA D 63 10.84 -28.07 3.16
C ALA D 63 9.97 -29.31 3.30
N LEU D 64 10.10 -30.26 2.38
CA LEU D 64 9.34 -31.53 2.42
C LEU D 64 10.19 -32.65 3.01
N GLU D 65 9.51 -33.72 3.44
CA GLU D 65 10.07 -35.02 3.89
C GLU D 65 10.51 -35.87 2.68
N LEU D 66 10.62 -35.30 1.49
CA LEU D 66 11.40 -35.79 0.33
C LEU D 66 12.76 -35.07 0.34
N MET D 67 13.84 -35.80 0.10
CA MET D 67 15.22 -35.31 0.28
C MET D 67 16.20 -35.96 -0.70
N THR D 68 17.39 -35.36 -0.84
CA THR D 68 18.55 -35.89 -1.59
C THR D 68 19.68 -36.13 -0.57
N VAL D 69 20.37 -37.27 -0.67
CA VAL D 69 21.47 -37.71 0.24
C VAL D 69 22.76 -37.96 -0.58
N LEU D 70 23.86 -37.30 -0.21
CA LEU D 70 25.24 -37.74 -0.56
C LEU D 70 25.88 -38.40 0.67
N VAL D 71 26.30 -39.66 0.52
CA VAL D 71 27.11 -40.40 1.53
C VAL D 71 28.41 -40.73 0.81
N GLY D 72 29.57 -40.34 1.37
CA GLY D 72 30.85 -40.31 0.62
C GLY D 72 32.14 -40.15 1.47
N SER D 73 33.25 -39.81 0.75
CA SER D 73 34.62 -39.72 1.34
C SER D 73 35.55 -38.88 0.47
N PRO D 74 36.50 -38.13 1.08
CA PRO D 74 37.52 -37.40 0.34
C PRO D 74 38.51 -38.41 -0.28
N ARG D 75 39.27 -38.02 -1.30
CA ARG D 75 40.31 -38.91 -1.89
C ARG D 75 41.59 -38.10 -2.19
N LYS D 76 42.75 -38.77 -2.18
CA LYS D 76 44.09 -38.12 -2.23
C LYS D 76 44.57 -37.95 -3.69
N ASP D 77 43.77 -38.41 -4.68
CA ASP D 77 44.20 -38.54 -6.10
C ASP D 77 43.63 -37.42 -6.98
N GLY D 78 42.83 -36.51 -6.41
CA GLY D 78 42.32 -35.32 -7.14
C GLY D 78 41.34 -35.68 -8.27
N LEU D 79 40.67 -36.84 -8.14
CA LEU D 79 39.52 -37.25 -9.00
C LEU D 79 38.22 -37.02 -8.22
N VAL D 80 37.14 -36.75 -8.95
CA VAL D 80 35.72 -36.80 -8.47
C VAL D 80 35.05 -38.01 -9.12
N SER D 81 34.66 -39.02 -8.33
CA SER D 81 33.93 -40.24 -8.80
C SER D 81 32.57 -40.34 -8.10
N LEU D 82 31.49 -40.29 -8.91
CA LEU D 82 30.06 -40.31 -8.52
C LEU D 82 29.41 -41.65 -8.91
N LEU D 83 28.36 -42.06 -8.18
CA LEU D 83 27.40 -43.13 -8.55
C LEU D 83 26.01 -42.72 -8.04
N THR D 84 24.97 -42.78 -8.88
CA THR D 84 23.53 -42.62 -8.52
C THR D 84 22.85 -44.00 -8.56
N THR D 85 21.74 -44.19 -7.82
CA THR D 85 20.90 -45.41 -7.84
C THR D 85 19.54 -45.10 -8.48
N GLN D 93 24.24 -45.04 -12.99
CA GLN D 93 25.32 -44.38 -13.77
C GLN D 93 26.49 -44.02 -12.85
N ARG D 94 27.71 -44.35 -13.26
CA ARG D 94 28.99 -44.01 -12.59
C ARG D 94 29.67 -42.94 -13.43
N LEU D 95 30.45 -42.03 -12.84
CA LEU D 95 31.34 -41.12 -13.62
C LEU D 95 32.57 -40.76 -12.78
N GLN D 96 33.68 -40.48 -13.45
CA GLN D 96 34.95 -40.03 -12.83
C GLN D 96 35.47 -38.85 -13.67
N PHE D 97 35.82 -37.73 -13.05
CA PHE D 97 36.42 -36.57 -13.76
C PHE D 97 37.31 -35.75 -12.81
N PRO D 98 38.47 -35.25 -13.30
CA PRO D 98 39.40 -34.48 -12.46
C PRO D 98 38.84 -33.11 -12.03
N LEU D 99 39.38 -32.56 -10.94
CA LEU D 99 38.96 -31.24 -10.40
C LEU D 99 39.34 -30.16 -11.41
N PRO D 100 38.57 -29.05 -11.52
CA PRO D 100 38.95 -27.94 -12.41
C PRO D 100 40.24 -27.26 -11.94
N THR D 101 41.10 -26.90 -12.89
CA THR D 101 42.42 -26.25 -12.67
C THR D 101 42.26 -24.72 -12.74
N ALA D 102 43.26 -23.98 -12.27
CA ALA D 102 43.48 -22.54 -12.54
C ALA D 102 43.35 -22.28 -14.05
N GLN D 103 44.00 -23.14 -14.87
CA GLN D 103 44.15 -22.97 -16.34
C GLN D 103 43.37 -24.07 -17.09
N ARG D 104 42.17 -24.43 -16.59
CA ARG D 104 41.21 -25.38 -17.23
C ARG D 104 39.96 -25.51 -16.36
N SER D 105 38.79 -25.14 -16.89
CA SER D 105 37.48 -25.18 -16.20
C SER D 105 36.86 -26.57 -16.36
N LEU D 106 35.77 -26.82 -15.63
CA LEU D 106 34.88 -28.01 -15.75
C LEU D 106 33.84 -27.71 -16.84
N GLU D 107 33.35 -28.75 -17.51
CA GLU D 107 32.40 -28.66 -18.65
C GLU D 107 31.16 -29.50 -18.36
N PRO D 108 29.94 -29.01 -18.72
CA PRO D 108 28.73 -29.83 -18.64
C PRO D 108 28.54 -30.82 -19.80
N GLY D 109 27.45 -31.59 -19.75
CA GLY D 109 27.00 -32.56 -20.78
C GLY D 109 26.76 -33.95 -20.22
N THR D 110 27.85 -34.70 -19.94
CA THR D 110 27.92 -36.16 -19.63
C THR D 110 26.54 -36.74 -19.34
N PRO D 111 26.27 -37.18 -18.09
CA PRO D 111 24.89 -37.43 -17.65
C PRO D 111 24.30 -36.14 -17.02
N ARG D 112 23.03 -35.82 -17.29
CA ARG D 112 22.36 -34.56 -16.84
C ARG D 112 22.47 -34.48 -15.29
N TRP D 113 22.27 -35.62 -14.60
CA TRP D 113 22.52 -35.81 -13.14
C TRP D 113 23.63 -34.86 -12.70
N ALA D 114 24.84 -35.11 -13.22
CA ALA D 114 26.14 -34.65 -12.69
C ALA D 114 26.43 -33.21 -13.11
N ASN D 115 25.63 -32.63 -14.01
CA ASN D 115 25.73 -31.21 -14.42
C ASN D 115 25.64 -30.33 -13.17
N TYR D 116 24.61 -30.54 -12.37
CA TYR D 116 24.38 -29.80 -11.09
C TYR D 116 25.60 -30.00 -10.17
N VAL D 117 26.06 -31.25 -10.01
CA VAL D 117 27.16 -31.62 -9.06
C VAL D 117 28.43 -30.92 -9.54
N LYS D 118 28.72 -31.01 -10.85
CA LYS D 118 29.93 -30.43 -11.50
C LYS D 118 29.81 -28.90 -11.47
N GLY D 119 28.62 -28.34 -11.70
CA GLY D 119 28.36 -26.90 -11.56
C GLY D 119 28.84 -26.36 -10.20
N VAL D 120 28.37 -26.96 -9.11
CA VAL D 120 28.70 -26.53 -7.71
C VAL D 120 30.21 -26.66 -7.48
N ILE D 121 30.84 -27.73 -7.97
CA ILE D 121 32.32 -27.84 -7.90
C ILE D 121 32.93 -26.61 -8.59
N GLN D 122 32.51 -26.34 -9.84
CA GLN D 122 33.11 -25.31 -10.73
C GLN D 122 33.09 -23.95 -10.04
N TYR D 123 32.01 -23.63 -9.30
CA TYR D 123 31.81 -22.28 -8.69
C TYR D 123 31.95 -22.32 -7.16
N TYR D 124 32.58 -23.35 -6.59
CA TYR D 124 32.77 -23.47 -5.12
C TYR D 124 33.87 -22.51 -4.67
N PRO D 125 33.59 -21.61 -3.71
CA PRO D 125 34.55 -20.59 -3.29
C PRO D 125 35.84 -21.09 -2.61
N ALA D 126 35.73 -21.85 -1.52
CA ALA D 126 36.83 -22.10 -0.56
C ALA D 126 38.03 -22.74 -1.28
N ALA D 127 39.23 -22.23 -1.00
CA ALA D 127 40.44 -22.47 -1.82
C ALA D 127 40.68 -23.98 -1.96
N PRO D 128 41.20 -24.67 -0.91
CA PRO D 128 41.91 -25.94 -1.13
C PRO D 128 41.01 -27.17 -1.19
N LEU D 129 40.16 -27.30 -2.22
CA LEU D 129 39.11 -28.35 -2.34
C LEU D 129 39.70 -29.63 -2.91
N PRO D 130 39.65 -30.76 -2.18
CA PRO D 130 40.28 -32.00 -2.63
C PRO D 130 39.31 -32.78 -3.51
N GLY D 131 39.78 -33.85 -4.12
CA GLY D 131 38.92 -34.84 -4.80
C GLY D 131 38.04 -35.55 -3.79
N PHE D 132 37.14 -36.44 -4.30
CA PHE D 132 36.23 -37.24 -3.44
C PHE D 132 35.53 -38.33 -4.29
N SER D 133 34.98 -39.32 -3.52
CA SER D 133 34.02 -40.35 -4.01
C SER D 133 32.67 -40.07 -3.35
N ALA D 134 31.56 -40.20 -4.09
CA ALA D 134 30.20 -40.00 -3.55
C ALA D 134 29.17 -40.90 -4.25
N VAL D 135 28.17 -41.33 -3.46
CA VAL D 135 26.85 -41.87 -3.92
C VAL D 135 25.78 -40.77 -3.70
N VAL D 136 24.94 -40.53 -4.72
CA VAL D 136 23.81 -39.54 -4.70
C VAL D 136 22.48 -40.31 -4.77
N VAL D 137 21.58 -40.09 -3.81
CA VAL D 137 20.25 -40.76 -3.78
C VAL D 137 19.19 -39.71 -3.42
N SER D 138 17.93 -39.94 -3.79
CA SER D 138 16.85 -38.93 -3.71
C SER D 138 15.46 -39.55 -3.80
N SER D 139 14.53 -39.04 -3.00
CA SER D 139 13.09 -39.41 -2.91
C SER D 139 12.26 -38.29 -3.54
N VAL D 140 12.94 -37.22 -3.95
CA VAL D 140 12.30 -36.04 -4.61
C VAL D 140 12.02 -36.39 -6.06
N PRO D 141 10.74 -36.46 -6.50
CA PRO D 141 10.42 -36.87 -7.86
C PRO D 141 10.92 -35.81 -8.85
N LEU D 142 11.52 -36.23 -9.97
CA LEU D 142 11.94 -35.36 -11.10
C LEU D 142 10.67 -34.90 -11.83
N GLY D 143 10.65 -33.64 -12.27
CA GLY D 143 9.58 -33.09 -13.14
C GLY D 143 8.38 -32.57 -12.37
N GLY D 144 8.34 -32.76 -11.05
CA GLY D 144 7.12 -32.52 -10.24
C GLY D 144 7.09 -31.12 -9.68
N GLY D 145 8.14 -30.31 -9.88
CA GLY D 145 8.18 -28.92 -9.35
C GLY D 145 8.46 -28.89 -7.86
N LEU D 146 9.14 -29.92 -7.34
CA LEU D 146 9.44 -30.07 -5.89
C LEU D 146 10.93 -29.82 -5.62
N SER D 147 11.58 -29.17 -6.59
CA SER D 147 13.01 -28.77 -6.75
C SER D 147 13.94 -29.94 -6.43
N SER D 148 13.91 -30.99 -7.26
CA SER D 148 14.96 -32.05 -7.33
C SER D 148 16.34 -31.39 -7.45
N SER D 149 16.51 -30.44 -8.35
CA SER D 149 17.84 -29.87 -8.72
C SER D 149 18.40 -28.98 -7.60
N ALA D 150 17.56 -28.22 -6.90
CA ALA D 150 18.00 -27.40 -5.75
C ALA D 150 18.45 -28.32 -4.61
N SER D 151 17.71 -29.42 -4.35
CA SER D 151 18.05 -30.34 -3.25
C SER D 151 19.39 -30.98 -3.60
N LEU D 152 19.58 -31.44 -4.85
CA LEU D 152 20.85 -31.98 -5.36
C LEU D 152 21.97 -30.94 -5.19
N GLU D 153 21.83 -29.74 -5.77
CA GLU D 153 22.88 -28.69 -5.66
C GLU D 153 23.27 -28.46 -4.19
N VAL D 154 22.28 -28.18 -3.34
CA VAL D 154 22.53 -27.77 -1.92
C VAL D 154 23.21 -28.93 -1.20
N ALA D 155 22.75 -30.17 -1.42
CA ALA D 155 23.31 -31.39 -0.81
C ALA D 155 24.79 -31.53 -1.21
N THR D 156 25.11 -31.36 -2.50
CA THR D 156 26.48 -31.31 -3.05
C THR D 156 27.29 -30.20 -2.37
N TYR D 157 26.72 -28.99 -2.30
CA TYR D 157 27.38 -27.83 -1.64
C TYR D 157 27.75 -28.21 -0.20
N THR D 158 26.84 -28.90 0.50
CA THR D 158 26.95 -29.22 1.96
C THR D 158 28.07 -30.25 2.14
N PHE D 159 28.14 -31.21 1.22
CA PHE D 159 29.21 -32.25 1.15
C PHE D 159 30.56 -31.55 0.95
N LEU D 160 30.62 -30.57 0.04
CA LEU D 160 31.89 -29.85 -0.24
C LEU D 160 32.35 -29.06 1.00
N GLN D 161 31.41 -28.52 1.80
CA GLN D 161 31.74 -27.75 3.04
C GLN D 161 32.45 -28.64 4.07
N GLN D 162 32.12 -29.95 4.10
CA GLN D 162 32.83 -30.96 4.94
C GLN D 162 34.27 -31.22 4.42
N LEU D 163 34.45 -31.27 3.10
CA LEU D 163 35.76 -31.57 2.45
C LEU D 163 36.71 -30.37 2.56
N CYS D 164 36.15 -29.16 2.55
CA CYS D 164 36.91 -27.88 2.60
C CYS D 164 35.98 -26.73 2.97
N PRO D 165 35.89 -26.33 4.26
CA PRO D 165 34.95 -25.29 4.70
C PRO D 165 35.12 -23.89 4.05
N ASP D 166 34.00 -23.28 3.66
CA ASP D 166 33.88 -21.87 3.20
C ASP D 166 33.61 -20.99 4.43
N SER D 167 34.23 -19.83 4.51
CA SER D 167 34.01 -18.88 5.64
C SER D 167 32.81 -17.99 5.30
N GLY D 168 31.85 -18.50 4.53
CA GLY D 168 30.88 -17.72 3.73
C GLY D 168 29.56 -17.48 4.45
N THR D 169 28.49 -17.23 3.67
CA THR D 169 27.14 -16.77 4.12
C THR D 169 26.05 -17.56 3.35
N ILE D 170 24.81 -17.57 3.86
CA ILE D 170 23.66 -18.32 3.24
C ILE D 170 23.50 -17.82 1.79
N ALA D 171 23.28 -16.51 1.61
CA ALA D 171 23.10 -15.78 0.32
C ALA D 171 24.18 -16.21 -0.69
N ALA D 172 25.46 -16.01 -0.33
CA ALA D 172 26.64 -16.36 -1.16
C ALA D 172 26.61 -17.85 -1.58
N ARG D 173 26.16 -18.76 -0.71
CA ARG D 173 26.03 -20.22 -1.02
C ARG D 173 24.93 -20.37 -2.06
N ALA D 174 23.85 -19.61 -1.86
CA ALA D 174 22.69 -19.55 -2.78
C ALA D 174 23.15 -19.02 -4.14
N GLN D 175 24.06 -18.04 -4.18
CA GLN D 175 24.66 -17.50 -5.44
C GLN D 175 25.35 -18.63 -6.20
N VAL D 176 26.13 -19.47 -5.51
CA VAL D 176 26.96 -20.53 -6.15
C VAL D 176 26.04 -21.56 -6.80
N CYS D 177 25.02 -21.99 -6.07
CA CYS D 177 24.05 -23.03 -6.52
C CYS D 177 23.27 -22.49 -7.74
N GLN D 178 22.81 -21.22 -7.73
CA GLN D 178 22.03 -20.62 -8.85
C GLN D 178 22.96 -20.36 -10.04
N GLN D 179 24.23 -19.97 -9.81
CA GLN D 179 25.24 -19.81 -10.89
C GLN D 179 25.55 -21.18 -11.51
N ALA D 180 25.54 -22.25 -10.71
CA ALA D 180 25.71 -23.66 -11.17
C ALA D 180 24.57 -24.04 -12.12
N GLU D 181 23.33 -23.69 -11.78
CA GLU D 181 22.11 -24.04 -12.57
C GLU D 181 22.22 -23.44 -13.98
N HIS D 182 22.15 -22.10 -14.06
CA HIS D 182 22.25 -21.30 -15.30
C HIS D 182 23.39 -21.86 -16.17
N SER D 183 24.64 -21.84 -15.66
CA SER D 183 25.87 -22.16 -16.43
C SER D 183 26.11 -23.68 -16.59
N PHE D 184 25.30 -24.55 -15.97
CA PHE D 184 25.26 -26.01 -16.25
C PHE D 184 23.79 -26.45 -16.20
N ILE D 191 16.37 -17.13 -6.77
CA ILE D 191 17.15 -18.25 -6.17
C ILE D 191 16.49 -18.69 -4.85
N MET D 192 15.16 -18.49 -4.68
CA MET D 192 14.44 -18.84 -3.42
C MET D 192 14.49 -20.36 -3.19
N ASP D 193 14.81 -21.14 -4.24
CA ASP D 193 14.69 -22.62 -4.22
C ASP D 193 15.86 -23.20 -3.42
N GLN D 194 17.00 -22.50 -3.50
CA GLN D 194 18.25 -22.84 -2.76
C GLN D 194 18.10 -22.35 -1.31
N PHE D 195 17.43 -21.23 -1.06
CA PHE D 195 17.25 -20.69 0.32
C PHE D 195 16.50 -21.75 1.12
N ILE D 196 15.46 -22.35 0.55
CA ILE D 196 14.55 -23.20 1.38
C ILE D 196 15.25 -24.52 1.72
N SER D 197 15.96 -25.14 0.78
CA SER D 197 16.75 -26.37 1.03
C SER D 197 17.84 -26.08 2.06
N LEU D 198 18.54 -24.96 1.94
CA LEU D 198 19.54 -24.47 2.94
C LEU D 198 18.88 -24.18 4.31
N MET D 199 17.75 -23.50 4.36
CA MET D 199 17.32 -22.71 5.55
C MET D 199 16.05 -23.33 6.17
N GLY D 200 15.46 -24.36 5.57
CA GLY D 200 14.31 -25.07 6.16
C GLY D 200 14.60 -25.55 7.58
N GLN D 201 13.60 -25.56 8.44
CA GLN D 201 13.62 -26.17 9.79
C GLN D 201 12.35 -27.01 9.95
N LYS D 202 12.48 -28.20 10.54
CA LYS D 202 11.30 -29.03 10.93
C LYS D 202 10.29 -28.14 11.66
N GLY D 203 9.01 -28.35 11.38
CA GLY D 203 7.85 -27.65 11.99
C GLY D 203 7.82 -26.15 11.68
N HIS D 204 8.43 -25.67 10.59
CA HIS D 204 8.45 -24.24 10.24
C HIS D 204 8.17 -24.08 8.76
N ALA D 205 7.53 -22.96 8.40
CA ALA D 205 7.52 -22.43 7.02
C ALA D 205 8.47 -21.23 6.98
N LEU D 206 9.01 -20.98 5.80
CA LEU D 206 9.96 -19.88 5.57
C LEU D 206 9.20 -18.77 4.83
N LEU D 207 9.04 -17.60 5.42
CA LEU D 207 8.55 -16.39 4.69
C LEU D 207 9.77 -15.70 4.11
N ILE D 208 9.77 -15.48 2.81
CA ILE D 208 10.91 -14.81 2.12
C ILE D 208 10.35 -13.56 1.47
N ASP D 209 10.95 -12.41 1.76
CA ASP D 209 10.62 -11.12 1.11
C ASP D 209 11.65 -10.93 -0.01
N CYS D 210 11.23 -11.00 -1.26
CA CYS D 210 12.11 -10.92 -2.45
C CYS D 210 12.45 -9.44 -2.80
N ARG D 211 12.00 -8.46 -2.01
CA ARG D 211 12.43 -7.04 -2.16
C ARG D 211 13.54 -6.77 -1.13
N SER D 212 13.19 -6.59 0.14
CA SER D 212 14.12 -6.77 1.30
C SER D 212 14.32 -8.26 1.37
N LEU D 213 15.53 -8.80 1.46
CA LEU D 213 15.64 -10.28 1.46
C LEU D 213 15.51 -10.80 2.90
N GLU D 214 14.64 -10.20 3.69
CA GLU D 214 14.26 -10.65 5.04
C GLU D 214 13.60 -12.03 4.93
N THR D 215 14.01 -12.91 5.84
CA THR D 215 13.48 -14.28 6.00
C THR D 215 12.90 -14.35 7.40
N SER D 216 11.86 -15.15 7.57
CA SER D 216 11.36 -15.56 8.90
C SER D 216 11.07 -17.05 8.89
N LEU D 217 11.37 -17.67 10.02
CA LEU D 217 10.95 -19.04 10.29
C LEU D 217 9.72 -18.91 11.15
N VAL D 218 8.58 -19.29 10.57
CA VAL D 218 7.26 -19.24 11.24
C VAL D 218 6.92 -20.64 11.74
N PRO D 219 6.80 -20.83 13.07
CA PRO D 219 6.45 -22.13 13.62
C PRO D 219 5.06 -22.58 13.13
N LEU D 220 4.96 -23.87 12.79
CA LEU D 220 3.67 -24.57 12.58
C LEU D 220 3.34 -25.26 13.90
N SER D 221 2.15 -24.97 14.42
CA SER D 221 1.70 -25.18 15.81
C SER D 221 0.52 -26.18 15.90
N ASP D 222 0.31 -27.04 14.89
CA ASP D 222 -0.79 -28.05 14.92
C ASP D 222 -0.31 -29.34 14.26
N PRO D 223 0.13 -30.34 15.07
CA PRO D 223 0.75 -31.55 14.55
C PRO D 223 -0.28 -32.50 13.95
N LYS D 224 -1.57 -32.26 14.18
CA LYS D 224 -2.68 -33.03 13.56
C LYS D 224 -2.87 -32.64 12.08
N LEU D 225 -2.12 -31.68 11.53
CA LEU D 225 -2.31 -31.22 10.14
C LEU D 225 -1.16 -31.73 9.28
N ALA D 226 -1.38 -31.77 7.97
CA ALA D 226 -0.33 -32.14 7.02
C ALA D 226 -0.60 -31.54 5.64
N VAL D 227 0.39 -31.72 4.79
CA VAL D 227 0.40 -31.29 3.37
C VAL D 227 0.43 -32.53 2.51
N LEU D 228 -0.59 -32.66 1.67
CA LEU D 228 -0.73 -33.65 0.60
C LEU D 228 -0.28 -33.00 -0.70
N ILE D 229 0.78 -33.53 -1.29
CA ILE D 229 1.26 -33.12 -2.63
C ILE D 229 0.67 -34.11 -3.62
N THR D 230 -0.16 -33.68 -4.57
CA THR D 230 -0.70 -34.59 -5.61
C THR D 230 -0.03 -34.24 -6.93
N ASN D 231 0.71 -35.19 -7.51
CA ASN D 231 1.26 -35.06 -8.88
C ASN D 231 0.16 -35.45 -9.89
N SER D 232 -0.13 -34.54 -10.82
CA SER D 232 -1.05 -34.75 -11.97
C SER D 232 -0.37 -35.71 -12.94
N ASN D 233 0.95 -35.82 -12.85
CA ASN D 233 1.82 -36.58 -13.81
C ASN D 233 1.46 -36.15 -15.24
N VAL D 234 1.01 -34.91 -15.46
CA VAL D 234 0.98 -34.32 -16.84
C VAL D 234 1.88 -33.10 -16.85
N ARG D 235 2.44 -32.76 -18.01
CA ARG D 235 3.03 -31.42 -18.25
C ARG D 235 2.78 -31.01 -19.70
N HIS D 236 2.02 -29.93 -19.91
CA HIS D 236 1.38 -29.57 -21.20
C HIS D 236 2.17 -28.51 -21.97
N SER D 237 3.09 -27.83 -21.29
CA SER D 237 3.84 -26.69 -21.86
C SER D 237 5.29 -26.68 -21.36
N LEU D 238 6.09 -25.81 -21.95
CA LEU D 238 7.49 -25.49 -21.59
C LEU D 238 7.50 -24.21 -20.75
N ALA D 239 8.30 -24.14 -19.68
CA ALA D 239 8.55 -22.89 -18.90
C ALA D 239 8.93 -21.74 -19.84
N SER D 240 9.70 -22.01 -20.89
CA SER D 240 10.22 -20.99 -21.84
C SER D 240 9.06 -20.43 -22.71
N SER D 241 8.00 -21.21 -22.93
CA SER D 241 6.87 -20.80 -23.80
C SER D 241 5.86 -20.00 -22.96
N GLU D 242 6.07 -19.90 -21.63
CA GLU D 242 5.01 -19.41 -20.70
C GLU D 242 5.50 -18.27 -19.80
N TYR D 243 6.68 -18.40 -19.19
CA TYR D 243 7.14 -17.46 -18.13
C TYR D 243 7.85 -16.21 -18.69
N PRO D 244 8.71 -16.27 -19.72
CA PRO D 244 9.25 -15.04 -20.30
C PRO D 244 8.15 -14.02 -20.61
N VAL D 245 7.17 -14.38 -21.44
CA VAL D 245 6.12 -13.43 -21.91
C VAL D 245 5.37 -12.88 -20.68
N ARG D 246 5.15 -13.67 -19.64
CA ARG D 246 4.46 -13.15 -18.43
C ARG D 246 5.37 -12.19 -17.62
N ARG D 247 6.67 -12.47 -17.48
CA ARG D 247 7.59 -11.54 -16.78
C ARG D 247 7.60 -10.19 -17.55
N ARG D 248 7.41 -10.17 -18.87
CA ARG D 248 7.49 -8.89 -19.66
C ARG D 248 6.12 -8.19 -19.64
N GLN D 249 5.02 -8.94 -19.60
CA GLN D 249 3.68 -8.31 -19.44
C GLN D 249 3.63 -7.60 -18.08
N CYS D 250 4.17 -8.22 -17.04
CA CYS D 250 4.23 -7.66 -15.66
C CYS D 250 5.12 -6.40 -15.63
N GLU D 251 6.31 -6.48 -16.22
CA GLU D 251 7.32 -5.39 -16.25
C GLU D 251 6.68 -4.12 -16.86
N GLU D 252 5.87 -4.33 -17.91
CA GLU D 252 5.19 -3.31 -18.75
C GLU D 252 3.97 -2.74 -18.01
N VAL D 253 3.24 -3.57 -17.27
CA VAL D 253 2.14 -3.07 -16.43
C VAL D 253 2.73 -2.17 -15.32
N ALA D 254 3.84 -2.58 -14.72
CA ALA D 254 4.52 -1.72 -13.75
C ALA D 254 4.79 -0.40 -14.49
N ARG D 255 5.41 -0.50 -15.68
CA ARG D 255 5.86 0.67 -16.50
C ARG D 255 4.73 1.72 -16.55
N ALA D 256 3.61 1.32 -17.12
CA ALA D 256 2.40 2.14 -17.30
C ALA D 256 1.93 2.84 -15.99
N LEU D 257 2.46 2.48 -14.79
CA LEU D 257 1.96 2.95 -13.46
C LEU D 257 3.02 3.62 -12.55
N GLY D 258 4.30 3.72 -12.91
CA GLY D 258 5.39 3.83 -11.90
C GLY D 258 5.95 2.45 -11.60
N ALA D 259 6.85 1.99 -12.46
CA ALA D 259 7.33 0.61 -12.59
C ALA D 259 8.51 0.31 -11.67
N ALA D 260 8.59 0.85 -10.46
CA ALA D 260 9.65 0.26 -9.61
C ALA D 260 9.51 -1.27 -9.83
N SER D 261 8.30 -1.82 -9.62
CA SER D 261 7.95 -3.25 -9.78
C SER D 261 6.54 -3.49 -9.22
N LEU D 262 5.95 -4.63 -9.57
CA LEU D 262 4.57 -4.96 -9.18
C LEU D 262 4.43 -5.00 -7.64
N ARG D 263 5.54 -5.07 -6.89
CA ARG D 263 5.49 -4.96 -5.40
C ARG D 263 5.11 -3.55 -4.94
N GLU D 264 5.26 -2.56 -5.81
CA GLU D 264 5.05 -1.13 -5.49
C GLU D 264 3.66 -0.69 -5.94
N VAL D 265 2.94 -1.54 -6.66
CA VAL D 265 1.54 -1.30 -7.13
C VAL D 265 0.53 -1.82 -6.09
N GLN D 266 -0.33 -0.96 -5.53
CA GLN D 266 -1.49 -1.39 -4.70
C GLN D 266 -2.56 -1.96 -5.64
N LEU D 267 -3.26 -3.03 -5.23
CA LEU D 267 -4.32 -3.71 -6.01
C LEU D 267 -5.39 -2.72 -6.48
N GLU D 268 -5.77 -1.75 -5.64
CA GLU D 268 -6.89 -0.83 -5.94
C GLU D 268 -6.44 0.11 -7.07
N GLU D 269 -5.20 0.59 -7.03
CA GLU D 269 -4.71 1.45 -8.12
C GLU D 269 -4.64 0.62 -9.41
N LEU D 270 -4.32 -0.68 -9.36
CA LEU D 270 -4.27 -1.52 -10.59
C LEU D 270 -5.68 -1.68 -11.17
N GLU D 271 -6.67 -1.97 -10.33
CA GLU D 271 -8.09 -2.13 -10.74
C GLU D 271 -8.62 -0.87 -11.47
N ALA D 272 -8.01 0.31 -11.23
CA ALA D 272 -8.47 1.62 -11.77
C ALA D 272 -7.59 2.07 -12.94
N ALA D 273 -6.72 1.20 -13.49
CA ALA D 273 -5.79 1.54 -14.59
C ALA D 273 -5.98 0.57 -15.79
N ARG D 274 -7.18 -0.01 -15.91
CA ARG D 274 -7.53 -0.93 -17.02
C ARG D 274 -7.25 -0.25 -18.37
N ASP D 275 -7.51 1.06 -18.52
CA ASP D 275 -7.33 1.80 -19.79
C ASP D 275 -5.82 2.03 -20.06
N LEU D 276 -4.95 1.83 -19.06
CA LEU D 276 -3.52 2.27 -19.17
C LEU D 276 -2.60 1.08 -19.54
N VAL D 277 -3.13 -0.13 -19.77
CA VAL D 277 -2.31 -1.38 -19.99
C VAL D 277 -3.03 -2.40 -20.87
N SER D 278 -2.20 -3.37 -21.26
CA SER D 278 -2.33 -4.43 -22.30
C SER D 278 -3.36 -5.53 -22.00
N LYS D 279 -4.29 -5.38 -21.04
CA LYS D 279 -5.48 -6.27 -20.91
C LYS D 279 -5.20 -7.72 -20.47
N GLU D 280 -4.30 -8.45 -21.17
CA GLU D 280 -3.77 -9.75 -20.71
C GLU D 280 -2.77 -9.42 -19.61
N GLY D 281 -1.98 -8.37 -19.87
CA GLY D 281 -1.04 -7.80 -18.90
C GLY D 281 -1.75 -7.42 -17.62
N PHE D 282 -2.92 -6.82 -17.76
CA PHE D 282 -3.74 -6.42 -16.60
C PHE D 282 -3.91 -7.67 -15.74
N ARG D 283 -4.44 -8.74 -16.34
CA ARG D 283 -4.70 -10.03 -15.67
C ARG D 283 -3.42 -10.57 -15.04
N ARG D 284 -2.32 -10.69 -15.80
CA ARG D 284 -1.06 -11.30 -15.26
C ARG D 284 -0.65 -10.48 -14.04
N ALA D 285 -0.70 -9.14 -14.14
CA ALA D 285 -0.33 -8.20 -13.07
C ALA D 285 -1.29 -8.36 -11.88
N ARG D 286 -2.58 -8.57 -12.13
CA ARG D 286 -3.56 -8.68 -11.02
C ARG D 286 -3.20 -9.94 -10.24
N HIS D 287 -2.73 -10.99 -10.90
CA HIS D 287 -2.37 -12.23 -10.17
C HIS D 287 -1.28 -11.83 -9.20
N VAL D 288 -0.23 -11.19 -9.70
CA VAL D 288 0.99 -10.96 -8.90
C VAL D 288 0.66 -10.05 -7.72
N VAL D 289 0.04 -8.89 -7.98
CA VAL D 289 -0.28 -7.88 -6.94
C VAL D 289 -1.18 -8.53 -5.89
N GLY D 290 -2.19 -9.27 -6.33
CA GLY D 290 -3.14 -9.90 -5.41
C GLY D 290 -2.47 -11.00 -4.60
N GLU D 291 -1.54 -11.73 -5.24
CA GLU D 291 -0.77 -12.83 -4.59
C GLU D 291 0.15 -12.27 -3.50
N ILE D 292 0.79 -11.14 -3.72
CA ILE D 292 1.65 -10.49 -2.71
C ILE D 292 0.81 -10.15 -1.47
N ARG D 293 -0.34 -9.53 -1.71
CA ARG D 293 -1.32 -9.27 -0.62
C ARG D 293 -1.70 -10.59 0.06
N ARG D 294 -2.20 -11.60 -0.68
CA ARG D 294 -2.64 -12.89 -0.12
C ARG D 294 -1.51 -13.51 0.72
N THR D 295 -0.26 -13.44 0.27
CA THR D 295 0.87 -14.13 0.94
C THR D 295 1.20 -13.45 2.28
N ALA D 296 1.07 -12.12 2.35
CA ALA D 296 1.16 -11.33 3.61
C ALA D 296 0.04 -11.75 4.57
N GLN D 297 -1.17 -11.93 4.05
CA GLN D 297 -2.36 -12.41 4.80
C GLN D 297 -2.18 -13.88 5.22
N ALA D 298 -1.59 -14.72 4.34
CA ALA D 298 -1.25 -16.13 4.67
C ALA D 298 -0.29 -16.17 5.86
N ALA D 299 0.79 -15.38 5.84
CA ALA D 299 1.77 -15.32 6.95
C ALA D 299 1.07 -14.92 8.26
N ALA D 300 0.19 -13.91 8.20
CA ALA D 300 -0.50 -13.40 9.42
C ALA D 300 -1.41 -14.52 9.95
N ALA D 301 -2.08 -15.26 9.07
CA ALA D 301 -2.94 -16.42 9.44
C ALA D 301 -2.08 -17.49 10.12
N LEU D 302 -0.92 -17.81 9.60
CA LEU D 302 0.04 -18.70 10.30
C LEU D 302 0.34 -18.17 11.70
N ARG D 303 0.54 -16.86 11.87
CA ARG D 303 1.05 -16.30 13.15
C ARG D 303 -0.02 -16.41 14.23
N ARG D 304 -1.28 -16.54 13.87
CA ARG D 304 -2.33 -16.66 14.91
C ARG D 304 -2.94 -18.07 14.85
N GLY D 305 -2.27 -19.02 14.20
CA GLY D 305 -2.69 -20.44 14.10
C GLY D 305 -4.05 -20.61 13.45
N ASP D 306 -4.40 -19.74 12.49
CA ASP D 306 -5.69 -19.82 11.78
C ASP D 306 -5.46 -20.58 10.47
N TYR D 307 -5.27 -21.90 10.55
CA TYR D 307 -4.91 -22.75 9.38
C TYR D 307 -6.07 -22.81 8.38
N ARG D 308 -7.29 -22.58 8.86
CA ARG D 308 -8.52 -22.57 8.01
C ARG D 308 -8.45 -21.33 7.11
N ALA D 309 -8.05 -20.19 7.66
CA ALA D 309 -7.92 -18.93 6.90
C ALA D 309 -6.77 -19.12 5.92
N PHE D 310 -5.70 -19.81 6.30
CA PHE D 310 -4.58 -20.10 5.40
C PHE D 310 -5.12 -20.84 4.17
N GLY D 311 -5.90 -21.89 4.43
CA GLY D 311 -6.51 -22.76 3.40
C GLY D 311 -7.35 -21.97 2.41
N ARG D 312 -8.13 -21.01 2.89
CA ARG D 312 -8.97 -20.14 2.01
C ARG D 312 -8.06 -19.26 1.17
N LEU D 313 -6.97 -18.75 1.74
CA LEU D 313 -6.03 -17.93 0.93
C LEU D 313 -5.47 -18.83 -0.16
N MET D 314 -5.26 -20.11 0.16
CA MET D 314 -4.67 -21.06 -0.80
C MET D 314 -5.64 -21.19 -1.98
N VAL D 315 -6.95 -21.25 -1.70
CA VAL D 315 -7.99 -21.42 -2.76
C VAL D 315 -8.06 -20.15 -3.57
N GLU D 316 -8.04 -18.98 -2.93
CA GLU D 316 -8.00 -17.66 -3.62
C GLU D 316 -6.80 -17.67 -4.59
N SER D 317 -5.66 -18.21 -4.17
CA SER D 317 -4.42 -18.21 -4.96
C SER D 317 -4.65 -19.07 -6.20
N HIS D 318 -5.22 -20.24 -6.04
CA HIS D 318 -5.46 -21.15 -7.18
C HIS D 318 -6.35 -20.48 -8.22
N ARG D 319 -7.41 -19.78 -7.79
CA ARG D 319 -8.42 -19.19 -8.72
C ARG D 319 -7.75 -18.05 -9.51
N SER D 320 -6.95 -17.26 -8.79
CA SER D 320 -6.09 -16.23 -9.42
C SER D 320 -5.13 -16.86 -10.42
N LEU D 321 -4.46 -17.97 -10.08
CA LEU D 321 -3.52 -18.66 -11.00
C LEU D 321 -4.36 -19.20 -12.15
N ARG D 322 -5.56 -19.74 -11.87
CA ARG D 322 -6.42 -20.38 -12.92
C ARG D 322 -6.90 -19.32 -13.94
N ASP D 323 -7.39 -18.18 -13.48
CA ASP D 323 -8.20 -17.24 -14.32
C ASP D 323 -7.40 -16.00 -14.71
N ASP D 324 -6.48 -15.50 -13.89
CA ASP D 324 -5.69 -14.28 -14.17
C ASP D 324 -4.31 -14.63 -14.74
N TYR D 325 -3.51 -15.44 -14.05
CA TYR D 325 -2.16 -15.79 -14.55
C TYR D 325 -2.35 -16.80 -15.68
N GLU D 326 -3.44 -17.57 -15.59
CA GLU D 326 -3.83 -18.61 -16.56
C GLU D 326 -2.68 -19.61 -16.70
N VAL D 327 -2.23 -20.20 -15.59
CA VAL D 327 -1.11 -21.20 -15.64
C VAL D 327 -1.59 -22.56 -15.10
N SER D 328 -2.89 -22.71 -14.85
CA SER D 328 -3.49 -24.01 -14.42
C SER D 328 -3.77 -24.84 -15.66
N CYS D 329 -4.50 -25.95 -15.51
CA CYS D 329 -5.04 -26.74 -16.65
C CYS D 329 -6.19 -27.58 -16.11
N PRO D 330 -6.98 -28.26 -16.97
CA PRO D 330 -8.11 -29.08 -16.49
C PRO D 330 -7.67 -30.06 -15.38
N GLU D 331 -6.61 -30.83 -15.60
CA GLU D 331 -6.07 -31.81 -14.61
C GLU D 331 -5.86 -31.14 -13.24
N LEU D 332 -5.15 -30.01 -13.16
CA LEU D 332 -4.90 -29.34 -11.86
C LEU D 332 -6.23 -28.87 -11.26
N ASP D 333 -7.15 -28.40 -12.10
CA ASP D 333 -8.44 -27.85 -11.61
C ASP D 333 -9.30 -29.00 -11.08
N GLN D 334 -9.25 -30.17 -11.72
CA GLN D 334 -10.00 -31.37 -11.30
C GLN D 334 -9.48 -31.75 -9.91
N LEU D 335 -8.16 -31.71 -9.71
CA LEU D 335 -7.52 -32.16 -8.45
C LEU D 335 -7.83 -31.18 -7.33
N VAL D 336 -7.83 -29.87 -7.59
CA VAL D 336 -8.20 -28.89 -6.53
C VAL D 336 -9.67 -29.12 -6.14
N GLU D 337 -10.55 -29.24 -7.13
CA GLU D 337 -12.03 -29.41 -6.97
C GLU D 337 -12.31 -30.63 -6.10
N ALA D 338 -11.73 -31.76 -6.49
CA ALA D 338 -11.83 -33.06 -5.80
C ALA D 338 -11.25 -32.93 -4.37
N ALA D 339 -10.14 -32.25 -4.18
CA ALA D 339 -9.49 -32.09 -2.85
C ALA D 339 -10.42 -31.30 -1.92
N LEU D 340 -11.03 -30.23 -2.43
CA LEU D 340 -11.86 -29.31 -1.63
C LEU D 340 -13.17 -29.99 -1.23
N ALA D 341 -13.50 -31.12 -1.86
CA ALA D 341 -14.73 -31.90 -1.59
C ALA D 341 -14.58 -32.75 -0.31
N VAL D 342 -13.38 -32.93 0.22
CA VAL D 342 -13.15 -33.91 1.31
C VAL D 342 -13.15 -33.16 2.64
N PRO D 343 -14.10 -33.48 3.56
CA PRO D 343 -14.09 -32.89 4.90
C PRO D 343 -12.71 -33.04 5.58
N GLY D 344 -12.22 -31.95 6.18
CA GLY D 344 -10.91 -31.94 6.84
C GLY D 344 -9.85 -31.38 5.91
N VAL D 345 -10.21 -31.00 4.70
CA VAL D 345 -9.29 -30.30 3.75
C VAL D 345 -9.54 -28.81 3.93
N TYR D 346 -8.49 -28.05 4.26
CA TYR D 346 -8.53 -26.61 4.59
C TYR D 346 -8.39 -25.80 3.30
N GLY D 347 -7.64 -26.31 2.34
CA GLY D 347 -7.49 -25.67 1.03
C GLY D 347 -6.55 -26.42 0.12
N SER D 348 -6.55 -26.05 -1.16
CA SER D 348 -5.74 -26.71 -2.21
C SER D 348 -5.43 -25.67 -3.29
N ARG D 349 -4.27 -25.77 -3.92
CA ARG D 349 -3.95 -24.97 -5.11
C ARG D 349 -2.93 -25.74 -5.93
N MET D 350 -2.84 -25.42 -7.22
CA MET D 350 -1.64 -25.80 -8.01
C MET D 350 -0.44 -25.14 -7.33
N THR D 351 0.74 -25.71 -7.49
CA THR D 351 2.00 -25.16 -6.94
C THR D 351 3.07 -25.38 -7.99
N GLY D 352 4.00 -24.43 -8.13
CA GLY D 352 5.04 -24.53 -9.15
C GLY D 352 4.57 -23.92 -10.44
N GLY D 353 5.07 -24.43 -11.55
CA GLY D 353 5.01 -23.75 -12.85
C GLY D 353 3.69 -23.95 -13.60
N GLY D 354 2.85 -24.89 -13.17
CA GLY D 354 1.51 -25.11 -13.76
C GLY D 354 1.57 -25.88 -15.07
N PHE D 355 0.48 -25.84 -15.84
CA PHE D 355 0.32 -26.61 -17.08
C PHE D 355 0.53 -28.11 -16.80
N GLY D 356 0.33 -28.52 -15.56
CA GLY D 356 0.63 -29.88 -15.07
C GLY D 356 1.30 -29.84 -13.70
N GLY D 357 2.17 -30.79 -13.38
CA GLY D 357 2.81 -30.79 -12.05
C GLY D 357 1.82 -31.09 -10.95
N CYS D 358 2.08 -30.52 -9.76
CA CYS D 358 1.42 -30.88 -8.50
C CYS D 358 0.46 -29.79 -8.01
N THR D 359 -0.49 -30.23 -7.21
CA THR D 359 -1.29 -29.44 -6.27
C THR D 359 -0.76 -29.68 -4.88
N VAL D 360 -1.00 -28.72 -4.00
CA VAL D 360 -0.67 -28.85 -2.56
C VAL D 360 -1.96 -28.61 -1.80
N THR D 361 -2.24 -29.50 -0.85
CA THR D 361 -3.49 -29.54 -0.07
C THR D 361 -3.11 -29.49 1.41
N LEU D 362 -3.68 -28.54 2.14
CA LEU D 362 -3.54 -28.44 3.61
C LEU D 362 -4.76 -29.15 4.18
N LEU D 363 -4.53 -30.20 4.99
CA LEU D 363 -5.63 -31.06 5.46
C LEU D 363 -5.31 -31.65 6.84
N GLU D 364 -6.36 -32.01 7.57
CA GLU D 364 -6.26 -32.88 8.76
C GLU D 364 -5.62 -34.16 8.26
N ALA D 365 -4.48 -34.54 8.84
CA ALA D 365 -3.71 -35.77 8.54
C ALA D 365 -4.64 -36.98 8.62
N SER D 366 -5.69 -36.92 9.46
CA SER D 366 -6.67 -38.02 9.64
C SER D 366 -7.57 -38.13 8.40
N ALA D 367 -7.73 -37.07 7.61
CA ALA D 367 -8.61 -37.12 6.42
C ALA D 367 -7.80 -37.50 5.18
N ALA D 368 -6.49 -37.65 5.32
CA ALA D 368 -5.56 -37.93 4.20
C ALA D 368 -6.03 -39.16 3.42
N PRO D 369 -6.07 -40.37 4.04
CA PRO D 369 -6.55 -41.57 3.35
C PRO D 369 -7.81 -41.31 2.51
N HIS D 370 -8.81 -40.64 3.09
CA HIS D 370 -10.05 -40.28 2.37
C HIS D 370 -9.67 -39.43 1.15
N ALA D 371 -8.93 -38.34 1.36
CA ALA D 371 -8.60 -37.32 0.34
C ALA D 371 -7.90 -37.99 -0.85
N MET D 372 -6.98 -38.91 -0.60
CA MET D 372 -6.20 -39.66 -1.63
C MET D 372 -7.15 -40.56 -2.43
N ARG D 373 -8.05 -41.30 -1.78
CA ARG D 373 -8.97 -42.22 -2.49
C ARG D 373 -9.95 -41.37 -3.34
N HIS D 374 -10.53 -40.32 -2.76
CA HIS D 374 -11.59 -39.51 -3.42
C HIS D 374 -10.97 -38.81 -4.62
N ILE D 375 -9.79 -38.19 -4.40
CA ILE D 375 -9.08 -37.43 -5.45
C ILE D 375 -8.81 -38.41 -6.60
N GLN D 376 -8.26 -39.59 -6.29
CA GLN D 376 -7.86 -40.60 -7.32
C GLN D 376 -9.09 -41.03 -8.14
N GLU D 377 -10.23 -41.25 -7.49
CA GLU D 377 -11.47 -41.74 -8.17
C GLU D 377 -12.06 -40.63 -9.05
N HIS D 378 -11.79 -39.35 -8.76
CA HIS D 378 -12.41 -38.19 -9.46
C HIS D 378 -11.41 -37.52 -10.41
N TYR D 379 -10.24 -38.14 -10.61
CA TYR D 379 -9.17 -37.66 -11.52
C TYR D 379 -9.07 -38.64 -12.69
N GLY D 380 -9.04 -38.09 -13.91
CA GLY D 380 -9.09 -38.84 -15.19
C GLY D 380 -7.78 -39.54 -15.49
N GLY D 381 -6.70 -39.14 -14.80
CA GLY D 381 -5.35 -39.71 -14.97
C GLY D 381 -4.97 -40.55 -13.77
N THR D 382 -3.70 -40.92 -13.66
CA THR D 382 -3.14 -41.60 -12.47
C THR D 382 -2.49 -40.53 -11.60
N ALA D 383 -3.08 -40.17 -10.46
CA ALA D 383 -2.45 -39.25 -9.50
C ALA D 383 -1.45 -40.04 -8.63
N THR D 384 -0.34 -39.38 -8.28
CA THR D 384 0.68 -39.82 -7.31
C THR D 384 0.62 -38.89 -6.08
N PHE D 385 0.89 -39.43 -4.89
CA PHE D 385 0.68 -38.73 -3.59
C PHE D 385 1.97 -38.78 -2.76
N TYR D 386 2.25 -37.68 -2.05
CA TYR D 386 3.20 -37.64 -0.92
C TYR D 386 2.49 -36.91 0.22
N LEU D 387 2.68 -37.39 1.44
CA LEU D 387 2.24 -36.72 2.69
C LEU D 387 3.49 -36.24 3.40
N SER D 388 3.48 -34.98 3.82
CA SER D 388 4.64 -34.35 4.47
C SER D 388 4.17 -33.29 5.44
N GLN D 389 4.84 -33.25 6.59
CA GLN D 389 4.87 -32.05 7.44
C GLN D 389 6.13 -31.27 7.06
N ALA D 390 6.43 -30.16 7.73
CA ALA D 390 7.57 -29.26 7.45
C ALA D 390 8.88 -29.93 7.88
N ALA D 391 9.91 -30.00 7.01
CA ALA D 391 11.15 -30.75 7.18
C ALA D 391 12.30 -29.80 7.49
N ASP D 392 13.42 -30.37 7.96
CA ASP D 392 14.76 -29.74 8.07
C ASP D 392 15.28 -29.35 6.67
N GLY D 393 16.08 -28.29 6.63
CA GLY D 393 16.99 -27.95 5.53
C GLY D 393 18.23 -28.82 5.57
N ALA D 394 19.30 -28.38 4.91
CA ALA D 394 20.55 -29.15 4.74
C ALA D 394 21.07 -29.62 6.09
N LYS D 395 21.50 -30.89 6.18
CA LYS D 395 22.14 -31.42 7.40
C LYS D 395 23.18 -32.48 7.07
N VAL D 396 24.08 -32.64 8.06
CA VAL D 396 25.31 -33.46 8.02
C VAL D 396 25.20 -34.51 9.12
N LEU D 397 25.59 -35.76 8.79
CA LEU D 397 25.82 -36.83 9.80
C LEU D 397 27.15 -37.48 9.47
N CYS D 398 28.09 -37.41 10.41
CA CYS D 398 29.39 -38.09 10.33
C CYS D 398 29.21 -39.62 10.56
N LEU D 399 29.84 -40.39 9.68
CA LEU D 399 29.80 -41.87 9.72
C LEU D 399 31.16 -42.35 10.22
#